data_7NP8
#
_entry.id   7NP8
#
_cell.length_a   167.258
_cell.length_b   172.202
_cell.length_c   195.888
_cell.angle_alpha   90.000
_cell.angle_beta   90.000
_cell.angle_gamma   90.000
#
_symmetry.space_group_name_H-M   'C 2 2 21'
#
loop_
_entity.id
_entity.type
_entity.pdbx_description
1 polymer 'Coenzyme F420-dependent sulfite reductase'
2 non-polymer 'IRON/SULFUR CLUSTER'
3 non-polymer 'FLAVIN-ADENINE DINUCLEOTIDE'
4 non-polymer 'SULFITE ION'
5 non-polymer SIROHEME
6 non-polymer GLYCEROL
7 non-polymer (4S)-2-METHYL-2,4-PENTANEDIOL
8 non-polymer 'CALCIUM ION'
9 non-polymer 'CHLORIDE ION'
10 non-polymer 'FE (III) ION'
11 water water
#
_entity_poly.entity_id   1
_entity_poly.type   'polypeptide(L)'
_entity_poly.pdbx_seq_one_letter_code
;MYEWKLNEIVDSGVCARCGTCTIVCPNGILTFDERPKLIDECLRKGHGMCFEVCPRVSSAKYQIKIREKFYEKYYYAKSD
IEGQDGGVVTAFLKYLLENGKIDGAIVVGDECWKPVSLVVQNAEDLLKTAKSKYAISTLDALRKAGEMGLEKVAVVGLPC
QINGLRKLQYFPYHAKHDLELGRNGKPVKLPKIEYLIGLFCTEKFRYDNMKEVLSKHGIDIEKVEKFDIKKGKLLVYVNG
EKKEFDLKEFEICSGCKMCRDFDAEMADVSVGCVGSPDGYSTIIIRTEKGEEIKNAVELKEGVNLEEIEKLRQLKLKRFK
KEVERRRENNEYVSFYWTADYGGIGKRADGTYFIRVRAKPGGWYKPEEIKEILDIAEEYNAKIKVTDRAGYELHGISGFD
VEDIVLRLREKGLLTGSEGPLVRATLACPGGGNCSSGLVDTTELARIIEDNFKERPAPYKFKIAISGCPNGCVRPQVHDI
GIAGVKYPKVNEEKCNGCGRCAEVCKVEAIDIRGETSYTNYNVCVGCGKCIKNCPNEAREVKEEGYLVYVGGKTGREVVE
GVKMKLMSVDEIINFIDKVLVVYGKYAEKPQRERLAAVMKRVGYGKFLEEVKELMKKEIC
;
_entity_poly.pdbx_strand_id   A,B,C,D
#
# COMPACT_ATOMS: atom_id res chain seq x y z
N MET A 1 43.79 -2.06 12.14
CA MET A 1 42.65 -2.73 11.54
C MET A 1 42.94 -3.15 10.10
N TYR A 2 43.55 -4.33 9.95
CA TYR A 2 43.88 -4.97 8.67
C TYR A 2 42.56 -5.39 8.02
N GLU A 3 42.24 -4.89 6.81
CA GLU A 3 40.99 -5.27 6.15
C GLU A 3 41.06 -6.74 5.74
N TRP A 4 39.98 -7.49 6.02
CA TRP A 4 39.90 -8.92 5.69
C TRP A 4 38.46 -9.24 5.31
N LYS A 5 38.26 -9.74 4.08
CA LYS A 5 36.89 -9.95 3.55
C LYS A 5 36.09 -10.89 4.46
N LEU A 6 36.73 -11.91 5.01
CA LEU A 6 36.03 -12.89 5.86
C LEU A 6 35.57 -12.31 7.22
N ASN A 7 35.91 -11.05 7.53
CA ASN A 7 35.49 -10.43 8.80
C ASN A 7 33.98 -10.40 8.94
N GLU A 8 33.24 -10.24 7.82
CA GLU A 8 31.78 -10.22 7.89
C GLU A 8 31.23 -11.57 8.37
N ILE A 9 31.82 -12.67 7.89
CA ILE A 9 31.42 -14.02 8.31
C ILE A 9 31.76 -14.25 9.79
N VAL A 10 32.93 -13.76 10.21
CA VAL A 10 33.40 -13.94 11.59
C VAL A 10 32.65 -13.03 12.57
N ASP A 11 32.51 -11.73 12.25
CA ASP A 11 31.84 -10.76 13.13
C ASP A 11 30.35 -11.02 13.27
N SER A 12 29.70 -11.55 12.22
CA SER A 12 28.28 -11.85 12.25
C SER A 12 27.97 -13.07 13.13
N GLY A 13 28.96 -13.92 13.34
CA GLY A 13 28.79 -15.14 14.13
C GLY A 13 28.37 -16.34 13.30
N VAL A 14 28.39 -16.21 11.97
CA VAL A 14 28.03 -17.30 11.06
C VAL A 14 29.20 -18.27 10.96
N CYS A 15 30.42 -17.75 11.17
CA CYS A 15 31.67 -18.50 11.16
C CYS A 15 31.56 -19.79 11.99
N ALA A 16 31.90 -20.93 11.39
CA ALA A 16 31.83 -22.24 12.06
C ALA A 16 33.03 -22.48 12.96
N ARG A 17 34.05 -21.61 12.91
CA ARG A 17 35.26 -21.77 13.72
C ARG A 17 35.95 -23.10 13.37
N CYS A 18 36.01 -23.41 12.06
CA CYS A 18 36.61 -24.65 11.57
C CYS A 18 38.13 -24.50 11.39
N GLY A 19 38.57 -23.30 11.04
CA GLY A 19 39.98 -22.99 10.83
C GLY A 19 40.56 -23.40 9.49
N THR A 20 39.69 -23.60 8.47
CA THR A 20 40.14 -23.99 7.13
C THR A 20 40.80 -22.81 6.40
N CYS A 21 40.26 -21.61 6.57
CA CYS A 21 40.74 -20.41 5.90
C CYS A 21 42.20 -20.08 6.21
N THR A 22 42.65 -20.35 7.44
CA THR A 22 44.00 -19.98 7.87
C THR A 22 45.08 -20.96 7.38
N ILE A 23 44.75 -22.25 7.21
CA ILE A 23 45.73 -23.24 6.75
C ILE A 23 46.03 -23.15 5.24
N VAL A 24 45.16 -22.49 4.47
CA VAL A 24 45.35 -22.37 3.03
C VAL A 24 46.14 -21.11 2.62
N CYS A 25 46.35 -20.19 3.57
CA CYS A 25 47.04 -18.93 3.19
C CYS A 25 48.46 -19.23 2.72
N PRO A 26 48.84 -18.87 1.49
CA PRO A 26 50.21 -19.15 1.01
C PRO A 26 51.28 -18.23 1.57
N ASN A 27 50.88 -17.16 2.28
CA ASN A 27 51.83 -16.23 2.87
C ASN A 27 51.96 -16.42 4.39
N GLY A 28 51.15 -17.33 4.95
CA GLY A 28 51.17 -17.62 6.38
C GLY A 28 50.89 -16.42 7.26
N ILE A 29 50.06 -15.49 6.80
CA ILE A 29 49.74 -14.28 7.56
C ILE A 29 48.44 -14.42 8.36
N LEU A 30 47.87 -15.65 8.42
CA LEU A 30 46.64 -15.92 9.16
C LEU A 30 46.93 -16.88 10.30
N THR A 31 46.31 -16.63 11.46
CA THR A 31 46.48 -17.48 12.63
C THR A 31 45.09 -17.90 13.16
N PHE A 32 44.98 -19.08 13.80
CA PHE A 32 43.69 -19.55 14.31
C PHE A 32 43.85 -20.22 15.68
N ASP A 33 43.16 -19.69 16.69
CA ASP A 33 43.13 -20.31 18.01
C ASP A 33 41.69 -20.74 18.22
N GLU A 34 40.77 -19.78 18.38
CA GLU A 34 39.34 -20.05 18.48
C GLU A 34 38.60 -19.21 17.43
N ARG A 35 39.35 -18.37 16.71
CA ARG A 35 38.77 -17.54 15.61
C ARG A 35 39.89 -17.19 14.62
N PRO A 36 39.61 -16.89 13.34
CA PRO A 36 40.66 -16.47 12.41
C PRO A 36 41.22 -15.09 12.75
N LYS A 37 42.53 -14.89 12.51
CA LYS A 37 43.16 -13.61 12.84
C LYS A 37 44.32 -13.33 11.89
N LEU A 38 44.46 -12.06 11.48
CA LEU A 38 45.53 -11.62 10.56
C LEU A 38 46.71 -11.14 11.39
N ILE A 39 47.91 -11.70 11.17
CA ILE A 39 49.12 -11.29 11.90
C ILE A 39 49.94 -10.29 11.07
N ASP A 40 49.50 -10.01 9.84
CA ASP A 40 50.18 -9.08 8.95
C ASP A 40 49.17 -8.54 7.95
N GLU A 41 49.51 -7.47 7.24
CA GLU A 41 48.60 -6.87 6.27
C GLU A 41 48.49 -7.77 5.04
N CYS A 42 47.26 -8.01 4.57
CA CYS A 42 46.98 -8.78 3.37
C CYS A 42 46.85 -7.80 2.21
N LEU A 43 47.64 -7.96 1.15
CA LEU A 43 47.59 -7.05 0.00
C LEU A 43 46.25 -7.14 -0.72
N ARG A 44 45.58 -8.30 -0.62
CA ARG A 44 44.28 -8.53 -1.27
C ARG A 44 43.12 -8.15 -0.36
N LYS A 45 43.40 -7.78 0.90
CA LYS A 45 42.36 -7.46 1.89
C LYS A 45 41.43 -8.67 2.10
N GLY A 46 42.01 -9.87 2.05
CA GLY A 46 41.26 -11.11 2.24
C GLY A 46 40.52 -11.59 1.00
N HIS A 47 40.71 -10.93 -0.14
CA HIS A 47 40.06 -11.36 -1.38
C HIS A 47 40.93 -12.44 -2.00
N GLY A 48 40.85 -13.64 -1.45
CA GLY A 48 41.68 -14.74 -1.91
C GLY A 48 41.17 -16.09 -1.45
N MET A 49 42.10 -17.06 -1.43
CA MET A 49 41.82 -18.46 -1.10
C MET A 49 41.12 -18.68 0.23
N CYS A 50 41.44 -17.84 1.22
CA CYS A 50 40.83 -18.01 2.57
C CYS A 50 39.31 -17.85 2.46
N PHE A 51 38.86 -16.84 1.73
CA PHE A 51 37.43 -16.59 1.52
C PHE A 51 36.80 -17.68 0.65
N GLU A 52 37.54 -18.18 -0.36
CA GLU A 52 37.01 -19.17 -1.31
C GLU A 52 36.87 -20.59 -0.75
N VAL A 53 37.64 -20.98 0.28
CA VAL A 53 37.48 -22.31 0.88
C VAL A 53 36.46 -22.29 2.02
N CYS A 54 36.01 -21.10 2.41
CA CYS A 54 35.12 -21.01 3.59
C CYS A 54 33.81 -21.75 3.34
N PRO A 55 33.46 -22.74 4.17
CA PRO A 55 32.18 -23.46 3.98
C PRO A 55 30.96 -22.63 4.34
N ARG A 56 31.18 -21.47 4.98
CA ARG A 56 30.08 -20.59 5.36
C ARG A 56 29.88 -19.43 4.38
N VAL A 57 30.71 -19.34 3.35
CA VAL A 57 30.49 -18.38 2.27
C VAL A 57 29.62 -19.12 1.25
N SER A 58 30.04 -20.33 0.91
CA SER A 58 29.30 -21.20 0.00
C SER A 58 29.65 -22.65 0.36
N SER A 59 28.67 -23.51 0.43
CA SER A 59 28.91 -24.91 0.80
C SER A 59 29.57 -25.68 -0.35
N ALA A 60 29.24 -25.30 -1.60
CA ALA A 60 29.71 -25.97 -2.81
C ALA A 60 29.40 -27.49 -2.80
N LYS A 61 28.39 -27.93 -2.02
CA LYS A 61 28.07 -29.36 -1.87
C LYS A 61 27.59 -29.99 -3.17
N TYR A 62 26.78 -29.29 -3.96
CA TYR A 62 26.27 -29.86 -5.21
C TYR A 62 27.40 -30.30 -6.15
N GLN A 63 28.38 -29.41 -6.42
CA GLN A 63 29.48 -29.75 -7.32
C GLN A 63 30.39 -30.82 -6.74
N ILE A 64 30.55 -30.86 -5.41
CA ILE A 64 31.39 -31.87 -4.76
C ILE A 64 30.66 -33.22 -4.74
N LYS A 65 29.36 -33.23 -4.40
CA LYS A 65 28.56 -34.45 -4.31
C LYS A 65 28.40 -35.18 -5.64
N ILE A 66 28.15 -34.47 -6.74
CA ILE A 66 28.00 -35.12 -8.06
C ILE A 66 29.34 -35.78 -8.47
N ARG A 67 30.47 -35.29 -7.96
CA ARG A 67 31.78 -35.87 -8.27
C ARG A 67 32.12 -36.99 -7.29
N GLU A 68 31.87 -36.79 -5.99
CA GLU A 68 32.16 -37.81 -4.98
C GLU A 68 31.15 -38.97 -5.04
N LYS A 69 29.91 -38.69 -5.47
CA LYS A 69 28.86 -39.71 -5.57
C LYS A 69 28.79 -40.52 -4.27
N PHE A 70 28.58 -39.80 -3.16
CA PHE A 70 28.52 -40.41 -1.84
C PHE A 70 27.39 -41.41 -1.72
N TYR A 71 27.61 -42.47 -0.94
CA TYR A 71 26.59 -43.45 -0.62
C TYR A 71 26.53 -43.57 0.91
N GLU A 72 25.69 -44.45 1.45
CA GLU A 72 25.56 -44.58 2.89
C GLU A 72 25.50 -46.04 3.31
N LYS A 73 26.52 -46.51 4.04
CA LYS A 73 26.56 -47.87 4.58
C LYS A 73 26.69 -47.76 6.09
N TYR A 74 25.67 -48.22 6.82
CA TYR A 74 25.64 -48.10 8.28
C TYR A 74 26.19 -49.32 9.01
N TYR A 75 27.15 -49.09 9.91
CA TYR A 75 27.76 -50.14 10.74
C TYR A 75 28.06 -49.55 12.11
N TYR A 76 28.44 -50.40 13.06
CA TYR A 76 28.90 -49.94 14.37
C TYR A 76 29.99 -50.89 14.82
N ALA A 77 30.98 -50.41 15.59
CA ALA A 77 32.09 -51.27 15.98
C ALA A 77 32.81 -50.76 17.21
N LYS A 78 33.70 -51.61 17.74
CA LYS A 78 34.52 -51.33 18.92
C LYS A 78 35.90 -51.89 18.67
N SER A 79 36.93 -51.28 19.27
CA SER A 79 38.30 -51.75 19.12
C SER A 79 38.95 -51.94 20.50
N ASP A 80 40.17 -52.49 20.53
CA ASP A 80 40.90 -52.68 21.79
C ASP A 80 41.35 -51.32 22.35
N ILE A 81 41.56 -50.33 21.48
CA ILE A 81 41.98 -49.00 21.90
C ILE A 81 40.85 -48.29 22.67
N GLU A 82 41.20 -47.70 23.83
CA GLU A 82 40.26 -46.95 24.64
C GLU A 82 40.11 -45.56 24.03
N GLY A 83 38.88 -45.20 23.67
CA GLY A 83 38.59 -43.91 23.05
C GLY A 83 37.35 -43.26 23.63
N GLN A 84 36.76 -42.31 22.90
CA GLN A 84 35.54 -41.64 23.36
C GLN A 84 34.42 -42.65 23.48
N ASP A 85 34.27 -43.52 22.47
CA ASP A 85 33.24 -44.55 22.46
C ASP A 85 33.88 -45.91 22.20
N GLY A 86 33.94 -46.33 20.95
CA GLY A 86 34.54 -47.61 20.57
C GLY A 86 35.99 -47.52 20.17
N GLY A 87 36.53 -46.31 20.13
CA GLY A 87 37.91 -46.06 19.73
C GLY A 87 38.16 -46.43 18.27
N VAL A 88 37.12 -46.33 17.44
CA VAL A 88 37.18 -46.70 16.02
C VAL A 88 38.06 -45.75 15.21
N VAL A 89 37.93 -44.42 15.44
CA VAL A 89 38.71 -43.44 14.69
C VAL A 89 40.22 -43.68 14.89
N THR A 90 40.64 -43.91 16.13
CA THR A 90 42.06 -44.15 16.43
C THR A 90 42.52 -45.50 15.85
N ALA A 91 41.67 -46.54 15.94
CA ALA A 91 42.01 -47.84 15.38
C ALA A 91 42.19 -47.75 13.87
N PHE A 92 41.37 -46.93 13.19
CA PHE A 92 41.46 -46.75 11.74
C PHE A 92 42.73 -45.98 11.38
N LEU A 93 43.06 -44.93 12.15
CA LEU A 93 44.27 -44.15 11.89
C LEU A 93 45.51 -44.99 12.12
N LYS A 94 45.48 -45.84 13.15
CA LYS A 94 46.62 -46.73 13.48
C LYS A 94 46.84 -47.72 12.32
N TYR A 95 45.74 -48.26 11.78
CA TYR A 95 45.81 -49.18 10.64
C TYR A 95 46.40 -48.48 9.40
N LEU A 96 45.91 -47.27 9.09
CA LEU A 96 46.37 -46.50 7.93
C LEU A 96 47.87 -46.17 8.02
N LEU A 97 48.37 -45.83 9.22
CA LEU A 97 49.79 -45.52 9.41
C LEU A 97 50.63 -46.80 9.29
N GLU A 98 50.18 -47.87 9.95
CA GLU A 98 50.92 -49.16 9.96
C GLU A 98 51.01 -49.75 8.55
N ASN A 99 49.95 -49.63 7.75
CA ASN A 99 49.92 -50.23 6.42
C ASN A 99 50.37 -49.26 5.31
N GLY A 100 51.10 -48.22 5.69
CA GLY A 100 51.65 -47.24 4.76
C GLY A 100 50.63 -46.57 3.86
N LYS A 101 49.40 -46.38 4.36
CA LYS A 101 48.32 -45.77 3.59
C LYS A 101 48.37 -44.25 3.72
N ILE A 102 48.98 -43.75 4.81
CA ILE A 102 49.16 -42.31 5.03
C ILE A 102 50.53 -42.07 5.64
N ASP A 103 51.15 -40.92 5.33
CA ASP A 103 52.45 -40.53 5.86
C ASP A 103 52.29 -39.96 7.27
N GLY A 104 51.09 -39.49 7.60
CA GLY A 104 50.79 -38.92 8.91
C GLY A 104 49.30 -38.75 9.14
N ALA A 105 48.89 -38.56 10.39
CA ALA A 105 47.49 -38.37 10.76
C ALA A 105 47.30 -36.99 11.40
N ILE A 106 46.32 -36.21 10.90
CA ILE A 106 46.00 -34.89 11.45
C ILE A 106 44.94 -35.12 12.50
N VAL A 107 45.33 -35.01 13.79
CA VAL A 107 44.44 -35.30 14.91
C VAL A 107 44.45 -34.17 15.92
N VAL A 108 43.45 -34.18 16.82
CA VAL A 108 43.32 -33.18 17.88
C VAL A 108 43.72 -33.79 19.23
N GLY A 109 44.80 -33.28 19.80
CA GLY A 109 45.26 -33.65 21.13
C GLY A 109 44.77 -32.63 22.13
N ASP A 110 45.35 -32.57 23.33
CA ASP A 110 44.92 -31.57 24.31
C ASP A 110 45.93 -31.35 25.43
N GLU A 111 45.88 -30.14 26.01
CA GLU A 111 46.70 -29.75 27.16
C GLU A 111 45.70 -29.14 28.13
N CYS A 112 45.33 -29.87 29.19
CA CYS A 112 44.34 -29.43 30.17
C CYS A 112 42.98 -29.26 29.50
N TRP A 113 42.70 -30.11 28.49
CA TRP A 113 41.47 -30.07 27.71
C TRP A 113 41.41 -28.91 26.72
N LYS A 114 42.52 -28.17 26.57
CA LYS A 114 42.57 -27.11 25.54
C LYS A 114 43.01 -27.82 24.26
N PRO A 115 42.21 -27.89 23.18
CA PRO A 115 42.59 -28.66 21.98
C PRO A 115 43.88 -28.20 21.32
N VAL A 116 44.64 -29.16 20.76
CA VAL A 116 45.88 -28.85 20.03
C VAL A 116 45.94 -29.75 18.79
N SER A 117 46.08 -29.13 17.61
CA SER A 117 46.16 -29.86 16.35
C SER A 117 47.55 -30.47 16.23
N LEU A 118 47.64 -31.79 15.97
CA LEU A 118 48.93 -32.48 15.90
C LEU A 118 49.10 -33.30 14.64
N VAL A 119 50.37 -33.51 14.24
CA VAL A 119 50.73 -34.38 13.13
C VAL A 119 51.27 -35.64 13.79
N VAL A 120 50.61 -36.78 13.59
CA VAL A 120 51.06 -38.02 14.21
C VAL A 120 51.55 -38.99 13.13
N GLN A 121 52.82 -39.40 13.22
CA GLN A 121 53.42 -40.35 12.28
C GLN A 121 53.70 -41.69 12.98
N ASN A 122 53.53 -41.73 14.31
CA ASN A 122 53.78 -42.93 15.11
C ASN A 122 52.45 -43.41 15.68
N ALA A 123 52.16 -44.70 15.46
CA ALA A 123 50.92 -45.32 15.91
C ALA A 123 50.77 -45.24 17.44
N GLU A 124 51.89 -45.27 18.17
CA GLU A 124 51.86 -45.21 19.63
C GLU A 124 51.42 -43.83 20.13
N ASP A 125 51.78 -42.76 19.41
CA ASP A 125 51.41 -41.39 19.79
C ASP A 125 49.93 -41.07 19.51
N LEU A 126 49.22 -41.95 18.80
CA LEU A 126 47.81 -41.74 18.46
C LEU A 126 46.89 -41.85 19.68
N LEU A 127 47.20 -42.74 20.63
CA LEU A 127 46.36 -42.97 21.81
C LEU A 127 46.11 -41.70 22.63
N LYS A 128 47.11 -40.78 22.69
CA LYS A 128 46.98 -39.53 23.44
C LYS A 128 45.91 -38.59 22.86
N THR A 129 45.47 -38.81 21.61
CA THR A 129 44.46 -37.97 20.96
C THR A 129 43.07 -38.64 20.89
N ALA A 130 42.93 -39.86 21.43
CA ALA A 130 41.70 -40.63 21.35
C ALA A 130 40.61 -40.27 22.37
N LYS A 131 40.02 -39.07 22.28
CA LYS A 131 38.92 -38.63 23.14
C LYS A 131 38.30 -37.35 22.56
N SER A 132 37.00 -37.13 22.78
CA SER A 132 36.36 -35.90 22.30
C SER A 132 36.71 -34.65 23.07
N LYS A 133 37.15 -33.61 22.35
CA LYS A 133 37.44 -32.30 22.92
C LYS A 133 36.29 -31.41 22.46
N TYR A 134 35.42 -31.01 23.40
CA TYR A 134 34.26 -30.20 23.03
C TYR A 134 34.57 -28.71 22.91
N ALA A 135 35.82 -28.31 23.16
CA ALA A 135 36.26 -26.92 22.96
C ALA A 135 36.65 -26.75 21.48
N ILE A 136 36.70 -25.50 20.99
CA ILE A 136 37.02 -25.23 19.58
C ILE A 136 38.39 -25.81 19.19
N SER A 137 38.42 -26.57 18.08
CA SER A 137 39.64 -27.17 17.55
C SER A 137 40.08 -26.43 16.29
N THR A 138 41.33 -26.67 15.86
CA THR A 138 41.89 -26.06 14.65
C THR A 138 42.34 -27.18 13.69
N LEU A 139 42.79 -26.79 12.49
CA LEU A 139 43.34 -27.73 11.50
C LEU A 139 44.81 -27.38 11.24
N ASP A 140 45.43 -26.62 12.17
CA ASP A 140 46.80 -26.11 12.08
C ASP A 140 47.87 -27.16 11.73
N ALA A 141 47.72 -28.40 12.21
CA ALA A 141 48.70 -29.45 11.96
C ALA A 141 48.78 -29.82 10.48
N LEU A 142 47.71 -29.56 9.73
CA LEU A 142 47.71 -29.84 8.29
C LEU A 142 48.75 -28.95 7.60
N ARG A 143 48.93 -27.71 8.08
CA ARG A 143 49.93 -26.81 7.54
C ARG A 143 51.35 -27.28 7.95
N LYS A 144 51.50 -27.77 9.19
CA LYS A 144 52.79 -28.29 9.66
C LYS A 144 53.19 -29.52 8.82
N ALA A 145 52.22 -30.40 8.53
CA ALA A 145 52.46 -31.60 7.71
C ALA A 145 53.00 -31.20 6.32
N GLY A 146 52.49 -30.11 5.78
CA GLY A 146 52.93 -29.59 4.49
C GLY A 146 54.35 -29.07 4.52
N GLU A 147 54.70 -28.33 5.59
CA GLU A 147 56.07 -27.82 5.75
C GLU A 147 57.04 -29.00 5.91
N MET A 148 56.56 -30.08 6.54
CA MET A 148 57.37 -31.29 6.75
C MET A 148 57.60 -32.05 5.44
N GLY A 149 56.71 -31.88 4.48
CA GLY A 149 56.81 -32.53 3.18
C GLY A 149 56.07 -33.85 3.10
N LEU A 150 55.13 -34.10 4.03
CA LEU A 150 54.34 -35.33 4.00
C LEU A 150 53.52 -35.37 2.71
N GLU A 151 53.48 -36.52 2.05
CA GLU A 151 52.79 -36.68 0.79
C GLU A 151 51.28 -36.92 0.99
N LYS A 152 50.90 -37.91 1.82
CA LYS A 152 49.50 -38.26 2.07
C LYS A 152 49.18 -38.22 3.54
N VAL A 153 48.02 -37.67 3.92
CA VAL A 153 47.60 -37.64 5.32
C VAL A 153 46.11 -37.96 5.45
N ALA A 154 45.71 -38.40 6.65
CA ALA A 154 44.31 -38.62 6.98
C ALA A 154 43.94 -37.50 7.95
N VAL A 155 42.74 -36.93 7.82
CA VAL A 155 42.33 -35.84 8.70
C VAL A 155 41.01 -36.18 9.39
N VAL A 156 40.97 -36.03 10.72
CA VAL A 156 39.74 -36.18 11.48
C VAL A 156 39.20 -34.77 11.66
N GLY A 157 37.90 -34.60 11.47
CA GLY A 157 37.32 -33.27 11.63
C GLY A 157 35.84 -33.25 11.89
N LEU A 158 35.36 -32.12 12.38
CA LEU A 158 33.93 -31.91 12.63
C LEU A 158 33.30 -31.65 11.26
N PRO A 159 31.98 -31.85 11.10
CA PRO A 159 31.37 -31.63 9.78
C PRO A 159 31.81 -30.34 9.09
N CYS A 160 31.92 -29.22 9.83
CA CYS A 160 32.33 -27.93 9.26
C CYS A 160 33.76 -28.00 8.70
N GLN A 161 34.66 -28.72 9.40
CA GLN A 161 36.04 -28.87 8.96
C GLN A 161 36.11 -29.77 7.73
N ILE A 162 35.29 -30.83 7.69
CA ILE A 162 35.26 -31.72 6.53
C ILE A 162 34.79 -30.94 5.31
N ASN A 163 33.78 -30.07 5.50
CA ASN A 163 33.22 -29.26 4.42
C ASN A 163 34.24 -28.28 3.83
N GLY A 164 35.05 -27.67 4.69
CA GLY A 164 36.09 -26.75 4.25
C GLY A 164 37.20 -27.48 3.51
N LEU A 165 37.56 -28.68 4.00
CA LEU A 165 38.61 -29.48 3.38
C LEU A 165 38.15 -30.09 2.05
N ARG A 166 36.82 -30.34 1.89
CA ARG A 166 36.30 -30.83 0.61
C ARG A 166 36.36 -29.68 -0.40
N LYS A 167 36.12 -28.45 0.07
CA LYS A 167 36.22 -27.26 -0.76
C LYS A 167 37.67 -27.03 -1.19
N LEU A 168 38.62 -27.43 -0.37
CA LEU A 168 40.05 -27.33 -0.70
C LEU A 168 40.40 -28.37 -1.78
N GLN A 169 39.88 -29.59 -1.65
CA GLN A 169 40.12 -30.67 -2.63
C GLN A 169 39.55 -30.32 -4.00
N TYR A 170 38.34 -29.74 -4.04
CA TYR A 170 37.66 -29.39 -5.28
C TYR A 170 37.74 -27.89 -5.55
N PHE A 171 38.81 -27.25 -5.09
CA PHE A 171 38.98 -25.80 -5.21
C PHE A 171 38.63 -25.19 -6.58
N PRO A 172 39.22 -25.62 -7.71
CA PRO A 172 38.91 -24.94 -8.98
C PRO A 172 37.47 -25.07 -9.48
N TYR A 173 36.74 -26.11 -9.05
CA TYR A 173 35.37 -26.33 -9.50
C TYR A 173 34.39 -25.26 -8.96
N HIS A 174 34.69 -24.66 -7.80
CA HIS A 174 33.84 -23.60 -7.25
C HIS A 174 34.57 -22.24 -7.27
N ALA A 175 35.90 -22.22 -7.10
CA ALA A 175 36.69 -20.97 -7.13
C ALA A 175 36.87 -20.45 -8.56
N LYS A 176 36.84 -21.36 -9.56
CA LYS A 176 36.99 -21.03 -10.98
C LYS A 176 38.43 -20.69 -11.39
N HIS A 177 39.40 -21.00 -10.53
CA HIS A 177 40.82 -20.77 -10.82
C HIS A 177 41.66 -21.70 -9.94
N ASP A 178 42.98 -21.71 -10.11
CA ASP A 178 43.85 -22.58 -9.33
C ASP A 178 44.21 -21.96 -7.97
N LEU A 179 44.86 -22.73 -7.10
CA LEU A 179 45.25 -22.30 -5.75
C LEU A 179 45.99 -20.96 -5.80
N GLU A 180 45.71 -20.09 -4.83
CA GLU A 180 46.31 -18.73 -4.80
C GLU A 180 47.85 -18.82 -4.65
N LEU A 181 48.57 -17.96 -5.36
CA LEU A 181 50.03 -17.92 -5.31
C LEU A 181 50.43 -16.90 -4.25
N GLY A 182 51.41 -17.25 -3.43
CA GLY A 182 51.92 -16.36 -2.39
C GLY A 182 52.91 -15.35 -2.95
N ARG A 183 53.63 -14.65 -2.07
CA ARG A 183 54.63 -13.66 -2.49
C ARG A 183 55.77 -14.31 -3.29
N ASN A 184 56.09 -15.58 -2.97
CA ASN A 184 57.14 -16.32 -3.67
C ASN A 184 56.64 -16.91 -5.00
N GLY A 185 55.39 -16.65 -5.35
CA GLY A 185 54.80 -17.13 -6.60
C GLY A 185 54.42 -18.59 -6.60
N LYS A 186 54.28 -19.18 -5.40
CA LYS A 186 53.93 -20.59 -5.28
C LYS A 186 52.71 -20.76 -4.40
N PRO A 187 51.92 -21.81 -4.63
CA PRO A 187 50.75 -22.03 -3.77
C PRO A 187 51.14 -22.59 -2.40
N VAL A 188 50.18 -22.66 -1.50
CA VAL A 188 50.41 -23.19 -0.16
C VAL A 188 50.93 -24.63 -0.21
N LYS A 189 51.81 -24.97 0.74
CA LYS A 189 52.39 -26.31 0.86
C LYS A 189 51.47 -27.13 1.75
N LEU A 190 50.72 -28.07 1.15
CA LEU A 190 49.82 -28.92 1.93
C LEU A 190 49.93 -30.34 1.44
N PRO A 191 49.80 -31.33 2.33
CA PRO A 191 49.84 -32.72 1.88
C PRO A 191 48.55 -33.09 1.17
N LYS A 192 48.54 -34.20 0.44
CA LYS A 192 47.30 -34.63 -0.20
C LYS A 192 46.42 -35.25 0.90
N ILE A 193 45.16 -34.84 1.00
CA ILE A 193 44.27 -35.39 2.02
C ILE A 193 43.68 -36.68 1.45
N GLU A 194 44.30 -37.82 1.78
CA GLU A 194 43.89 -39.12 1.29
C GLU A 194 42.59 -39.59 1.94
N TYR A 195 42.41 -39.31 3.25
CA TYR A 195 41.20 -39.71 3.96
C TYR A 195 40.61 -38.56 4.77
N LEU A 196 39.29 -38.41 4.72
CA LEU A 196 38.61 -37.40 5.52
C LEU A 196 37.66 -38.14 6.47
N ILE A 197 38.05 -38.25 7.75
CA ILE A 197 37.25 -38.93 8.77
C ILE A 197 36.41 -37.87 9.49
N GLY A 198 35.10 -37.90 9.28
CA GLY A 198 34.20 -36.95 9.91
C GLY A 198 33.61 -37.47 11.20
N LEU A 199 33.31 -36.57 12.14
CA LEU A 199 32.67 -36.94 13.41
C LEU A 199 31.23 -36.43 13.41
N PHE A 200 30.32 -37.12 14.10
CA PHE A 200 28.96 -36.60 14.24
C PHE A 200 29.13 -35.37 15.13
N CYS A 201 28.30 -34.34 15.01
CA CYS A 201 28.53 -33.14 15.81
C CYS A 201 27.26 -32.37 16.04
N THR A 202 27.02 -31.94 17.29
CA THR A 202 25.86 -31.12 17.62
C THR A 202 26.30 -29.71 17.96
N GLU A 203 27.48 -29.55 18.59
CA GLU A 203 27.98 -28.23 18.97
C GLU A 203 29.39 -28.32 19.55
N LYS A 204 30.04 -27.15 19.71
CA LYS A 204 31.34 -27.02 20.34
C LYS A 204 31.31 -25.74 21.17
N PHE A 205 32.22 -25.58 22.12
CA PHE A 205 32.23 -24.42 23.00
C PHE A 205 33.60 -23.74 23.05
N ARG A 206 33.65 -22.49 23.53
CA ARG A 206 34.92 -21.81 23.74
C ARG A 206 35.55 -22.46 24.98
N TYR A 207 36.85 -22.65 24.97
CA TYR A 207 37.55 -23.29 26.08
C TYR A 207 37.36 -22.55 27.41
N ASP A 208 37.51 -21.22 27.41
CA ASP A 208 37.38 -20.43 28.64
C ASP A 208 35.95 -20.50 29.20
N ASN A 209 34.95 -20.60 28.34
CA ASN A 209 33.57 -20.71 28.80
C ASN A 209 33.37 -22.06 29.51
N MET A 210 33.92 -23.14 28.94
CA MET A 210 33.85 -24.47 29.57
C MET A 210 34.53 -24.43 30.92
N LYS A 211 35.75 -23.90 30.96
CA LYS A 211 36.53 -23.79 32.19
C LYS A 211 35.78 -22.96 33.24
N GLU A 212 35.17 -21.82 32.83
CA GLU A 212 34.41 -20.93 33.71
C GLU A 212 33.18 -21.61 34.30
N VAL A 213 32.40 -22.29 33.45
CA VAL A 213 31.18 -22.98 33.87
C VAL A 213 31.52 -24.14 34.81
N LEU A 214 32.61 -24.84 34.50
CA LEU A 214 33.10 -25.96 35.36
C LEU A 214 33.57 -25.41 36.71
N SER A 215 34.29 -24.28 36.71
CA SER A 215 34.78 -23.62 37.92
C SER A 215 33.59 -23.20 38.82
N LYS A 216 32.48 -22.69 38.22
CA LYS A 216 31.28 -22.29 38.97
C LYS A 216 30.70 -23.48 39.73
N HIS A 217 30.85 -24.68 39.18
CA HIS A 217 30.33 -25.90 39.79
C HIS A 217 31.39 -26.63 40.62
N GLY A 218 32.46 -25.93 40.98
CA GLY A 218 33.52 -26.47 41.81
C GLY A 218 34.41 -27.49 41.13
N ILE A 219 34.39 -27.55 39.80
CA ILE A 219 35.20 -28.51 39.06
C ILE A 219 36.38 -27.83 38.37
N ASP A 220 37.58 -28.40 38.52
CA ASP A 220 38.77 -27.90 37.86
C ASP A 220 38.88 -28.70 36.58
N ILE A 221 38.77 -28.01 35.43
CA ILE A 221 38.81 -28.65 34.12
C ILE A 221 40.05 -29.55 33.95
N GLU A 222 41.20 -29.13 34.46
CA GLU A 222 42.45 -29.88 34.30
C GLU A 222 42.36 -31.26 34.95
N LYS A 223 41.51 -31.41 35.97
CA LYS A 223 41.32 -32.67 36.69
C LYS A 223 40.31 -33.62 36.02
N VAL A 224 39.58 -33.15 34.98
CA VAL A 224 38.55 -33.98 34.33
C VAL A 224 39.17 -35.16 33.56
N GLU A 225 38.64 -36.36 33.78
CA GLU A 225 39.12 -37.60 33.14
C GLU A 225 38.53 -37.77 31.74
N LYS A 226 37.25 -37.42 31.56
CA LYS A 226 36.56 -37.58 30.28
C LYS A 226 35.34 -36.69 30.19
N PHE A 227 34.92 -36.35 28.96
CA PHE A 227 33.73 -35.55 28.68
C PHE A 227 32.84 -36.37 27.75
N ASP A 228 31.54 -36.07 27.74
CA ASP A 228 30.61 -36.76 26.84
C ASP A 228 29.32 -35.97 26.69
N ILE A 229 28.68 -36.05 25.52
CA ILE A 229 27.40 -35.37 25.26
C ILE A 229 26.32 -36.43 25.10
N LYS A 230 25.37 -36.45 26.04
CA LYS A 230 24.23 -37.41 26.00
C LYS A 230 22.91 -36.67 26.27
N LYS A 231 21.90 -36.95 25.45
CA LYS A 231 20.54 -36.40 25.60
C LYS A 231 20.51 -34.96 26.12
N GLY A 232 21.11 -34.05 25.35
CA GLY A 232 21.15 -32.63 25.67
C GLY A 232 21.83 -32.28 26.99
N LYS A 233 22.77 -33.12 27.45
CA LYS A 233 23.50 -32.89 28.71
C LYS A 233 25.00 -33.15 28.51
N LEU A 234 25.87 -32.37 29.16
CA LEU A 234 27.32 -32.57 29.10
C LEU A 234 27.74 -33.37 30.33
N LEU A 235 28.25 -34.58 30.12
CA LEU A 235 28.71 -35.45 31.20
C LEU A 235 30.18 -35.16 31.47
N VAL A 236 30.54 -34.94 32.74
CA VAL A 236 31.91 -34.63 33.14
C VAL A 236 32.37 -35.68 34.14
N TYR A 237 33.38 -36.50 33.75
CA TYR A 237 33.90 -37.54 34.62
C TYR A 237 35.13 -37.01 35.36
N VAL A 238 34.99 -36.72 36.67
CA VAL A 238 36.09 -36.19 37.47
C VAL A 238 36.22 -36.95 38.80
N ASN A 239 37.47 -37.23 39.22
CA ASN A 239 37.77 -37.92 40.48
C ASN A 239 36.91 -39.18 40.71
N GLY A 240 36.74 -39.97 39.66
CA GLY A 240 35.93 -41.18 39.72
C GLY A 240 34.46 -40.92 39.97
N GLU A 241 33.97 -39.76 39.51
CA GLU A 241 32.58 -39.36 39.68
C GLU A 241 32.01 -38.86 38.36
N LYS A 242 30.69 -39.01 38.19
CA LYS A 242 30.03 -38.54 36.95
C LYS A 242 29.14 -37.33 37.29
N LYS A 243 29.40 -36.20 36.63
CA LYS A 243 28.62 -34.98 36.84
C LYS A 243 27.87 -34.62 35.57
N GLU A 244 26.53 -34.44 35.67
CA GLU A 244 25.71 -34.08 34.53
C GLU A 244 25.42 -32.58 34.55
N PHE A 245 25.64 -31.91 33.42
CA PHE A 245 25.36 -30.48 33.27
C PHE A 245 24.46 -30.29 32.06
N ASP A 246 23.58 -29.31 32.10
CA ASP A 246 22.71 -29.05 30.96
C ASP A 246 23.55 -28.31 29.92
N LEU A 247 23.36 -28.62 28.62
CA LEU A 247 24.16 -27.96 27.58
C LEU A 247 23.87 -26.46 27.52
N LYS A 248 22.65 -26.04 27.91
CA LYS A 248 22.26 -24.63 27.88
C LYS A 248 23.07 -23.80 28.88
N GLU A 249 23.65 -24.45 29.90
CA GLU A 249 24.50 -23.80 30.89
C GLU A 249 25.77 -23.27 30.23
N PHE A 250 26.24 -23.96 29.19
CA PHE A 250 27.42 -23.53 28.44
C PHE A 250 26.98 -22.63 27.29
N GLU A 251 27.89 -21.80 26.77
CA GLU A 251 27.56 -20.90 25.67
C GLU A 251 27.96 -21.50 24.33
N ILE A 252 26.97 -21.99 23.59
CA ILE A 252 27.18 -22.60 22.27
C ILE A 252 27.75 -21.58 21.29
N CYS A 253 28.71 -21.99 20.45
CA CYS A 253 29.30 -21.10 19.45
C CYS A 253 28.23 -20.70 18.46
N SER A 254 28.16 -19.40 18.14
CA SER A 254 27.14 -18.87 17.24
C SER A 254 27.07 -19.62 15.90
N GLY A 255 28.22 -20.04 15.36
CA GLY A 255 28.28 -20.76 14.10
C GLY A 255 27.61 -22.12 14.15
N CYS A 256 27.56 -22.75 15.34
CA CYS A 256 26.92 -24.05 15.51
C CYS A 256 25.42 -23.95 15.33
N LYS A 257 24.83 -22.80 15.69
CA LYS A 257 23.40 -22.58 15.51
C LYS A 257 23.07 -22.37 14.03
N MET A 258 24.07 -21.99 13.21
CA MET A 258 23.94 -21.81 11.75
C MET A 258 24.41 -23.06 11.00
N CYS A 259 24.49 -24.21 11.68
CA CYS A 259 24.97 -25.45 11.09
C CYS A 259 23.83 -26.39 10.74
N ARG A 260 23.93 -27.07 9.57
CA ARG A 260 22.93 -28.02 9.08
C ARG A 260 23.46 -29.46 9.04
N ASP A 261 24.79 -29.65 9.08
CA ASP A 261 25.43 -30.95 8.95
C ASP A 261 25.67 -31.62 10.31
N PHE A 262 24.92 -32.68 10.63
CA PHE A 262 25.09 -33.39 11.90
C PHE A 262 26.08 -34.54 11.78
N ASP A 263 25.90 -35.39 10.76
CA ASP A 263 26.69 -36.61 10.57
C ASP A 263 27.93 -36.48 9.67
N ALA A 264 28.37 -35.25 9.33
CA ALA A 264 29.51 -35.04 8.44
C ALA A 264 29.29 -35.79 7.11
N GLU A 265 28.19 -35.47 6.43
CA GLU A 265 27.76 -36.13 5.19
C GLU A 265 28.76 -36.13 4.02
N MET A 266 29.80 -35.28 4.06
CA MET A 266 30.77 -35.25 2.96
C MET A 266 32.08 -35.96 3.32
N ALA A 267 32.14 -36.65 4.47
CA ALA A 267 33.35 -37.37 4.86
C ALA A 267 33.46 -38.73 4.15
N ASP A 268 34.68 -39.25 4.02
CA ASP A 268 34.89 -40.58 3.41
C ASP A 268 34.20 -41.62 4.30
N VAL A 269 34.33 -41.43 5.62
CA VAL A 269 33.67 -42.27 6.62
C VAL A 269 33.34 -41.37 7.82
N SER A 270 32.11 -41.46 8.33
CA SER A 270 31.68 -40.65 9.46
C SER A 270 31.53 -41.53 10.70
N VAL A 271 32.11 -41.10 11.84
CA VAL A 271 32.07 -41.86 13.09
C VAL A 271 31.36 -41.05 14.17
N GLY A 272 30.42 -41.67 14.87
CA GLY A 272 29.66 -41.01 15.93
C GLY A 272 29.24 -41.94 17.06
N CYS A 273 28.42 -41.42 17.97
CA CYS A 273 27.92 -42.20 19.11
C CYS A 273 26.47 -42.63 18.91
N VAL A 274 25.63 -41.71 18.40
CA VAL A 274 24.21 -41.95 18.22
C VAL A 274 23.94 -43.10 17.28
N GLY A 275 22.96 -43.93 17.64
CA GLY A 275 22.56 -45.07 16.82
C GLY A 275 23.28 -46.37 17.13
N SER A 276 24.21 -46.37 18.10
CA SER A 276 24.96 -47.58 18.46
C SER A 276 25.00 -47.78 19.98
N PRO A 277 25.26 -49.02 20.43
CA PRO A 277 25.32 -49.27 21.89
C PRO A 277 26.50 -48.56 22.56
N ASP A 278 26.46 -48.47 23.90
CA ASP A 278 27.54 -47.84 24.66
C ASP A 278 28.82 -48.65 24.50
N GLY A 279 29.94 -47.95 24.30
CA GLY A 279 31.24 -48.58 24.12
C GLY A 279 31.51 -48.89 22.65
N TYR A 280 30.58 -48.50 21.77
CA TYR A 280 30.69 -48.72 20.33
C TYR A 280 30.58 -47.38 19.61
N SER A 281 31.09 -47.33 18.39
CA SER A 281 31.01 -46.13 17.56
C SER A 281 30.19 -46.45 16.33
N THR A 282 29.27 -45.55 15.97
CA THR A 282 28.48 -45.69 14.75
C THR A 282 29.37 -45.31 13.58
N ILE A 283 29.29 -46.05 12.48
CA ILE A 283 30.14 -45.83 11.31
C ILE A 283 29.27 -45.69 10.04
N ILE A 284 29.47 -44.59 9.29
CA ILE A 284 28.77 -44.40 8.03
C ILE A 284 29.82 -44.31 6.92
N ILE A 285 29.96 -45.37 6.11
CA ILE A 285 30.91 -45.40 5.01
C ILE A 285 30.24 -44.75 3.80
N ARG A 286 30.91 -43.77 3.17
CA ARG A 286 30.33 -43.05 2.05
C ARG A 286 31.16 -43.13 0.76
N THR A 287 32.45 -43.52 0.86
CA THR A 287 33.30 -43.62 -0.33
C THR A 287 34.20 -44.84 -0.23
N GLU A 288 34.92 -45.14 -1.33
CA GLU A 288 35.85 -46.27 -1.40
C GLU A 288 36.99 -46.09 -0.41
N LYS A 289 37.35 -44.84 -0.08
CA LYS A 289 38.42 -44.58 0.89
C LYS A 289 37.93 -44.95 2.28
N GLY A 290 36.67 -44.63 2.56
CA GLY A 290 36.02 -44.94 3.82
C GLY A 290 35.82 -46.42 4.04
N GLU A 291 35.73 -47.19 2.94
CA GLU A 291 35.56 -48.65 2.98
C GLU A 291 36.73 -49.34 3.68
N GLU A 292 37.92 -48.73 3.65
CA GLU A 292 39.12 -49.31 4.24
C GLU A 292 39.01 -49.51 5.75
N ILE A 293 37.99 -48.93 6.39
CA ILE A 293 37.78 -49.09 7.82
C ILE A 293 37.43 -50.54 8.18
N LYS A 294 36.96 -51.34 7.20
CA LYS A 294 36.62 -52.75 7.43
C LYS A 294 37.84 -53.60 7.81
N ASN A 295 39.04 -53.19 7.38
CA ASN A 295 40.29 -53.88 7.71
C ASN A 295 40.84 -53.44 9.08
N ALA A 296 40.41 -52.28 9.59
CA ALA A 296 40.86 -51.76 10.87
C ALA A 296 40.01 -52.27 12.04
N VAL A 297 38.69 -52.36 11.86
CA VAL A 297 37.79 -52.83 12.92
C VAL A 297 36.79 -53.85 12.38
N GLU A 298 36.19 -54.61 13.30
CA GLU A 298 35.18 -55.62 12.96
C GLU A 298 33.83 -54.91 12.85
N LEU A 299 33.32 -54.74 11.61
CA LEU A 299 32.06 -54.04 11.39
C LEU A 299 30.86 -54.92 11.77
N LYS A 300 29.90 -54.32 12.47
CA LYS A 300 28.68 -55.02 12.91
C LYS A 300 27.46 -54.26 12.37
N GLU A 301 26.44 -55.00 11.91
CA GLU A 301 25.21 -54.41 11.42
C GLU A 301 24.22 -54.29 12.58
N GLY A 302 23.21 -53.45 12.42
CA GLY A 302 22.20 -53.23 13.44
C GLY A 302 22.18 -51.82 14.01
N VAL A 303 22.57 -50.83 13.20
CA VAL A 303 22.58 -49.44 13.64
C VAL A 303 21.14 -48.94 13.72
N ASN A 304 20.83 -48.13 14.75
CA ASN A 304 19.48 -47.57 14.88
C ASN A 304 19.44 -46.31 13.99
N LEU A 305 18.91 -46.48 12.78
CA LEU A 305 18.83 -45.41 11.78
C LEU A 305 17.89 -44.28 12.21
N GLU A 306 16.84 -44.60 12.96
CA GLU A 306 15.87 -43.59 13.40
C GLU A 306 16.50 -42.60 14.39
N GLU A 307 17.36 -43.09 15.29
CA GLU A 307 18.02 -42.24 16.29
C GLU A 307 18.95 -41.23 15.61
N ILE A 308 19.63 -41.64 14.53
CA ILE A 308 20.53 -40.74 13.81
C ILE A 308 19.71 -39.68 13.08
N GLU A 309 18.60 -40.08 12.44
CA GLU A 309 17.73 -39.17 11.72
C GLU A 309 17.07 -38.16 12.65
N LYS A 310 16.78 -38.55 13.90
CA LYS A 310 16.15 -37.64 14.87
C LYS A 310 17.08 -36.47 15.18
N LEU A 311 18.38 -36.77 15.30
CA LEU A 311 19.44 -35.75 15.54
C LEU A 311 19.58 -34.83 14.32
N ARG A 312 19.51 -35.40 13.10
CA ARG A 312 19.63 -34.61 11.87
C ARG A 312 18.51 -33.57 11.85
N GLN A 313 17.28 -34.01 12.20
CA GLN A 313 16.11 -33.12 12.21
C GLN A 313 16.19 -32.08 13.33
N LEU A 314 16.74 -32.46 14.50
CA LEU A 314 16.88 -31.52 15.62
C LEU A 314 17.88 -30.43 15.26
N LYS A 315 18.98 -30.79 14.58
CA LYS A 315 19.99 -29.84 14.16
C LYS A 315 19.43 -28.90 13.08
N LEU A 316 18.60 -29.44 12.18
CA LEU A 316 17.99 -28.66 11.11
C LEU A 316 16.95 -27.68 11.68
N LYS A 317 16.20 -28.10 12.69
CA LYS A 317 15.20 -27.25 13.36
C LYS A 317 15.90 -26.10 14.07
N ARG A 318 17.04 -26.39 14.73
CA ARG A 318 17.83 -25.37 15.42
C ARG A 318 18.39 -24.38 14.41
N PHE A 319 18.80 -24.89 13.24
CA PHE A 319 19.33 -24.05 12.17
C PHE A 319 18.23 -23.12 11.65
N LYS A 320 17.05 -23.67 11.35
CA LYS A 320 15.91 -22.88 10.86
C LYS A 320 15.50 -21.82 11.88
N LYS A 321 15.58 -22.15 13.18
CA LYS A 321 15.23 -21.21 14.24
C LYS A 321 16.22 -20.04 14.28
N GLU A 322 17.52 -20.32 14.10
CA GLU A 322 18.55 -19.30 14.11
C GLU A 322 18.46 -18.39 12.89
N VAL A 323 18.19 -18.96 11.71
CA VAL A 323 18.07 -18.18 10.47
C VAL A 323 16.86 -17.25 10.58
N GLU A 324 15.75 -17.73 11.18
CA GLU A 324 14.55 -16.91 11.36
C GLU A 324 14.80 -15.79 12.35
N ARG A 325 15.56 -16.08 13.42
CA ARG A 325 15.89 -15.09 14.43
C ARG A 325 16.74 -13.98 13.83
N ARG A 326 17.72 -14.33 12.99
CA ARG A 326 18.57 -13.34 12.33
C ARG A 326 17.74 -12.46 11.39
N ARG A 327 16.81 -13.08 10.64
CA ARG A 327 15.94 -12.34 9.72
C ARG A 327 15.11 -11.32 10.48
N GLU A 328 14.48 -11.74 11.59
CA GLU A 328 13.64 -10.86 12.40
C GLU A 328 14.43 -9.73 13.05
N ASN A 329 15.71 -9.96 13.41
CA ASN A 329 16.53 -8.94 14.05
C ASN A 329 17.43 -8.20 13.03
N ASN A 330 17.18 -8.41 11.73
CA ASN A 330 17.96 -7.78 10.65
C ASN A 330 19.47 -8.01 10.79
N GLU A 331 19.85 -9.25 11.16
CA GLU A 331 21.25 -9.61 11.29
C GLU A 331 21.74 -10.21 9.99
N TYR A 332 23.05 -10.18 9.77
CA TYR A 332 23.65 -10.70 8.54
C TYR A 332 23.45 -12.21 8.44
N VAL A 333 23.08 -12.68 7.24
CA VAL A 333 22.93 -14.10 6.95
C VAL A 333 23.69 -14.42 5.68
N SER A 334 24.54 -15.46 5.72
CA SER A 334 25.24 -15.94 4.53
C SER A 334 24.48 -17.18 4.08
N PHE A 335 23.86 -17.14 2.90
CA PHE A 335 23.05 -18.25 2.41
C PHE A 335 23.93 -19.28 1.73
N TYR A 336 24.86 -19.85 2.50
CA TYR A 336 25.86 -20.80 2.03
C TYR A 336 25.28 -22.13 1.52
N TRP A 337 24.10 -22.51 2.03
CA TRP A 337 23.44 -23.77 1.67
C TRP A 337 22.77 -23.71 0.29
N THR A 338 22.68 -22.53 -0.32
CA THR A 338 22.08 -22.42 -1.66
C THR A 338 22.93 -23.22 -2.67
N ALA A 339 24.22 -23.38 -2.38
CA ALA A 339 25.13 -24.15 -3.24
C ALA A 339 24.94 -25.67 -3.06
N ASP A 340 23.97 -26.11 -2.23
CA ASP A 340 23.64 -27.52 -2.04
C ASP A 340 22.80 -27.99 -3.22
N TYR A 341 22.28 -27.06 -4.02
CA TYR A 341 21.43 -27.37 -5.16
C TYR A 341 22.01 -26.87 -6.46
N GLY A 342 21.53 -27.42 -7.56
CA GLY A 342 21.93 -27.02 -8.90
C GLY A 342 21.01 -25.95 -9.45
N GLY A 343 21.50 -25.21 -10.43
CA GLY A 343 20.73 -24.15 -11.07
C GLY A 343 20.56 -22.89 -10.25
N ILE A 344 21.45 -22.64 -9.28
CA ILE A 344 21.37 -21.45 -8.44
C ILE A 344 22.42 -20.43 -8.84
N GLY A 345 22.00 -19.18 -8.96
CA GLY A 345 22.88 -18.07 -9.30
C GLY A 345 22.54 -16.82 -8.53
N LYS A 346 23.51 -15.91 -8.35
CA LYS A 346 23.28 -14.67 -7.62
C LYS A 346 23.20 -13.51 -8.60
N ARG A 347 22.13 -12.71 -8.49
CA ARG A 347 21.93 -11.56 -9.37
C ARG A 347 22.81 -10.40 -8.92
N ALA A 348 22.91 -9.37 -9.77
CA ALA A 348 23.72 -8.18 -9.45
C ALA A 348 23.17 -7.41 -8.25
N ASP A 349 21.85 -7.50 -8.00
CA ASP A 349 21.22 -6.76 -6.90
C ASP A 349 21.25 -7.49 -5.54
N GLY A 350 21.85 -8.67 -5.49
CA GLY A 350 21.95 -9.43 -4.25
C GLY A 350 20.97 -10.57 -4.12
N THR A 351 19.86 -10.52 -4.87
CA THR A 351 18.87 -11.60 -4.82
C THR A 351 19.37 -12.77 -5.68
N TYR A 352 18.62 -13.86 -5.71
CA TYR A 352 19.00 -15.05 -6.46
C TYR A 352 18.08 -15.29 -7.64
N PHE A 353 18.53 -16.13 -8.57
CA PHE A 353 17.72 -16.61 -9.66
C PHE A 353 17.81 -18.13 -9.62
N ILE A 354 16.70 -18.83 -9.90
CA ILE A 354 16.68 -20.29 -9.89
C ILE A 354 16.43 -20.77 -11.32
N ARG A 355 17.38 -21.52 -11.87
CA ARG A 355 17.29 -22.03 -13.23
C ARG A 355 16.71 -23.44 -13.25
N VAL A 356 15.59 -23.61 -13.96
CA VAL A 356 14.97 -24.92 -14.18
C VAL A 356 15.68 -25.54 -15.38
N ARG A 357 16.29 -26.72 -15.21
CA ARG A 357 16.98 -27.38 -16.32
C ARG A 357 15.97 -27.55 -17.47
N ALA A 358 16.29 -27.03 -18.66
CA ALA A 358 15.37 -27.10 -19.81
C ALA A 358 14.91 -28.52 -20.10
N LYS A 359 13.61 -28.68 -20.37
CA LYS A 359 13.04 -29.98 -20.69
C LYS A 359 13.39 -30.35 -22.14
N PRO A 360 13.55 -31.65 -22.44
CA PRO A 360 13.94 -32.04 -23.82
C PRO A 360 13.03 -31.48 -24.90
N GLY A 361 13.63 -30.82 -25.89
CA GLY A 361 12.90 -30.25 -27.02
C GLY A 361 12.17 -28.96 -26.74
N GLY A 362 12.30 -28.44 -25.52
CA GLY A 362 11.63 -27.22 -25.11
C GLY A 362 10.14 -27.41 -24.91
N TRP A 363 9.70 -28.67 -24.76
CA TRP A 363 8.28 -29.00 -24.57
C TRP A 363 7.97 -29.01 -23.09
N TYR A 364 6.97 -28.24 -22.67
CA TYR A 364 6.57 -28.17 -21.25
C TYR A 364 5.11 -28.50 -21.10
N LYS A 365 4.78 -29.33 -20.09
CA LYS A 365 3.39 -29.67 -19.81
C LYS A 365 2.71 -28.46 -19.14
N PRO A 366 1.39 -28.30 -19.29
CA PRO A 366 0.71 -27.17 -18.64
C PRO A 366 0.89 -27.13 -17.12
N GLU A 367 0.86 -28.32 -16.49
CA GLU A 367 1.06 -28.50 -15.05
C GLU A 367 2.42 -27.93 -14.62
N GLU A 368 3.43 -28.05 -15.48
CA GLU A 368 4.79 -27.58 -15.18
C GLU A 368 4.88 -26.07 -15.27
N ILE A 369 4.35 -25.46 -16.36
CA ILE A 369 4.39 -24.01 -16.52
C ILE A 369 3.53 -23.34 -15.43
N LYS A 370 2.41 -23.96 -15.07
CA LYS A 370 1.53 -23.41 -14.04
C LYS A 370 2.26 -23.32 -12.69
N GLU A 371 3.10 -24.31 -12.36
CA GLU A 371 3.84 -24.30 -11.11
C GLU A 371 4.83 -23.14 -11.08
N ILE A 372 5.54 -22.91 -12.19
CA ILE A 372 6.50 -21.81 -12.29
C ILE A 372 5.74 -20.49 -12.13
N LEU A 373 4.54 -20.41 -12.72
CA LEU A 373 3.68 -19.20 -12.64
C LEU A 373 3.23 -18.95 -11.19
N ASP A 374 2.84 -20.01 -10.47
CA ASP A 374 2.38 -19.91 -9.08
C ASP A 374 3.51 -19.42 -8.18
N ILE A 375 4.71 -19.97 -8.34
CA ILE A 375 5.87 -19.55 -7.56
C ILE A 375 6.19 -18.07 -7.85
N ALA A 376 6.24 -17.70 -9.13
CA ALA A 376 6.56 -16.33 -9.51
C ALA A 376 5.60 -15.32 -8.87
N GLU A 377 4.30 -15.62 -8.88
CA GLU A 377 3.30 -14.72 -8.30
C GLU A 377 3.37 -14.71 -6.77
N GLU A 378 3.64 -15.86 -6.15
CA GLU A 378 3.74 -15.96 -4.69
C GLU A 378 4.94 -15.18 -4.15
N TYR A 379 6.08 -15.28 -4.82
CA TYR A 379 7.30 -14.62 -4.40
C TYR A 379 7.59 -13.33 -5.17
N ASN A 380 6.65 -12.90 -6.04
CA ASN A 380 6.84 -11.68 -6.84
C ASN A 380 8.19 -11.72 -7.56
N ALA A 381 8.46 -12.85 -8.23
CA ALA A 381 9.70 -13.06 -8.98
C ALA A 381 9.43 -12.85 -10.46
N LYS A 382 10.44 -12.41 -11.22
CA LYS A 382 10.30 -12.21 -12.66
C LYS A 382 10.55 -13.55 -13.36
N ILE A 383 9.82 -13.81 -14.45
CA ILE A 383 9.99 -15.06 -15.19
C ILE A 383 10.84 -14.79 -16.42
N LYS A 384 11.96 -15.52 -16.55
CA LYS A 384 12.86 -15.39 -17.68
C LYS A 384 12.90 -16.71 -18.45
N VAL A 385 12.93 -16.64 -19.78
CA VAL A 385 13.05 -17.81 -20.63
C VAL A 385 14.47 -17.76 -21.21
N THR A 386 15.22 -18.87 -21.15
CA THR A 386 16.60 -18.90 -21.61
C THR A 386 16.70 -19.34 -23.08
N ASP A 387 17.86 -19.10 -23.71
CA ASP A 387 18.07 -19.47 -25.11
C ASP A 387 18.36 -20.98 -25.28
N ARG A 388 18.30 -21.76 -24.19
CA ARG A 388 18.38 -23.21 -24.25
C ARG A 388 16.98 -23.76 -23.91
N ALA A 389 15.96 -22.87 -24.00
CA ALA A 389 14.56 -23.19 -23.73
C ALA A 389 14.29 -23.62 -22.27
N GLY A 390 15.04 -23.00 -21.36
CA GLY A 390 14.90 -23.24 -19.92
C GLY A 390 14.16 -22.08 -19.27
N TYR A 391 13.90 -22.19 -17.98
CA TYR A 391 13.20 -21.14 -17.22
C TYR A 391 14.08 -20.67 -16.08
N GLU A 392 13.98 -19.38 -15.73
CA GLU A 392 14.69 -18.82 -14.59
C GLU A 392 13.75 -17.94 -13.78
N LEU A 393 13.72 -18.14 -12.45
CA LEU A 393 12.92 -17.32 -11.55
C LEU A 393 13.83 -16.29 -10.91
N HIS A 394 13.67 -15.01 -11.24
CA HIS A 394 14.54 -13.94 -10.73
C HIS A 394 13.94 -13.14 -9.59
N GLY A 395 14.79 -12.77 -8.64
CA GLY A 395 14.38 -11.98 -7.48
C GLY A 395 14.04 -12.81 -6.28
N ILE A 396 14.64 -14.01 -6.18
CA ILE A 396 14.40 -14.90 -5.05
C ILE A 396 15.29 -14.51 -3.88
N SER A 397 14.73 -14.48 -2.69
CA SER A 397 15.48 -14.17 -1.47
C SER A 397 16.22 -15.41 -1.03
N GLY A 398 17.39 -15.24 -0.42
CA GLY A 398 18.16 -16.37 0.09
C GLY A 398 17.40 -17.22 1.07
N PHE A 399 16.40 -16.63 1.76
CA PHE A 399 15.58 -17.37 2.73
C PHE A 399 14.62 -18.33 2.04
N ASP A 400 14.23 -18.05 0.78
CA ASP A 400 13.26 -18.87 0.07
C ASP A 400 13.84 -19.78 -1.02
N VAL A 401 15.15 -19.68 -1.31
CA VAL A 401 15.77 -20.48 -2.37
C VAL A 401 15.53 -21.99 -2.16
N GLU A 402 15.90 -22.50 -0.99
CA GLU A 402 15.75 -23.93 -0.68
C GLU A 402 14.29 -24.41 -0.79
N ASP A 403 13.34 -23.62 -0.26
CA ASP A 403 11.92 -23.99 -0.32
C ASP A 403 11.43 -24.12 -1.76
N ILE A 404 11.84 -23.19 -2.62
CA ILE A 404 11.43 -23.18 -4.02
C ILE A 404 12.03 -24.35 -4.80
N VAL A 405 13.32 -24.67 -4.55
CA VAL A 405 13.98 -25.79 -5.24
C VAL A 405 13.29 -27.11 -4.91
N LEU A 406 12.98 -27.34 -3.63
CA LEU A 406 12.33 -28.58 -3.20
C LEU A 406 10.88 -28.65 -3.68
N ARG A 407 10.22 -27.49 -3.79
CA ARG A 407 8.86 -27.42 -4.30
C ARG A 407 8.88 -27.76 -5.79
N LEU A 408 9.85 -27.20 -6.54
CA LEU A 408 9.99 -27.47 -7.97
C LEU A 408 10.34 -28.95 -8.20
N ARG A 409 11.21 -29.51 -7.35
CA ARG A 409 11.64 -30.91 -7.43
C ARG A 409 10.45 -31.86 -7.33
N GLU A 410 9.47 -31.55 -6.48
CA GLU A 410 8.29 -32.40 -6.29
C GLU A 410 7.46 -32.51 -7.57
N LYS A 411 7.42 -31.44 -8.39
CA LYS A 411 6.66 -31.43 -9.63
C LYS A 411 7.48 -31.91 -10.85
N GLY A 412 8.68 -32.42 -10.60
CA GLY A 412 9.54 -32.94 -11.66
C GLY A 412 10.40 -31.88 -12.33
N LEU A 413 10.33 -30.63 -11.85
CA LEU A 413 11.13 -29.55 -12.43
C LEU A 413 12.44 -29.44 -11.68
N LEU A 414 13.44 -30.24 -12.09
CA LEU A 414 14.74 -30.22 -11.44
C LEU A 414 15.47 -28.93 -11.80
N THR A 415 16.14 -28.31 -10.83
CA THR A 415 16.90 -27.09 -11.08
C THR A 415 18.30 -27.53 -11.51
N GLY A 416 18.80 -26.95 -12.58
CA GLY A 416 20.10 -27.34 -13.09
C GLY A 416 20.58 -26.53 -14.26
N SER A 417 21.41 -27.16 -15.11
CA SER A 417 22.03 -26.53 -16.27
C SER A 417 22.88 -25.33 -15.81
N GLU A 418 23.65 -25.53 -14.71
CA GLU A 418 24.50 -24.51 -14.11
C GLU A 418 25.77 -25.16 -13.52
N GLY A 419 26.92 -24.54 -13.77
CA GLY A 419 28.20 -25.04 -13.26
C GLY A 419 28.95 -25.95 -14.21
N PRO A 420 30.10 -26.46 -13.75
CA PRO A 420 30.92 -27.33 -14.62
C PRO A 420 30.35 -28.76 -14.72
N LEU A 421 29.30 -28.92 -15.52
CA LEU A 421 28.65 -30.22 -15.72
C LEU A 421 27.99 -30.23 -17.10
N VAL A 422 27.32 -31.34 -17.46
CA VAL A 422 26.61 -31.41 -18.74
C VAL A 422 25.35 -30.56 -18.63
N ARG A 423 25.25 -29.51 -19.47
CA ARG A 423 24.11 -28.59 -19.45
C ARG A 423 22.89 -29.18 -20.14
N ALA A 424 21.75 -28.50 -20.06
CA ALA A 424 20.51 -28.98 -20.67
C ALA A 424 20.72 -29.25 -22.17
N THR A 425 20.32 -30.45 -22.64
CA THR A 425 20.46 -30.83 -24.05
C THR A 425 19.47 -30.01 -24.87
N LEU A 426 19.95 -29.38 -25.95
CA LEU A 426 19.11 -28.53 -26.79
C LEU A 426 18.66 -29.27 -28.04
N ALA A 427 17.36 -29.44 -28.21
CA ALA A 427 16.82 -30.14 -29.38
C ALA A 427 15.72 -29.32 -30.02
N CYS A 428 15.60 -29.43 -31.35
CA CYS A 428 14.56 -28.74 -32.11
C CYS A 428 13.34 -29.66 -32.21
N PRO A 429 12.18 -29.19 -32.72
CA PRO A 429 11.02 -30.10 -32.84
C PRO A 429 11.33 -31.36 -33.65
N GLY A 430 12.10 -31.21 -34.73
CA GLY A 430 12.57 -32.32 -35.55
C GLY A 430 11.49 -33.16 -36.20
N GLY A 431 11.84 -34.41 -36.51
CA GLY A 431 10.95 -35.36 -37.15
C GLY A 431 9.64 -35.56 -36.40
N GLY A 432 8.54 -35.54 -37.15
CA GLY A 432 7.20 -35.68 -36.60
C GLY A 432 6.55 -34.35 -36.27
N ASN A 433 7.36 -33.28 -36.13
CA ASN A 433 6.87 -31.95 -35.79
C ASN A 433 7.18 -30.97 -36.90
N CYS A 434 8.47 -30.75 -37.18
CA CYS A 434 8.91 -29.83 -38.23
C CYS A 434 8.80 -30.51 -39.59
N SER A 435 8.32 -29.77 -40.61
CA SER A 435 8.19 -30.31 -41.96
C SER A 435 9.58 -30.59 -42.60
N SER A 436 10.65 -29.99 -42.06
CA SER A 436 12.02 -30.22 -42.57
C SER A 436 12.73 -31.34 -41.79
N GLY A 437 12.14 -31.78 -40.69
CA GLY A 437 12.71 -32.84 -39.85
C GLY A 437 12.91 -34.16 -40.56
N LEU A 438 14.12 -34.73 -40.44
CA LEU A 438 14.49 -35.99 -41.08
C LEU A 438 14.66 -37.12 -40.06
N VAL A 439 14.98 -36.79 -38.82
CA VAL A 439 15.19 -37.77 -37.76
C VAL A 439 14.42 -37.34 -36.53
N ASP A 440 14.24 -38.28 -35.60
CA ASP A 440 13.56 -37.96 -34.31
C ASP A 440 14.57 -37.26 -33.40
N THR A 441 14.19 -36.12 -32.82
CA THR A 441 15.08 -35.35 -31.94
C THR A 441 14.61 -35.39 -30.49
N THR A 442 13.30 -35.51 -30.26
CA THR A 442 12.74 -35.52 -28.91
C THR A 442 13.15 -36.75 -28.10
N GLU A 443 13.02 -37.95 -28.68
CA GLU A 443 13.41 -39.17 -27.97
C GLU A 443 14.93 -39.23 -27.80
N LEU A 444 15.70 -38.81 -28.81
CA LEU A 444 17.16 -38.81 -28.69
C LEU A 444 17.59 -37.85 -27.57
N ALA A 445 16.93 -36.69 -27.46
CA ALA A 445 17.21 -35.72 -26.40
C ALA A 445 16.88 -36.32 -25.04
N ARG A 446 15.78 -37.08 -24.94
CA ARG A 446 15.39 -37.72 -23.70
C ARG A 446 16.40 -38.78 -23.29
N ILE A 447 16.93 -39.55 -24.26
CA ILE A 447 17.93 -40.58 -23.99
C ILE A 447 19.22 -39.92 -23.50
N ILE A 448 19.66 -38.85 -24.15
CA ILE A 448 20.87 -38.13 -23.76
C ILE A 448 20.69 -37.50 -22.37
N GLU A 449 19.51 -36.92 -22.10
CA GLU A 449 19.22 -36.35 -20.80
C GLU A 449 19.25 -37.42 -19.70
N ASP A 450 18.61 -38.56 -19.96
CA ASP A 450 18.61 -39.66 -18.98
C ASP A 450 20.01 -40.19 -18.69
N ASN A 451 20.89 -40.23 -19.69
CA ASN A 451 22.24 -40.75 -19.51
C ASN A 451 23.27 -39.75 -18.98
N PHE A 452 23.15 -38.44 -19.29
CA PHE A 452 24.17 -37.48 -18.90
C PHE A 452 23.70 -36.22 -18.17
N LYS A 453 22.41 -36.07 -17.84
CA LYS A 453 22.00 -34.82 -17.21
C LYS A 453 22.76 -34.54 -15.91
N GLU A 454 23.28 -33.31 -15.78
CA GLU A 454 23.99 -32.83 -14.61
C GLU A 454 25.27 -33.63 -14.31
N ARG A 455 25.85 -34.32 -15.31
CA ARG A 455 27.07 -35.09 -15.12
C ARG A 455 28.26 -34.15 -14.95
N PRO A 456 29.11 -34.34 -13.93
CA PRO A 456 30.25 -33.41 -13.75
C PRO A 456 31.28 -33.50 -14.88
N ALA A 457 31.85 -32.34 -15.23
CA ALA A 457 32.87 -32.22 -16.28
C ALA A 457 33.85 -31.12 -15.86
N PRO A 458 35.04 -31.02 -16.49
CA PRO A 458 35.98 -29.94 -16.11
C PRO A 458 35.39 -28.53 -16.28
N TYR A 459 34.43 -28.39 -17.20
CA TYR A 459 33.77 -27.10 -17.47
C TYR A 459 32.41 -27.43 -18.08
N LYS A 460 31.58 -26.42 -18.36
CA LYS A 460 30.27 -26.64 -18.99
C LYS A 460 30.42 -27.48 -20.27
N PHE A 461 29.45 -28.36 -20.51
CA PHE A 461 29.42 -29.24 -21.69
C PHE A 461 28.02 -29.18 -22.30
N LYS A 462 27.89 -28.69 -23.52
CA LYS A 462 26.59 -28.50 -24.16
C LYS A 462 26.40 -29.39 -25.39
N ILE A 463 25.23 -30.05 -25.46
CA ILE A 463 24.89 -30.95 -26.57
C ILE A 463 23.66 -30.38 -27.28
N ALA A 464 23.65 -30.46 -28.62
CA ALA A 464 22.54 -29.96 -29.42
C ALA A 464 22.14 -31.00 -30.47
N ILE A 465 20.83 -31.25 -30.60
CA ILE A 465 20.30 -32.21 -31.56
C ILE A 465 19.40 -31.49 -32.56
N SER A 466 19.80 -31.49 -33.84
CA SER A 466 19.03 -30.89 -34.92
C SER A 466 18.35 -31.98 -35.74
N GLY A 467 17.13 -31.73 -36.16
CA GLY A 467 16.36 -32.69 -36.95
C GLY A 467 16.75 -32.71 -38.40
N CYS A 468 17.42 -31.66 -38.89
CA CYS A 468 17.84 -31.58 -40.27
C CYS A 468 19.12 -30.71 -40.39
N PRO A 469 19.71 -30.51 -41.59
CA PRO A 469 20.95 -29.73 -41.67
C PRO A 469 20.79 -28.21 -41.52
N ASN A 470 19.57 -27.70 -41.25
CA ASN A 470 19.39 -26.27 -41.06
C ASN A 470 19.98 -25.79 -39.74
N GLY A 471 20.34 -26.74 -38.87
CA GLY A 471 21.00 -26.45 -37.61
C GLY A 471 20.40 -25.33 -36.80
N CYS A 472 19.11 -25.46 -36.47
CA CYS A 472 18.42 -24.39 -35.70
C CYS A 472 19.01 -24.33 -34.27
N VAL A 473 19.52 -25.46 -33.75
CA VAL A 473 20.05 -25.46 -32.40
C VAL A 473 21.56 -25.47 -32.38
N ARG A 474 22.15 -25.13 -33.55
CA ARG A 474 23.59 -24.93 -33.75
C ARG A 474 24.46 -26.15 -33.42
N PRO A 475 24.33 -27.25 -34.18
CA PRO A 475 25.18 -28.43 -33.89
C PRO A 475 26.67 -28.23 -34.18
N GLN A 476 27.02 -27.29 -35.08
CA GLN A 476 28.41 -27.06 -35.47
C GLN A 476 29.21 -26.26 -34.44
N VAL A 477 28.55 -25.66 -33.43
CA VAL A 477 29.26 -24.88 -32.40
C VAL A 477 28.88 -25.39 -31.00
N HIS A 478 28.69 -26.71 -30.89
CA HIS A 478 28.36 -27.33 -29.61
C HIS A 478 29.44 -28.36 -29.29
N ASP A 479 29.65 -28.67 -28.00
CA ASP A 479 30.68 -29.63 -27.60
C ASP A 479 30.46 -30.92 -28.37
N ILE A 480 29.19 -31.33 -28.50
CA ILE A 480 28.77 -32.44 -29.33
C ILE A 480 27.51 -31.98 -30.05
N GLY A 481 27.53 -32.02 -31.37
CA GLY A 481 26.41 -31.60 -32.19
C GLY A 481 25.89 -32.74 -33.03
N ILE A 482 24.57 -32.92 -33.06
CA ILE A 482 23.94 -33.98 -33.85
C ILE A 482 23.01 -33.32 -34.84
N ALA A 483 23.07 -33.74 -36.10
CA ALA A 483 22.21 -33.18 -37.14
C ALA A 483 21.68 -34.29 -38.02
N GLY A 484 20.37 -34.30 -38.24
CA GLY A 484 19.75 -35.27 -39.13
C GLY A 484 20.12 -34.96 -40.56
N VAL A 485 20.50 -35.99 -41.34
CA VAL A 485 20.87 -35.79 -42.75
C VAL A 485 20.27 -36.89 -43.62
N LYS A 486 19.93 -36.54 -44.86
CA LYS A 486 19.38 -37.46 -45.85
C LYS A 486 19.95 -37.05 -47.21
N TYR A 487 20.96 -37.79 -47.69
CA TYR A 487 21.61 -37.47 -48.96
C TYR A 487 20.89 -38.15 -50.14
N PRO A 488 20.79 -37.46 -51.29
CA PRO A 488 20.05 -38.01 -52.43
C PRO A 488 20.88 -38.73 -53.49
N LYS A 489 20.22 -39.59 -54.27
CA LYS A 489 20.80 -40.24 -55.46
C LYS A 489 19.69 -40.21 -56.52
N VAL A 490 20.06 -39.97 -57.78
CA VAL A 490 19.07 -39.85 -58.85
C VAL A 490 18.84 -41.17 -59.57
N ASN A 491 17.57 -41.51 -59.79
CA ASN A 491 17.16 -42.68 -60.56
C ASN A 491 16.88 -42.16 -61.98
N GLU A 492 17.80 -42.42 -62.92
CA GLU A 492 17.69 -41.92 -64.29
C GLU A 492 16.45 -42.43 -65.04
N GLU A 493 15.93 -43.61 -64.68
CA GLU A 493 14.74 -44.15 -65.33
C GLU A 493 13.50 -43.34 -64.99
N LYS A 494 13.46 -42.72 -63.80
CA LYS A 494 12.32 -41.94 -63.35
C LYS A 494 12.50 -40.44 -63.56
N CYS A 495 13.75 -39.93 -63.54
CA CYS A 495 14.00 -38.49 -63.70
C CYS A 495 13.74 -38.06 -65.15
N ASN A 496 13.03 -36.94 -65.32
CA ASN A 496 12.70 -36.42 -66.66
C ASN A 496 13.17 -34.97 -66.85
N GLY A 497 13.95 -34.46 -65.91
CA GLY A 497 14.47 -33.10 -65.98
C GLY A 497 13.42 -32.02 -65.82
N CYS A 498 12.37 -32.30 -65.02
CA CYS A 498 11.30 -31.34 -64.78
C CYS A 498 11.83 -30.06 -64.13
N GLY A 499 12.90 -30.17 -63.35
CA GLY A 499 13.57 -29.04 -62.72
C GLY A 499 13.06 -28.62 -61.36
N ARG A 500 12.12 -29.36 -60.79
CA ARG A 500 11.52 -28.99 -59.51
C ARG A 500 12.51 -29.08 -58.33
N CYS A 501 13.38 -30.08 -58.32
CA CYS A 501 14.33 -30.32 -57.20
C CYS A 501 15.29 -29.14 -57.01
N ALA A 502 15.74 -28.52 -58.09
CA ALA A 502 16.70 -27.42 -58.00
C ALA A 502 16.08 -26.21 -57.28
N GLU A 503 14.75 -26.06 -57.34
CA GLU A 503 14.04 -24.95 -56.70
C GLU A 503 13.94 -25.09 -55.19
N VAL A 504 13.86 -26.34 -54.68
CA VAL A 504 13.75 -26.58 -53.24
C VAL A 504 15.11 -26.65 -52.55
N CYS A 505 16.22 -26.59 -53.32
CA CYS A 505 17.56 -26.66 -52.76
C CYS A 505 18.08 -25.27 -52.42
N LYS A 506 18.21 -24.96 -51.12
CA LYS A 506 18.70 -23.65 -50.67
C LYS A 506 20.17 -23.43 -51.00
N VAL A 507 20.98 -24.50 -50.96
CA VAL A 507 22.42 -24.41 -51.24
C VAL A 507 22.73 -24.45 -52.74
N GLU A 508 21.70 -24.69 -53.58
CA GLU A 508 21.85 -24.74 -55.03
C GLU A 508 22.90 -25.78 -55.44
N ALA A 509 22.75 -27.01 -54.96
CA ALA A 509 23.69 -28.10 -55.24
C ALA A 509 23.25 -28.91 -56.46
N ILE A 510 22.03 -28.69 -56.96
CA ILE A 510 21.48 -29.47 -58.06
C ILE A 510 21.67 -28.80 -59.42
N ASP A 511 21.89 -29.63 -60.44
CA ASP A 511 22.02 -29.18 -61.83
C ASP A 511 20.98 -29.92 -62.66
N ILE A 512 20.14 -29.18 -63.39
CA ILE A 512 19.12 -29.76 -64.26
C ILE A 512 19.69 -29.73 -65.67
N ARG A 513 19.85 -30.90 -66.30
CA ARG A 513 20.42 -30.98 -67.64
C ARG A 513 19.58 -31.90 -68.51
N GLY A 514 18.96 -31.34 -69.54
CA GLY A 514 18.13 -32.10 -70.46
C GLY A 514 17.03 -32.89 -69.78
N GLU A 515 17.07 -34.23 -69.90
CA GLU A 515 16.05 -35.10 -69.30
C GLU A 515 16.52 -35.73 -67.98
N THR A 516 17.53 -35.16 -67.33
CA THR A 516 18.01 -35.70 -66.06
C THR A 516 18.44 -34.58 -65.10
N SER A 517 18.90 -34.97 -63.91
CA SER A 517 19.38 -34.02 -62.91
C SER A 517 20.61 -34.61 -62.20
N TYR A 518 21.43 -33.74 -61.62
CA TYR A 518 22.65 -34.15 -60.92
C TYR A 518 22.74 -33.45 -59.58
N THR A 519 23.63 -33.93 -58.70
CA THR A 519 23.85 -33.33 -57.39
C THR A 519 25.35 -33.09 -57.19
N ASN A 520 25.71 -31.90 -56.73
CA ASN A 520 27.11 -31.60 -56.39
C ASN A 520 27.26 -31.97 -54.91
N TYR A 521 27.89 -33.10 -54.62
CA TYR A 521 28.02 -33.57 -53.24
C TYR A 521 29.00 -32.75 -52.39
N ASN A 522 29.70 -31.80 -53.03
CA ASN A 522 30.62 -30.86 -52.32
C ASN A 522 29.79 -29.69 -51.76
N VAL A 523 28.55 -29.53 -52.23
CA VAL A 523 27.64 -28.47 -51.81
C VAL A 523 26.46 -29.05 -51.02
N CYS A 524 25.94 -30.23 -51.45
CA CYS A 524 24.79 -30.87 -50.79
C CYS A 524 25.00 -31.02 -49.28
N VAL A 525 24.01 -30.57 -48.48
CA VAL A 525 24.07 -30.65 -47.02
C VAL A 525 23.19 -31.79 -46.48
N GLY A 526 22.53 -32.52 -47.37
CA GLY A 526 21.68 -33.64 -46.99
C GLY A 526 20.39 -33.24 -46.31
N CYS A 527 19.70 -32.22 -46.85
CA CYS A 527 18.43 -31.79 -46.27
C CYS A 527 17.27 -32.69 -46.72
N GLY A 528 17.49 -33.44 -47.79
CA GLY A 528 16.50 -34.38 -48.33
C GLY A 528 15.26 -33.74 -48.95
N LYS A 529 15.27 -32.42 -49.15
CA LYS A 529 14.11 -31.72 -49.72
C LYS A 529 13.85 -32.15 -51.15
N CYS A 530 14.91 -32.46 -51.91
CA CYS A 530 14.78 -32.88 -53.30
C CYS A 530 14.17 -34.28 -53.41
N ILE A 531 14.37 -35.14 -52.40
CA ILE A 531 13.78 -36.48 -52.39
C ILE A 531 12.29 -36.34 -52.10
N LYS A 532 11.97 -35.57 -51.06
CA LYS A 532 10.60 -35.34 -50.60
C LYS A 532 9.74 -34.63 -51.65
N ASN A 533 10.29 -33.59 -52.31
CA ASN A 533 9.52 -32.79 -53.25
C ASN A 533 9.62 -33.19 -54.72
N CYS A 534 10.28 -34.32 -55.04
CA CYS A 534 10.32 -34.75 -56.44
C CYS A 534 8.95 -35.31 -56.80
N PRO A 535 8.24 -34.73 -57.79
CA PRO A 535 6.90 -35.25 -58.13
C PRO A 535 6.91 -36.61 -58.82
N ASN A 536 8.07 -37.03 -59.36
CA ASN A 536 8.19 -38.29 -60.09
C ASN A 536 8.92 -39.37 -59.29
N GLU A 537 9.21 -39.11 -58.01
CA GLU A 537 9.90 -40.06 -57.15
C GLU A 537 11.22 -40.55 -57.77
N ALA A 538 11.91 -39.67 -58.50
CA ALA A 538 13.16 -39.99 -59.18
C ALA A 538 14.37 -39.88 -58.25
N ARG A 539 14.22 -39.21 -57.10
CA ARG A 539 15.32 -39.08 -56.16
C ARG A 539 15.13 -40.05 -55.00
N GLU A 540 16.17 -40.82 -54.68
CA GLU A 540 16.10 -41.82 -53.63
C GLU A 540 17.12 -41.51 -52.54
N VAL A 541 17.03 -42.22 -51.41
CA VAL A 541 17.96 -42.00 -50.31
C VAL A 541 19.28 -42.71 -50.59
N LYS A 542 20.36 -41.94 -50.70
CA LYS A 542 21.70 -42.48 -50.91
C LYS A 542 22.25 -42.90 -49.54
N GLU A 543 22.23 -41.97 -48.59
CA GLU A 543 22.68 -42.21 -47.22
C GLU A 543 21.79 -41.42 -46.26
N GLU A 544 21.58 -41.96 -45.05
CA GLU A 544 20.65 -41.38 -44.08
C GLU A 544 21.10 -41.60 -42.64
N GLY A 545 20.73 -40.70 -41.73
CA GLY A 545 21.04 -40.87 -40.32
C GLY A 545 21.40 -39.61 -39.56
N TYR A 546 22.06 -39.80 -38.41
CA TYR A 546 22.50 -38.71 -37.54
C TYR A 546 23.97 -38.36 -37.80
N LEU A 547 24.24 -37.16 -38.33
CA LEU A 547 25.61 -36.70 -38.56
C LEU A 547 26.10 -36.08 -37.25
N VAL A 548 27.31 -36.45 -36.81
CA VAL A 548 27.84 -35.97 -35.53
C VAL A 548 29.03 -35.01 -35.70
N TYR A 549 29.07 -33.98 -34.82
CA TYR A 549 30.14 -32.98 -34.76
C TYR A 549 30.71 -32.99 -33.36
N VAL A 550 31.99 -32.65 -33.20
CA VAL A 550 32.62 -32.63 -31.87
C VAL A 550 33.62 -31.48 -31.76
N GLY A 551 33.77 -30.93 -30.56
CA GLY A 551 34.75 -29.89 -30.28
C GLY A 551 34.35 -28.47 -30.64
N GLY A 552 33.07 -28.25 -30.83
CA GLY A 552 32.57 -26.91 -31.15
C GLY A 552 32.26 -26.13 -29.89
N LYS A 553 32.08 -24.83 -30.01
CA LYS A 553 31.73 -23.99 -28.86
C LYS A 553 31.47 -22.55 -29.26
N THR A 554 30.87 -21.81 -28.35
CA THR A 554 30.62 -20.38 -28.51
C THR A 554 30.94 -19.74 -27.15
N GLY A 555 30.58 -18.47 -27.00
CA GLY A 555 30.84 -17.74 -25.77
C GLY A 555 31.85 -16.64 -26.00
N ARG A 556 32.97 -16.66 -25.26
CA ARG A 556 34.02 -15.64 -25.45
C ARG A 556 34.61 -15.74 -26.85
N GLU A 557 34.78 -16.96 -27.36
CA GLU A 557 35.30 -17.15 -28.75
C GLU A 557 34.49 -18.25 -29.43
N VAL A 558 34.46 -18.22 -30.76
CA VAL A 558 33.72 -19.18 -31.57
C VAL A 558 34.69 -20.26 -32.07
N VAL A 559 34.34 -21.54 -31.86
CA VAL A 559 35.11 -22.66 -32.38
C VAL A 559 34.13 -23.58 -33.09
N GLU A 560 34.38 -23.87 -34.37
CA GLU A 560 33.52 -24.77 -35.14
C GLU A 560 33.90 -26.20 -34.82
N GLY A 561 32.90 -27.03 -34.58
CA GLY A 561 33.11 -28.45 -34.30
C GLY A 561 33.52 -29.20 -35.54
N VAL A 562 34.20 -30.33 -35.37
CA VAL A 562 34.67 -31.14 -36.50
C VAL A 562 33.63 -32.18 -36.88
N LYS A 563 33.31 -32.28 -38.18
CA LYS A 563 32.36 -33.24 -38.70
C LYS A 563 32.93 -34.65 -38.59
N MET A 564 32.28 -35.52 -37.81
CA MET A 564 32.79 -36.87 -37.60
C MET A 564 32.26 -37.85 -38.63
N LYS A 565 31.04 -38.35 -38.44
CA LYS A 565 30.45 -39.32 -39.35
C LYS A 565 29.00 -39.56 -38.92
N LEU A 566 28.28 -40.43 -39.65
CA LEU A 566 26.92 -40.78 -39.25
C LEU A 566 27.07 -41.77 -38.10
N MET A 567 26.20 -41.68 -37.09
CA MET A 567 26.28 -42.57 -35.93
C MET A 567 24.90 -43.07 -35.54
N SER A 568 24.84 -44.30 -35.03
CA SER A 568 23.58 -44.86 -34.53
C SER A 568 23.36 -44.28 -33.13
N VAL A 569 22.14 -44.38 -32.59
CA VAL A 569 21.85 -43.84 -31.26
C VAL A 569 22.79 -44.46 -30.21
N ASP A 570 23.01 -45.78 -30.25
CA ASP A 570 23.91 -46.44 -29.30
C ASP A 570 25.34 -45.91 -29.46
N GLU A 571 25.76 -45.66 -30.71
CA GLU A 571 27.09 -45.11 -31.01
C GLU A 571 27.20 -43.69 -30.45
N ILE A 572 26.14 -42.89 -30.59
CA ILE A 572 26.11 -41.51 -30.09
C ILE A 572 26.29 -41.50 -28.57
N ILE A 573 25.56 -42.37 -27.85
CA ILE A 573 25.65 -42.44 -26.40
C ILE A 573 27.06 -42.87 -25.99
N ASN A 574 27.61 -43.86 -26.68
CA ASN A 574 28.96 -44.35 -26.40
C ASN A 574 29.97 -43.22 -26.65
N PHE A 575 29.80 -42.52 -27.80
CA PHE A 575 30.68 -41.41 -28.18
C PHE A 575 30.64 -40.26 -27.17
N ILE A 576 29.45 -39.84 -26.74
CA ILE A 576 29.33 -38.75 -25.76
C ILE A 576 30.05 -39.12 -24.46
N ASP A 577 29.86 -40.36 -23.99
CA ASP A 577 30.49 -40.83 -22.76
C ASP A 577 32.02 -40.83 -22.87
N LYS A 578 32.57 -41.35 -23.97
CA LYS A 578 34.01 -41.43 -24.17
C LYS A 578 34.66 -40.08 -24.43
N VAL A 579 33.95 -39.15 -25.06
CA VAL A 579 34.48 -37.79 -25.25
C VAL A 579 34.60 -37.13 -23.87
N LEU A 580 33.64 -37.37 -22.98
CA LEU A 580 33.66 -36.82 -21.62
C LEU A 580 34.80 -37.45 -20.79
N VAL A 581 35.06 -38.75 -20.97
CA VAL A 581 36.12 -39.44 -20.25
C VAL A 581 37.50 -38.89 -20.67
N VAL A 582 37.73 -38.76 -21.99
CA VAL A 582 39.01 -38.27 -22.51
C VAL A 582 39.18 -36.77 -22.22
N TYR A 583 38.07 -36.03 -22.17
CA TYR A 583 38.06 -34.60 -21.83
C TYR A 583 38.49 -34.44 -20.35
N GLY A 584 37.90 -35.24 -19.46
CA GLY A 584 38.25 -35.22 -18.05
C GLY A 584 39.67 -35.67 -17.77
N LYS A 585 40.17 -36.64 -18.54
CA LYS A 585 41.52 -37.16 -18.38
C LYS A 585 42.59 -36.12 -18.75
N TYR A 586 42.34 -35.34 -19.80
CA TYR A 586 43.32 -34.37 -20.29
C TYR A 586 43.12 -32.93 -19.83
N ALA A 587 41.94 -32.58 -19.28
CA ALA A 587 41.73 -31.21 -18.81
C ALA A 587 42.68 -30.88 -17.66
N GLU A 588 43.31 -29.71 -17.73
CA GLU A 588 44.25 -29.25 -16.70
C GLU A 588 43.69 -28.08 -15.87
N LYS A 589 42.77 -27.28 -16.46
CA LYS A 589 42.23 -26.10 -15.79
C LYS A 589 40.70 -26.13 -15.75
N PRO A 590 40.11 -26.75 -14.72
CA PRO A 590 38.64 -26.73 -14.63
C PRO A 590 38.08 -25.31 -14.57
N GLN A 591 36.89 -25.10 -15.19
CA GLN A 591 36.21 -23.81 -15.25
C GLN A 591 36.87 -22.79 -16.18
N ARG A 592 37.87 -23.24 -16.97
CA ARG A 592 38.56 -22.38 -17.93
C ARG A 592 38.69 -23.08 -19.28
N GLU A 593 39.08 -24.36 -19.28
CA GLU A 593 39.26 -25.14 -20.50
C GLU A 593 37.97 -25.84 -20.96
N ARG A 594 37.45 -25.48 -22.14
CA ARG A 594 36.29 -26.17 -22.71
C ARG A 594 36.82 -27.38 -23.48
N LEU A 595 35.95 -28.29 -23.91
CA LEU A 595 36.38 -29.47 -24.68
C LEU A 595 37.29 -29.06 -25.84
N ALA A 596 36.87 -28.06 -26.62
CA ALA A 596 37.65 -27.57 -27.78
C ALA A 596 39.08 -27.21 -27.41
N ALA A 597 39.29 -26.57 -26.25
CA ALA A 597 40.62 -26.17 -25.81
C ALA A 597 41.47 -27.40 -25.47
N VAL A 598 40.87 -28.42 -24.82
CA VAL A 598 41.58 -29.64 -24.46
C VAL A 598 41.91 -30.44 -25.72
N MET A 599 40.97 -30.52 -26.66
CA MET A 599 41.17 -31.23 -27.92
C MET A 599 42.29 -30.58 -28.73
N LYS A 600 42.32 -29.24 -28.79
CA LYS A 600 43.35 -28.49 -29.50
C LYS A 600 44.73 -28.70 -28.87
N ARG A 601 44.81 -28.69 -27.53
CA ARG A 601 46.09 -28.84 -26.84
C ARG A 601 46.72 -30.22 -27.00
N VAL A 602 45.92 -31.29 -26.88
CA VAL A 602 46.48 -32.64 -27.01
C VAL A 602 46.51 -33.11 -28.47
N GLY A 603 45.76 -32.44 -29.32
CA GLY A 603 45.65 -32.78 -30.74
C GLY A 603 44.35 -33.50 -31.01
N TYR A 604 43.68 -33.17 -32.11
CA TYR A 604 42.39 -33.78 -32.45
C TYR A 604 42.55 -35.26 -32.77
N GLY A 605 43.62 -35.60 -33.47
CA GLY A 605 43.92 -36.97 -33.83
C GLY A 605 44.17 -37.84 -32.62
N LYS A 606 45.07 -37.40 -31.73
CA LYS A 606 45.38 -38.12 -30.50
C LYS A 606 44.14 -38.24 -29.61
N PHE A 607 43.39 -37.14 -29.46
CA PHE A 607 42.18 -37.13 -28.62
C PHE A 607 41.13 -38.09 -29.18
N LEU A 608 40.80 -37.97 -30.47
CA LEU A 608 39.77 -38.81 -31.07
C LEU A 608 40.18 -40.26 -31.21
N GLU A 609 41.48 -40.54 -31.36
CA GLU A 609 41.99 -41.91 -31.43
C GLU A 609 41.71 -42.62 -30.10
N GLU A 610 41.88 -41.92 -28.98
CA GLU A 610 41.62 -42.49 -27.66
C GLU A 610 40.14 -42.69 -27.43
N VAL A 611 39.30 -41.74 -27.91
CA VAL A 611 37.86 -41.84 -27.78
C VAL A 611 37.41 -43.14 -28.47
N LYS A 612 37.95 -43.40 -29.68
CA LYS A 612 37.63 -44.62 -30.43
C LYS A 612 38.07 -45.89 -29.69
N GLU A 613 39.29 -45.89 -29.12
CA GLU A 613 39.79 -47.05 -28.37
C GLU A 613 38.88 -47.38 -27.19
N LEU A 614 38.42 -46.34 -26.45
CA LEU A 614 37.51 -46.54 -25.32
C LEU A 614 36.14 -47.00 -25.82
N MET A 615 35.70 -46.52 -26.99
CA MET A 615 34.40 -46.91 -27.56
C MET A 615 34.41 -48.40 -27.90
N LYS A 616 35.52 -48.91 -28.43
CA LYS A 616 35.66 -50.32 -28.79
C LYS A 616 35.63 -51.21 -27.55
N LYS A 617 36.22 -50.77 -26.44
CA LYS A 617 36.26 -51.54 -25.20
C LYS A 617 34.87 -51.66 -24.56
N GLU A 618 33.96 -50.68 -24.81
CA GLU A 618 32.61 -50.72 -24.25
C GLU A 618 31.90 -51.98 -24.77
N ILE A 619 32.02 -52.22 -26.08
CA ILE A 619 31.41 -53.37 -26.75
C ILE A 619 32.21 -54.65 -26.49
N MET B 1 -3.98 -40.24 -67.16
CA MET B 1 -4.29 -38.82 -67.24
C MET B 1 -3.07 -37.96 -66.93
N TYR B 2 -3.20 -36.63 -67.09
CA TYR B 2 -2.11 -35.72 -66.75
C TYR B 2 -2.40 -35.03 -65.42
N GLU B 3 -1.56 -35.36 -64.45
CA GLU B 3 -1.61 -34.91 -63.07
C GLU B 3 -1.24 -33.45 -62.94
N TRP B 4 -1.97 -32.71 -62.10
CA TRP B 4 -1.75 -31.28 -61.87
C TRP B 4 -2.04 -30.96 -60.40
N LYS B 5 -1.03 -30.57 -59.64
CA LYS B 5 -1.19 -30.29 -58.21
C LYS B 5 -2.35 -29.34 -57.88
N LEU B 6 -2.60 -28.32 -58.71
CA LEU B 6 -3.69 -27.37 -58.43
C LEU B 6 -5.10 -27.96 -58.64
N ASN B 7 -5.21 -29.23 -59.10
CA ASN B 7 -6.52 -29.84 -59.31
C ASN B 7 -7.32 -29.91 -58.00
N GLU B 8 -6.66 -30.08 -56.85
CA GLU B 8 -7.37 -30.13 -55.58
C GLU B 8 -8.05 -28.80 -55.27
N ILE B 9 -7.38 -27.69 -55.58
CA ILE B 9 -7.94 -26.34 -55.37
C ILE B 9 -9.10 -26.12 -56.33
N VAL B 10 -8.97 -26.57 -57.58
CA VAL B 10 -10.00 -26.39 -58.61
C VAL B 10 -11.20 -27.32 -58.40
N ASP B 11 -10.95 -28.62 -58.14
CA ASP B 11 -12.03 -29.60 -57.96
C ASP B 11 -12.82 -29.38 -56.67
N SER B 12 -12.17 -28.86 -55.62
CA SER B 12 -12.87 -28.59 -54.36
C SER B 12 -13.79 -27.38 -54.45
N GLY B 13 -13.53 -26.50 -55.41
CA GLY B 13 -14.34 -25.29 -55.59
C GLY B 13 -13.80 -24.09 -54.83
N VAL B 14 -12.60 -24.22 -54.24
CA VAL B 14 -11.97 -23.12 -53.50
C VAL B 14 -11.38 -22.13 -54.51
N CYS B 15 -11.00 -22.64 -55.70
CA CYS B 15 -10.42 -21.86 -56.79
C CYS B 15 -11.22 -20.58 -57.06
N ALA B 16 -10.52 -19.41 -57.07
CA ALA B 16 -11.16 -18.12 -57.31
C ALA B 16 -11.42 -17.86 -58.79
N ARG B 17 -10.91 -18.73 -59.69
CA ARG B 17 -11.05 -18.58 -61.14
C ARG B 17 -10.51 -17.20 -61.56
N CYS B 18 -9.32 -16.86 -61.07
CA CYS B 18 -8.67 -15.58 -61.34
C CYS B 18 -7.77 -15.65 -62.60
N GLY B 19 -7.23 -16.83 -62.86
CA GLY B 19 -6.40 -17.08 -64.04
C GLY B 19 -4.95 -16.67 -63.92
N THR B 20 -4.46 -16.51 -62.69
CA THR B 20 -3.06 -16.12 -62.48
C THR B 20 -2.12 -17.30 -62.77
N CYS B 21 -2.51 -18.52 -62.38
CA CYS B 21 -1.69 -19.72 -62.55
C CYS B 21 -1.32 -20.02 -64.01
N THR B 22 -2.21 -19.73 -64.96
CA THR B 22 -1.98 -20.07 -66.37
C THR B 22 -1.07 -19.08 -67.11
N ILE B 23 -1.07 -17.79 -66.72
CA ILE B 23 -0.23 -16.80 -67.39
C ILE B 23 1.24 -16.90 -66.98
N VAL B 24 1.53 -17.52 -65.83
CA VAL B 24 2.91 -17.64 -65.36
C VAL B 24 3.62 -18.89 -65.91
N CYS B 25 2.89 -19.83 -66.54
CA CYS B 25 3.51 -21.06 -67.05
C CYS B 25 4.57 -20.73 -68.12
N PRO B 26 5.84 -21.08 -67.88
CA PRO B 26 6.87 -20.77 -68.88
C PRO B 26 6.86 -21.67 -70.11
N ASN B 27 6.06 -22.76 -70.08
CA ASN B 27 5.94 -23.68 -71.20
C ASN B 27 4.64 -23.48 -71.98
N GLY B 28 3.79 -22.57 -71.51
CA GLY B 28 2.52 -22.27 -72.15
C GLY B 28 1.62 -23.49 -72.29
N ILE B 29 1.72 -24.45 -71.35
CA ILE B 29 0.94 -25.68 -71.38
C ILE B 29 -0.34 -25.53 -70.56
N LEU B 30 -0.62 -24.32 -70.06
CA LEU B 30 -1.82 -24.03 -69.29
C LEU B 30 -2.67 -23.00 -70.04
N THR B 31 -3.98 -23.22 -70.08
CA THR B 31 -4.90 -22.27 -70.71
C THR B 31 -6.02 -21.95 -69.73
N PHE B 32 -6.66 -20.80 -69.90
CA PHE B 32 -7.72 -20.39 -68.99
C PHE B 32 -8.86 -19.72 -69.74
N ASP B 33 -10.06 -20.28 -69.60
CA ASP B 33 -11.28 -19.67 -70.16
C ASP B 33 -12.11 -19.27 -68.96
N GLU B 34 -12.65 -20.27 -68.23
CA GLU B 34 -13.40 -20.05 -67.00
C GLU B 34 -12.79 -20.89 -65.87
N ARG B 35 -11.76 -21.70 -66.17
CA ARG B 35 -11.05 -22.49 -65.15
C ARG B 35 -9.72 -22.98 -65.74
N PRO B 36 -8.66 -23.20 -64.93
CA PRO B 36 -7.37 -23.63 -65.46
C PRO B 36 -7.42 -25.00 -66.14
N LYS B 37 -6.69 -25.17 -67.25
CA LYS B 37 -6.71 -26.47 -67.98
C LYS B 37 -5.33 -26.78 -68.57
N LEU B 38 -4.89 -28.03 -68.47
CA LEU B 38 -3.60 -28.47 -69.01
C LEU B 38 -3.82 -28.94 -70.45
N ILE B 39 -3.11 -28.33 -71.40
CA ILE B 39 -3.22 -28.71 -72.82
C ILE B 39 -2.09 -29.66 -73.21
N ASP B 40 -1.16 -29.94 -72.27
CA ASP B 40 -0.05 -30.84 -72.50
C ASP B 40 0.40 -31.43 -71.16
N GLU B 41 1.19 -32.49 -71.20
CA GLU B 41 1.70 -33.12 -69.97
C GLU B 41 2.72 -32.21 -69.29
N CYS B 42 2.59 -32.05 -67.97
CA CYS B 42 3.53 -31.28 -67.17
C CYS B 42 4.52 -32.27 -66.53
N LEU B 43 5.83 -32.09 -66.77
CA LEU B 43 6.83 -33.00 -66.21
C LEU B 43 6.87 -32.92 -64.68
N ARG B 44 6.46 -31.77 -64.12
CA ARG B 44 6.46 -31.55 -62.67
C ARG B 44 5.12 -31.94 -62.05
N LYS B 45 4.12 -32.32 -62.86
CA LYS B 45 2.78 -32.67 -62.38
C LYS B 45 2.16 -31.48 -61.63
N GLY B 46 2.43 -30.27 -62.12
CA GLY B 46 1.92 -29.04 -61.53
C GLY B 46 2.68 -28.56 -60.30
N HIS B 47 3.80 -29.21 -59.97
CA HIS B 47 4.62 -28.77 -58.83
C HIS B 47 5.54 -27.67 -59.34
N GLY B 48 4.98 -26.49 -59.52
CA GLY B 48 5.75 -25.37 -60.03
C GLY B 48 5.09 -24.03 -59.75
N MET B 49 5.46 -22.98 -60.49
CA MET B 49 4.98 -21.65 -60.13
C MET B 49 3.51 -21.40 -60.37
N CYS B 50 2.82 -22.29 -61.10
CA CYS B 50 1.35 -22.14 -61.20
C CYS B 50 0.76 -22.33 -59.79
N PHE B 51 1.22 -23.35 -59.06
CA PHE B 51 0.77 -23.63 -57.70
C PHE B 51 1.27 -22.55 -56.72
N GLU B 52 2.49 -22.04 -56.93
CA GLU B 52 3.10 -21.05 -56.03
C GLU B 52 2.52 -19.64 -56.12
N VAL B 53 1.94 -19.24 -57.26
CA VAL B 53 1.33 -17.90 -57.36
C VAL B 53 -0.15 -17.95 -56.95
N CYS B 54 -0.69 -19.16 -56.74
CA CYS B 54 -2.14 -19.26 -56.47
C CYS B 54 -2.51 -18.55 -55.16
N PRO B 55 -3.43 -17.56 -55.21
CA PRO B 55 -3.84 -16.88 -53.97
C PRO B 55 -4.71 -17.76 -53.07
N ARG B 56 -5.16 -18.93 -53.57
CA ARG B 56 -5.99 -19.86 -52.81
C ARG B 56 -5.17 -20.97 -52.15
N VAL B 57 -3.87 -21.05 -52.44
CA VAL B 57 -2.99 -22.01 -51.79
C VAL B 57 -2.49 -21.29 -50.53
N SER B 58 -2.01 -20.07 -50.73
CA SER B 58 -1.53 -19.22 -49.66
C SER B 58 -1.71 -17.78 -50.11
N SER B 59 -2.24 -16.93 -49.24
CA SER B 59 -2.47 -15.53 -49.59
C SER B 59 -1.16 -14.73 -49.67
N ALA B 60 -0.18 -15.11 -48.82
CA ALA B 60 1.10 -14.43 -48.70
C ALA B 60 0.94 -12.92 -48.42
N LYS B 61 -0.21 -12.51 -47.82
CA LYS B 61 -0.50 -11.10 -47.56
C LYS B 61 0.43 -10.47 -46.55
N TYR B 62 0.79 -11.21 -45.48
CA TYR B 62 1.67 -10.65 -44.46
C TYR B 62 3.01 -10.17 -45.04
N GLN B 63 3.69 -11.04 -45.82
CA GLN B 63 4.99 -10.68 -46.40
C GLN B 63 4.87 -9.59 -47.46
N ILE B 64 3.74 -9.54 -48.18
CA ILE B 64 3.53 -8.50 -49.19
C ILE B 64 3.17 -7.16 -48.53
N LYS B 65 2.29 -7.19 -47.51
CA LYS B 65 1.83 -5.99 -46.81
C LYS B 65 2.95 -5.26 -46.06
N ILE B 66 3.83 -5.99 -45.37
CA ILE B 66 4.94 -5.33 -44.65
C ILE B 66 5.90 -4.65 -45.62
N ARG B 67 5.95 -5.10 -46.89
CA ARG B 67 6.80 -4.50 -47.91
C ARG B 67 6.07 -3.36 -48.62
N GLU B 68 4.79 -3.56 -48.97
CA GLU B 68 4.00 -2.53 -49.63
C GLU B 68 3.59 -1.40 -48.68
N LYS B 69 3.44 -1.71 -47.38
CA LYS B 69 3.05 -0.73 -46.36
C LYS B 69 1.84 0.06 -46.83
N PHE B 70 0.77 -0.65 -47.14
CA PHE B 70 -0.46 -0.06 -47.64
C PHE B 70 -1.10 0.89 -46.65
N TYR B 71 -1.72 1.95 -47.15
CA TYR B 71 -2.49 2.90 -46.35
C TYR B 71 -3.87 3.04 -46.98
N GLU B 72 -4.74 3.90 -46.44
CA GLU B 72 -6.08 4.04 -46.99
C GLU B 72 -6.50 5.50 -47.07
N LYS B 73 -6.69 6.01 -48.30
CA LYS B 73 -7.17 7.37 -48.54
C LYS B 73 -8.45 7.26 -49.36
N TYR B 74 -9.58 7.70 -48.78
CA TYR B 74 -10.89 7.58 -49.42
C TYR B 74 -11.31 8.82 -50.19
N TYR B 75 -11.69 8.64 -51.46
CA TYR B 75 -12.16 9.70 -52.33
C TYR B 75 -13.24 9.14 -53.25
N TYR B 76 -13.95 10.00 -53.97
CA TYR B 76 -14.91 9.57 -54.98
C TYR B 76 -14.80 10.55 -56.15
N ALA B 77 -15.04 10.10 -57.38
CA ALA B 77 -14.91 10.99 -58.52
C ALA B 77 -15.67 10.50 -59.73
N LYS B 78 -15.82 11.38 -60.72
CA LYS B 78 -16.46 11.07 -62.00
C LYS B 78 -15.61 11.70 -63.10
N SER B 79 -15.64 11.14 -64.30
CA SER B 79 -14.88 11.67 -65.44
C SER B 79 -15.81 11.87 -66.64
N ASP B 80 -15.28 12.47 -67.72
CA ASP B 80 -16.04 12.70 -68.94
C ASP B 80 -16.35 11.37 -69.64
N ILE B 81 -15.46 10.38 -69.46
CA ILE B 81 -15.62 9.05 -70.06
C ILE B 81 -16.81 8.31 -69.45
N GLU B 82 -17.68 7.75 -70.30
CA GLU B 82 -18.83 6.99 -69.83
C GLU B 82 -18.36 5.58 -69.48
N GLY B 83 -18.56 5.17 -68.24
CA GLY B 83 -18.13 3.86 -67.76
C GLY B 83 -19.18 3.16 -66.95
N GLN B 84 -18.78 2.17 -66.13
CA GLN B 84 -19.69 1.44 -65.27
C GLN B 84 -20.34 2.40 -64.29
N ASP B 85 -19.51 3.26 -63.66
CA ASP B 85 -19.99 4.24 -62.70
C ASP B 85 -19.50 5.64 -63.10
N GLY B 86 -18.37 6.08 -62.57
CA GLY B 86 -17.82 7.38 -62.88
C GLY B 86 -16.79 7.35 -63.99
N GLY B 87 -16.49 6.15 -64.50
CA GLY B 87 -15.50 5.97 -65.55
C GLY B 87 -14.10 6.34 -65.11
N VAL B 88 -13.83 6.21 -63.80
CA VAL B 88 -12.55 6.58 -63.20
C VAL B 88 -11.41 5.65 -63.64
N VAL B 89 -11.65 4.33 -63.67
CA VAL B 89 -10.62 3.38 -64.06
C VAL B 89 -10.11 3.67 -65.47
N THR B 90 -11.04 3.92 -66.41
CA THR B 90 -10.66 4.22 -67.79
C THR B 90 -9.94 5.56 -67.90
N ALA B 91 -10.43 6.58 -67.16
CA ALA B 91 -9.80 7.90 -67.15
C ALA B 91 -8.36 7.81 -66.63
N PHE B 92 -8.13 6.96 -65.62
CA PHE B 92 -6.80 6.78 -65.05
C PHE B 92 -5.88 6.05 -66.04
N LEU B 93 -6.40 5.02 -66.71
CA LEU B 93 -5.61 4.27 -67.69
C LEU B 93 -5.26 5.17 -68.88
N LYS B 94 -6.21 6.02 -69.31
CA LYS B 94 -6.01 6.96 -70.41
C LYS B 94 -4.87 7.93 -70.05
N TYR B 95 -4.88 8.44 -68.81
CA TYR B 95 -3.86 9.36 -68.32
C TYR B 95 -2.48 8.69 -68.30
N LEU B 96 -2.40 7.47 -67.76
CA LEU B 96 -1.12 6.74 -67.68
C LEU B 96 -0.54 6.46 -69.07
N LEU B 97 -1.38 6.11 -70.04
CA LEU B 97 -0.91 5.85 -71.40
C LEU B 97 -0.44 7.15 -72.05
N GLU B 98 -1.25 8.21 -71.96
CA GLU B 98 -0.94 9.50 -72.56
C GLU B 98 0.32 10.15 -71.98
N ASN B 99 0.60 9.94 -70.69
CA ASN B 99 1.76 10.55 -70.04
C ASN B 99 2.96 9.58 -69.95
N GLY B 100 2.96 8.55 -70.79
CA GLY B 100 4.06 7.59 -70.87
C GLY B 100 4.41 6.90 -69.57
N LYS B 101 3.42 6.67 -68.69
CA LYS B 101 3.66 5.99 -67.42
C LYS B 101 3.62 4.46 -67.63
N ILE B 102 2.91 4.00 -68.67
CA ILE B 102 2.80 2.58 -69.01
C ILE B 102 2.88 2.37 -70.53
N ASP B 103 3.39 1.21 -70.95
CA ASP B 103 3.50 0.86 -72.36
C ASP B 103 2.17 0.31 -72.87
N GLY B 104 1.35 -0.21 -71.96
CA GLY B 104 0.05 -0.78 -72.31
C GLY B 104 -0.82 -1.02 -71.09
N ALA B 105 -2.13 -1.16 -71.31
CA ALA B 105 -3.09 -1.40 -70.23
C ALA B 105 -3.72 -2.77 -70.40
N ILE B 106 -3.71 -3.60 -69.33
CA ILE B 106 -4.33 -4.93 -69.36
C ILE B 106 -5.76 -4.74 -68.87
N VAL B 107 -6.71 -4.83 -69.80
CA VAL B 107 -8.11 -4.56 -69.51
C VAL B 107 -9.00 -5.69 -70.02
N VAL B 108 -10.25 -5.72 -69.54
CA VAL B 108 -11.21 -6.73 -69.93
C VAL B 108 -12.24 -6.11 -70.88
N GLY B 109 -12.24 -6.57 -72.12
CA GLY B 109 -13.22 -6.17 -73.12
C GLY B 109 -14.30 -7.23 -73.18
N ASP B 110 -15.08 -7.28 -74.26
CA ASP B 110 -16.11 -8.30 -74.36
C ASP B 110 -16.62 -8.52 -75.78
N GLU B 111 -17.16 -9.72 -76.02
CA GLU B 111 -17.77 -10.10 -77.28
C GLU B 111 -19.10 -10.74 -76.89
N CYS B 112 -20.22 -10.01 -77.04
CA CYS B 112 -21.54 -10.50 -76.61
C CYS B 112 -21.56 -10.68 -75.08
N TRP B 113 -20.82 -9.81 -74.35
CA TRP B 113 -20.68 -9.87 -72.89
C TRP B 113 -19.82 -11.04 -72.41
N LYS B 114 -19.13 -11.74 -73.34
CA LYS B 114 -18.19 -12.79 -72.95
C LYS B 114 -16.89 -12.06 -72.72
N PRO B 115 -16.32 -12.06 -71.50
CA PRO B 115 -15.10 -11.28 -71.27
C PRO B 115 -13.91 -11.70 -72.14
N VAL B 116 -13.12 -10.71 -72.57
CA VAL B 116 -11.92 -10.92 -73.37
C VAL B 116 -10.79 -10.06 -72.78
N SER B 117 -9.68 -10.68 -72.39
CA SER B 117 -8.53 -9.95 -71.85
C SER B 117 -7.80 -9.29 -73.02
N LEU B 118 -7.55 -7.97 -72.95
CA LEU B 118 -6.91 -7.23 -74.04
C LEU B 118 -5.72 -6.40 -73.60
N VAL B 119 -4.80 -6.13 -74.54
CA VAL B 119 -3.67 -5.24 -74.33
C VAL B 119 -4.02 -3.97 -75.08
N VAL B 120 -4.17 -2.85 -74.36
CA VAL B 120 -4.53 -1.58 -75.00
C VAL B 120 -3.37 -0.60 -74.91
N GLN B 121 -2.87 -0.11 -76.06
CA GLN B 121 -1.79 0.86 -76.11
C GLN B 121 -2.29 2.22 -76.61
N ASN B 122 -3.56 2.30 -77.06
CA ASN B 122 -4.15 3.56 -77.53
C ASN B 122 -5.35 3.94 -76.65
N ALA B 123 -5.59 5.23 -76.43
CA ALA B 123 -6.74 5.68 -75.61
C ALA B 123 -8.09 5.37 -76.26
N GLU B 124 -8.20 5.46 -77.59
CA GLU B 124 -9.46 5.21 -78.28
C GLU B 124 -9.97 3.81 -78.02
N ASP B 125 -9.05 2.84 -77.95
CA ASP B 125 -9.40 1.45 -77.68
C ASP B 125 -9.77 1.22 -76.21
N LEU B 126 -9.50 2.19 -75.31
CA LEU B 126 -9.84 2.00 -73.90
C LEU B 126 -11.34 2.08 -73.65
N LEU B 127 -12.04 2.93 -74.40
CA LEU B 127 -13.48 3.16 -74.25
C LEU B 127 -14.31 1.89 -74.41
N LYS B 128 -13.88 0.96 -75.28
CA LYS B 128 -14.60 -0.29 -75.52
C LYS B 128 -14.59 -1.23 -74.30
N THR B 129 -13.65 -1.02 -73.37
CA THR B 129 -13.51 -1.88 -72.20
C THR B 129 -14.09 -1.26 -70.92
N ALA B 130 -14.64 -0.04 -71.01
CA ALA B 130 -15.14 0.70 -69.85
C ALA B 130 -16.52 0.28 -69.37
N LYS B 131 -16.62 -0.92 -68.79
CA LYS B 131 -17.88 -1.44 -68.24
C LYS B 131 -17.67 -2.76 -67.52
N SER B 132 -18.43 -3.01 -66.43
CA SER B 132 -18.28 -4.27 -65.70
C SER B 132 -18.79 -5.51 -66.40
N LYS B 133 -17.92 -6.52 -66.49
CA LYS B 133 -18.31 -7.84 -67.04
C LYS B 133 -18.42 -8.76 -65.82
N TYR B 134 -19.64 -9.20 -65.49
CA TYR B 134 -19.85 -10.04 -64.32
C TYR B 134 -19.58 -11.52 -64.57
N ALA B 135 -19.23 -11.88 -65.81
CA ALA B 135 -18.85 -13.25 -66.14
C ALA B 135 -17.36 -13.41 -65.81
N ILE B 136 -16.88 -14.65 -65.66
CA ILE B 136 -15.48 -14.92 -65.30
C ILE B 136 -14.52 -14.29 -66.32
N SER B 137 -13.54 -13.53 -65.82
CA SER B 137 -12.52 -12.88 -66.66
C SER B 137 -11.19 -13.61 -66.50
N THR B 138 -10.25 -13.33 -67.41
CA THR B 138 -8.91 -13.93 -67.39
C THR B 138 -7.87 -12.81 -67.33
N LEU B 139 -6.58 -13.18 -67.21
CA LEU B 139 -5.47 -12.21 -67.20
C LEU B 139 -4.58 -12.50 -68.41
N ASP B 140 -5.12 -13.24 -69.41
CA ASP B 140 -4.41 -13.70 -70.61
C ASP B 140 -3.64 -12.62 -71.39
N ALA B 141 -4.14 -11.37 -71.43
CA ALA B 141 -3.48 -10.28 -72.15
C ALA B 141 -2.12 -9.92 -71.55
N LEU B 142 -1.90 -10.26 -70.27
CA LEU B 142 -0.62 -10.00 -69.63
C LEU B 142 0.46 -10.87 -70.26
N ARG B 143 0.08 -12.08 -70.71
CA ARG B 143 1.00 -12.98 -71.40
C ARG B 143 1.25 -12.44 -72.81
N LYS B 144 0.23 -11.87 -73.46
CA LYS B 144 0.36 -11.28 -74.80
C LYS B 144 1.29 -10.07 -74.74
N ALA B 145 1.12 -9.23 -73.72
CA ALA B 145 1.95 -8.05 -73.51
C ALA B 145 3.43 -8.45 -73.38
N GLY B 146 3.68 -9.59 -72.75
CA GLY B 146 5.02 -10.12 -72.58
C GLY B 146 5.62 -10.56 -73.90
N GLU B 147 4.83 -11.27 -74.72
CA GLU B 147 5.28 -11.71 -76.04
C GLU B 147 5.54 -10.50 -76.94
N MET B 148 4.79 -9.39 -76.72
CA MET B 148 4.96 -8.15 -77.49
C MET B 148 6.23 -7.40 -77.08
N GLY B 149 6.70 -7.66 -75.87
CA GLY B 149 7.91 -7.02 -75.35
C GLY B 149 7.64 -5.73 -74.61
N LEU B 150 6.39 -5.50 -74.16
CA LEU B 150 6.05 -4.29 -73.41
C LEU B 150 6.82 -4.29 -72.09
N GLU B 151 7.40 -3.15 -71.72
CA GLU B 151 8.22 -3.03 -70.52
C GLU B 151 7.36 -2.85 -69.26
N LYS B 152 6.45 -1.87 -69.27
CA LYS B 152 5.59 -1.57 -68.11
C LYS B 152 4.12 -1.60 -68.49
N VAL B 153 3.26 -2.12 -67.61
CA VAL B 153 1.81 -2.15 -67.87
C VAL B 153 1.01 -1.85 -66.60
N ALA B 154 -0.26 -1.50 -66.79
CA ALA B 154 -1.20 -1.28 -65.70
C ALA B 154 -2.23 -2.39 -65.83
N VAL B 155 -2.60 -3.03 -64.73
CA VAL B 155 -3.56 -4.14 -64.80
C VAL B 155 -4.76 -3.83 -63.93
N VAL B 156 -5.96 -4.05 -64.50
CA VAL B 156 -7.21 -3.90 -63.76
C VAL B 156 -7.64 -5.33 -63.41
N GLY B 157 -8.02 -5.56 -62.16
CA GLY B 157 -8.43 -6.90 -61.76
C GLY B 157 -9.32 -6.96 -60.55
N LEU B 158 -9.96 -8.11 -60.37
CA LEU B 158 -10.81 -8.36 -59.21
C LEU B 158 -9.88 -8.64 -58.05
N PRO B 159 -10.33 -8.46 -56.79
CA PRO B 159 -9.44 -8.69 -55.65
C PRO B 159 -8.60 -9.97 -55.77
N CYS B 160 -9.22 -11.10 -56.20
CA CYS B 160 -8.51 -12.37 -56.36
C CYS B 160 -7.38 -12.27 -57.38
N GLN B 161 -7.61 -11.53 -58.48
CA GLN B 161 -6.62 -11.34 -59.52
C GLN B 161 -5.48 -10.44 -59.03
N ILE B 162 -5.81 -9.41 -58.24
CA ILE B 162 -4.81 -8.52 -57.67
C ILE B 162 -3.91 -9.32 -56.71
N ASN B 163 -4.52 -10.23 -55.92
CA ASN B 163 -3.81 -11.05 -54.97
C ASN B 163 -2.83 -12.00 -55.64
N GLY B 164 -3.22 -12.60 -56.75
CA GLY B 164 -2.35 -13.49 -57.49
C GLY B 164 -1.21 -12.73 -58.15
N LEU B 165 -1.49 -11.52 -58.65
CA LEU B 165 -0.48 -10.68 -59.30
C LEU B 165 0.50 -10.10 -58.28
N ARG B 166 0.04 -9.87 -57.04
CA ARG B 166 0.95 -9.40 -55.99
C ARG B 166 1.88 -10.56 -55.63
N LYS B 167 1.36 -11.80 -55.66
CA LYS B 167 2.17 -12.99 -55.40
C LYS B 167 3.21 -13.18 -56.51
N LEU B 168 2.89 -12.74 -57.72
CA LEU B 168 3.83 -12.82 -58.84
C LEU B 168 4.93 -11.77 -58.65
N GLN B 169 4.57 -10.55 -58.21
CA GLN B 169 5.53 -9.47 -57.97
C GLN B 169 6.52 -9.85 -56.85
N TYR B 170 6.01 -10.47 -55.78
CA TYR B 170 6.82 -10.83 -54.62
C TYR B 170 7.11 -12.33 -54.61
N PHE B 171 7.19 -12.95 -55.79
CA PHE B 171 7.38 -14.39 -55.93
C PHE B 171 8.45 -15.01 -55.02
N PRO B 172 9.69 -14.51 -55.05
CA PRO B 172 10.75 -15.14 -54.23
C PRO B 172 10.53 -15.14 -52.72
N TYR B 173 9.81 -14.14 -52.21
CA TYR B 173 9.59 -13.97 -50.78
C TYR B 173 8.69 -15.05 -50.16
N HIS B 174 7.80 -15.65 -50.95
CA HIS B 174 6.94 -16.73 -50.47
C HIS B 174 7.31 -18.07 -51.13
N ALA B 175 7.75 -18.06 -52.41
CA ALA B 175 8.13 -19.28 -53.12
C ALA B 175 9.49 -19.80 -52.66
N LYS B 176 10.37 -18.90 -52.17
CA LYS B 176 11.70 -19.22 -51.68
C LYS B 176 12.72 -19.53 -52.80
N HIS B 177 12.38 -19.21 -54.06
CA HIS B 177 13.28 -19.41 -55.19
C HIS B 177 12.85 -18.46 -56.32
N ASP B 178 13.59 -18.44 -57.43
CA ASP B 178 13.28 -17.55 -58.55
C ASP B 178 12.22 -18.14 -59.48
N LEU B 179 11.74 -17.34 -60.44
CA LEU B 179 10.71 -17.76 -61.39
C LEU B 179 11.09 -19.08 -62.06
N GLU B 180 10.10 -19.96 -62.26
CA GLU B 180 10.35 -21.29 -62.85
C GLU B 180 10.89 -21.17 -64.28
N LEU B 181 11.87 -22.00 -64.62
CA LEU B 181 12.46 -22.03 -65.95
C LEU B 181 11.70 -23.04 -66.80
N GLY B 182 11.39 -22.68 -68.04
CA GLY B 182 10.69 -23.56 -68.95
C GLY B 182 11.63 -24.56 -69.60
N ARG B 183 11.18 -25.27 -70.63
CA ARG B 183 12.01 -26.26 -71.34
C ARG B 183 13.20 -25.57 -72.02
N ASN B 184 13.04 -24.31 -72.43
CA ASN B 184 14.10 -23.55 -73.08
C ASN B 184 15.07 -22.93 -72.07
N GLY B 185 14.86 -23.22 -70.78
CA GLY B 185 15.71 -22.74 -69.70
C GLY B 185 15.52 -21.28 -69.34
N LYS B 186 14.38 -20.70 -69.72
CA LYS B 186 14.12 -19.30 -69.45
C LYS B 186 12.80 -19.14 -68.72
N PRO B 187 12.65 -18.10 -67.89
CA PRO B 187 11.37 -17.90 -67.20
C PRO B 187 10.32 -17.32 -68.14
N VAL B 188 9.08 -17.26 -67.68
CA VAL B 188 7.99 -16.71 -68.46
C VAL B 188 8.28 -15.26 -68.83
N LYS B 189 7.94 -14.85 -70.06
CA LYS B 189 8.16 -13.48 -70.48
C LYS B 189 6.91 -12.66 -70.13
N LEU B 190 7.02 -11.79 -69.13
CA LEU B 190 5.90 -10.96 -68.68
C LEU B 190 6.39 -9.53 -68.50
N PRO B 191 5.54 -8.53 -68.75
CA PRO B 191 5.97 -7.13 -68.54
C PRO B 191 6.01 -6.81 -67.05
N LYS B 192 6.61 -5.67 -66.69
CA LYS B 192 6.64 -5.21 -65.31
C LYS B 192 5.25 -4.64 -65.00
N ILE B 193 4.60 -5.10 -63.92
CA ILE B 193 3.29 -4.57 -63.56
C ILE B 193 3.52 -3.30 -62.74
N GLU B 194 3.49 -2.14 -63.39
CA GLU B 194 3.74 -0.85 -62.75
C GLU B 194 2.56 -0.42 -61.88
N TYR B 195 1.32 -0.69 -62.31
CA TYR B 195 0.13 -0.32 -61.54
C TYR B 195 -0.85 -1.48 -61.43
N LEU B 196 -1.42 -1.68 -60.24
CA LEU B 196 -2.43 -2.71 -60.01
C LEU B 196 -3.71 -2.00 -59.58
N ILE B 197 -4.68 -1.89 -60.50
CA ILE B 197 -5.95 -1.22 -60.22
C ILE B 197 -6.96 -2.30 -59.83
N GLY B 198 -7.38 -2.28 -58.58
CA GLY B 198 -8.33 -3.26 -58.07
C GLY B 198 -9.76 -2.77 -58.09
N LEU B 199 -10.71 -3.69 -58.31
CA LEU B 199 -12.13 -3.34 -58.30
C LEU B 199 -12.76 -3.89 -57.04
N PHE B 200 -13.81 -3.24 -56.51
CA PHE B 200 -14.55 -3.81 -55.39
C PHE B 200 -15.25 -5.02 -55.99
N CYS B 201 -15.50 -6.08 -55.21
CA CYS B 201 -16.09 -7.28 -55.81
C CYS B 201 -16.86 -8.09 -54.80
N THR B 202 -18.07 -8.52 -55.18
CA THR B 202 -18.88 -9.39 -54.32
C THR B 202 -18.95 -10.79 -54.91
N GLU B 203 -18.98 -10.91 -56.25
CA GLU B 203 -19.08 -12.21 -56.91
C GLU B 203 -18.96 -12.09 -58.43
N LYS B 204 -18.82 -13.22 -59.09
CA LYS B 204 -18.79 -13.32 -60.56
C LYS B 204 -19.52 -14.60 -60.95
N PHE B 205 -19.95 -14.73 -62.21
CA PHE B 205 -20.72 -15.89 -62.66
C PHE B 205 -20.14 -16.51 -63.91
N ARG B 206 -20.58 -17.74 -64.22
CA ARG B 206 -20.19 -18.41 -65.48
C ARG B 206 -20.97 -17.74 -66.61
N TYR B 207 -20.32 -17.47 -67.75
CA TYR B 207 -20.97 -16.80 -68.87
C TYR B 207 -22.23 -17.54 -69.37
N ASP B 208 -22.14 -18.87 -69.56
CA ASP B 208 -23.27 -19.64 -70.05
C ASP B 208 -24.44 -19.63 -69.06
N ASN B 209 -24.15 -19.58 -67.75
CA ASN B 209 -25.19 -19.51 -66.75
C ASN B 209 -25.94 -18.17 -66.88
N MET B 210 -25.20 -17.06 -67.04
CA MET B 210 -25.80 -15.74 -67.22
C MET B 210 -26.67 -15.74 -68.46
N LYS B 211 -26.11 -16.22 -69.58
CA LYS B 211 -26.83 -16.28 -70.85
C LYS B 211 -28.11 -17.13 -70.75
N GLU B 212 -28.01 -18.31 -70.13
CA GLU B 212 -29.16 -19.22 -69.99
C GLU B 212 -30.24 -18.62 -69.10
N VAL B 213 -29.86 -18.00 -67.96
CA VAL B 213 -30.83 -17.38 -67.05
C VAL B 213 -31.52 -16.20 -67.74
N LEU B 214 -30.78 -15.41 -68.53
CA LEU B 214 -31.36 -14.28 -69.25
C LEU B 214 -32.28 -14.78 -70.37
N SER B 215 -31.87 -15.85 -71.08
CA SER B 215 -32.67 -16.42 -72.15
C SER B 215 -34.01 -16.92 -71.61
N LYS B 216 -34.00 -17.58 -70.45
CA LYS B 216 -35.22 -18.07 -69.82
C LYS B 216 -36.19 -16.91 -69.50
N HIS B 217 -35.66 -15.71 -69.28
CA HIS B 217 -36.52 -14.53 -68.93
C HIS B 217 -36.90 -13.76 -70.20
N GLY B 218 -36.53 -14.28 -71.37
CA GLY B 218 -36.77 -13.62 -72.65
C GLY B 218 -35.79 -12.52 -72.99
N ILE B 219 -34.60 -12.52 -72.37
CA ILE B 219 -33.59 -11.49 -72.63
C ILE B 219 -32.41 -12.08 -73.41
N ASP B 220 -32.04 -11.45 -74.53
CA ASP B 220 -30.92 -11.87 -75.34
C ASP B 220 -29.68 -11.17 -74.76
N ILE B 221 -28.72 -11.93 -74.22
CA ILE B 221 -27.54 -11.33 -73.61
C ILE B 221 -26.83 -10.34 -74.58
N GLU B 222 -26.82 -10.61 -75.90
CA GLU B 222 -26.19 -9.68 -76.86
C GLU B 222 -26.89 -8.31 -76.89
N LYS B 223 -28.21 -8.29 -76.69
CA LYS B 223 -29.01 -7.06 -76.72
C LYS B 223 -28.77 -6.17 -75.49
N VAL B 224 -28.24 -6.74 -74.39
CA VAL B 224 -28.04 -5.99 -73.15
C VAL B 224 -27.05 -4.83 -73.33
N GLU B 225 -27.47 -3.61 -72.93
CA GLU B 225 -26.65 -2.41 -73.04
C GLU B 225 -25.69 -2.29 -71.85
N LYS B 226 -26.16 -2.63 -70.63
CA LYS B 226 -25.33 -2.50 -69.43
C LYS B 226 -25.80 -3.46 -68.33
N PHE B 227 -24.87 -3.83 -67.43
CA PHE B 227 -25.15 -4.67 -66.28
C PHE B 227 -24.73 -3.91 -65.02
N ASP B 228 -25.31 -4.25 -63.86
CA ASP B 228 -24.94 -3.60 -62.61
C ASP B 228 -25.37 -4.43 -61.42
N ILE B 229 -24.63 -4.36 -60.31
CA ILE B 229 -24.97 -5.08 -59.08
C ILE B 229 -25.29 -4.06 -57.99
N LYS B 230 -26.50 -4.10 -57.44
CA LYS B 230 -26.88 -3.20 -56.37
C LYS B 230 -27.93 -3.82 -55.47
N LYS B 231 -27.69 -3.78 -54.15
CA LYS B 231 -28.61 -4.29 -53.14
C LYS B 231 -28.99 -5.76 -53.35
N GLY B 232 -28.00 -6.60 -53.59
CA GLY B 232 -28.20 -8.03 -53.78
C GLY B 232 -29.03 -8.40 -55.00
N LYS B 233 -29.00 -7.54 -56.03
CA LYS B 233 -29.75 -7.77 -57.27
C LYS B 233 -28.86 -7.46 -58.47
N LEU B 234 -29.12 -8.13 -59.60
CA LEU B 234 -28.41 -7.87 -60.84
C LEU B 234 -29.31 -7.05 -61.76
N LEU B 235 -28.90 -5.82 -62.06
CA LEU B 235 -29.67 -4.93 -62.93
C LEU B 235 -29.24 -5.16 -64.38
N VAL B 236 -30.21 -5.37 -65.28
CA VAL B 236 -29.93 -5.61 -66.69
C VAL B 236 -30.62 -4.53 -67.52
N TYR B 237 -29.84 -3.69 -68.20
CA TYR B 237 -30.40 -2.61 -69.02
C TYR B 237 -30.51 -3.07 -70.46
N VAL B 238 -31.75 -3.33 -70.92
CA VAL B 238 -32.01 -3.79 -72.27
C VAL B 238 -33.25 -3.07 -72.84
N ASN B 239 -33.13 -2.51 -74.05
CA ASN B 239 -34.21 -1.80 -74.74
C ASN B 239 -34.78 -0.63 -73.92
N GLY B 240 -33.89 0.17 -73.35
CA GLY B 240 -34.26 1.33 -72.55
C GLY B 240 -35.02 1.01 -71.28
N GLU B 241 -34.88 -0.21 -70.75
CA GLU B 241 -35.56 -0.62 -69.52
C GLU B 241 -34.57 -1.28 -68.56
N LYS B 242 -34.83 -1.17 -67.26
CA LYS B 242 -33.99 -1.81 -66.24
C LYS B 242 -34.74 -3.04 -65.74
N LYS B 243 -34.26 -4.24 -66.10
CA LYS B 243 -34.90 -5.49 -65.69
C LYS B 243 -34.11 -6.09 -64.54
N GLU B 244 -34.67 -6.03 -63.33
CA GLU B 244 -34.01 -6.50 -62.13
C GLU B 244 -34.07 -8.02 -61.97
N PHE B 245 -32.98 -8.62 -61.48
CA PHE B 245 -32.88 -10.05 -61.23
C PHE B 245 -32.30 -10.25 -59.86
N ASP B 246 -32.77 -11.24 -59.11
CA ASP B 246 -32.15 -11.54 -57.82
C ASP B 246 -30.83 -12.25 -58.13
N LEU B 247 -29.76 -11.95 -57.38
CA LEU B 247 -28.45 -12.58 -57.61
C LEU B 247 -28.53 -14.09 -57.41
N LYS B 248 -29.48 -14.59 -56.61
CA LYS B 248 -29.65 -16.02 -56.37
C LYS B 248 -30.08 -16.76 -57.64
N GLU B 249 -30.65 -16.02 -58.60
CA GLU B 249 -31.11 -16.64 -59.88
C GLU B 249 -29.90 -17.26 -60.58
N PHE B 250 -28.74 -16.60 -60.48
CA PHE B 250 -27.52 -17.05 -61.15
C PHE B 250 -26.72 -17.88 -60.16
N GLU B 251 -25.87 -18.77 -60.67
CA GLU B 251 -25.05 -19.66 -59.86
C GLU B 251 -23.71 -19.00 -59.54
N ILE B 252 -23.57 -18.48 -58.30
CA ILE B 252 -22.33 -17.84 -57.85
C ILE B 252 -21.18 -18.85 -57.92
N CYS B 253 -20.00 -18.42 -58.37
CA CYS B 253 -18.84 -19.30 -58.45
C CYS B 253 -18.44 -19.73 -57.05
N SER B 254 -18.20 -21.03 -56.83
CA SER B 254 -17.87 -21.57 -55.51
C SER B 254 -16.71 -20.83 -54.83
N GLY B 255 -15.72 -20.41 -55.60
CA GLY B 255 -14.57 -19.68 -55.08
C GLY B 255 -14.93 -18.33 -54.49
N CYS B 256 -16.01 -17.70 -54.97
CA CYS B 256 -16.46 -16.41 -54.46
C CYS B 256 -17.00 -16.56 -53.04
N LYS B 257 -17.58 -17.72 -52.73
CA LYS B 257 -18.09 -18.00 -51.39
C LYS B 257 -16.93 -18.18 -50.39
N MET B 258 -15.71 -18.44 -50.88
CA MET B 258 -14.53 -18.57 -50.03
C MET B 258 -13.69 -17.29 -50.04
N CYS B 259 -14.19 -16.20 -50.64
CA CYS B 259 -13.46 -14.95 -50.74
C CYS B 259 -13.65 -14.06 -49.50
N ARG B 260 -12.56 -13.46 -49.03
CA ARG B 260 -12.58 -12.55 -47.87
C ARG B 260 -12.34 -11.09 -48.30
N ASP B 261 -11.77 -10.87 -49.50
CA ASP B 261 -11.38 -9.54 -49.99
C ASP B 261 -12.48 -8.87 -50.80
N PHE B 262 -13.13 -7.83 -50.25
CA PHE B 262 -14.18 -7.13 -50.96
C PHE B 262 -13.64 -5.94 -51.75
N ASP B 263 -12.83 -5.10 -51.10
CA ASP B 263 -12.33 -3.86 -51.69
C ASP B 263 -10.95 -3.95 -52.38
N ALA B 264 -10.44 -5.17 -52.65
CA ALA B 264 -9.12 -5.35 -53.27
C ALA B 264 -8.05 -4.60 -52.46
N GLU B 265 -7.94 -4.96 -51.18
CA GLU B 265 -7.04 -4.32 -50.22
C GLU B 265 -5.54 -4.31 -50.60
N MET B 266 -5.11 -5.12 -51.57
CA MET B 266 -3.69 -5.13 -51.96
C MET B 266 -3.43 -4.38 -53.26
N ALA B 267 -4.43 -3.68 -53.80
CA ALA B 267 -4.26 -2.92 -55.05
C ALA B 267 -3.59 -1.57 -54.77
N ASP B 268 -2.92 -0.99 -55.77
CA ASP B 268 -2.31 0.33 -55.63
C ASP B 268 -3.43 1.36 -55.40
N VAL B 269 -4.56 1.17 -56.11
CA VAL B 269 -5.75 1.99 -55.96
C VAL B 269 -6.96 1.09 -56.19
N SER B 270 -7.98 1.19 -55.34
CA SER B 270 -9.16 0.36 -55.46
C SER B 270 -10.33 1.21 -55.89
N VAL B 271 -11.03 0.81 -56.96
CA VAL B 271 -12.18 1.56 -57.47
C VAL B 271 -13.45 0.72 -57.36
N GLY B 272 -14.49 1.31 -56.83
CA GLY B 272 -15.76 0.62 -56.65
C GLY B 272 -16.97 1.53 -56.72
N CYS B 273 -18.15 0.98 -56.46
CA CYS B 273 -19.39 1.74 -56.51
C CYS B 273 -19.89 2.10 -55.11
N VAL B 274 -19.88 1.13 -54.17
CA VAL B 274 -20.38 1.36 -52.80
C VAL B 274 -19.67 2.53 -52.09
N GLY B 275 -20.42 3.33 -51.35
CA GLY B 275 -19.89 4.46 -50.60
C GLY B 275 -19.85 5.78 -51.35
N SER B 276 -20.29 5.78 -52.62
CA SER B 276 -20.29 7.01 -53.42
C SER B 276 -21.63 7.17 -54.15
N PRO B 277 -21.98 8.40 -54.57
CA PRO B 277 -23.25 8.58 -55.30
C PRO B 277 -23.28 7.89 -56.66
N ASP B 278 -24.47 7.71 -57.23
CA ASP B 278 -24.60 7.08 -58.55
C ASP B 278 -23.97 8.00 -59.60
N GLY B 279 -23.23 7.40 -60.53
CA GLY B 279 -22.51 8.13 -61.56
C GLY B 279 -21.09 8.48 -61.12
N TYR B 280 -20.71 8.06 -59.91
CA TYR B 280 -19.37 8.31 -59.36
C TYR B 280 -18.74 7.00 -58.97
N SER B 281 -17.42 6.99 -58.83
CA SER B 281 -16.70 5.80 -58.40
C SER B 281 -15.97 6.09 -57.11
N THR B 282 -16.06 5.15 -56.15
CA THR B 282 -15.34 5.23 -54.89
C THR B 282 -13.88 4.90 -55.17
N ILE B 283 -12.95 5.67 -54.60
CA ILE B 283 -11.53 5.47 -54.84
C ILE B 283 -10.80 5.30 -53.51
N ILE B 284 -10.06 4.19 -53.33
CA ILE B 284 -9.24 3.99 -52.13
C ILE B 284 -7.79 3.92 -52.58
N ILE B 285 -7.01 5.00 -52.36
CA ILE B 285 -5.59 5.05 -52.72
C ILE B 285 -4.81 4.37 -51.61
N ARG B 286 -3.96 3.39 -51.95
CA ARG B 286 -3.20 2.65 -50.94
C ARG B 286 -1.69 2.78 -51.08
N THR B 287 -1.19 3.19 -52.25
CA THR B 287 0.26 3.31 -52.46
C THR B 287 0.58 4.56 -53.26
N GLU B 288 1.88 4.89 -53.38
CA GLU B 288 2.36 6.05 -54.12
C GLU B 288 2.04 5.92 -55.61
N LYS B 289 1.91 4.68 -56.12
CA LYS B 289 1.55 4.46 -57.52
C LYS B 289 0.08 4.83 -57.71
N GLY B 290 -0.75 4.48 -56.72
CA GLY B 290 -2.17 4.78 -56.73
C GLY B 290 -2.47 6.27 -56.60
N GLU B 291 -1.53 7.01 -55.97
CA GLU B 291 -1.67 8.46 -55.78
C GLU B 291 -1.76 9.20 -57.12
N GLU B 292 -1.19 8.61 -58.19
CA GLU B 292 -1.19 9.23 -59.51
C GLU B 292 -2.59 9.45 -60.07
N ILE B 293 -3.62 8.85 -59.44
CA ILE B 293 -5.02 9.02 -59.87
C ILE B 293 -5.49 10.48 -59.72
N LYS B 294 -4.88 11.25 -58.80
CA LYS B 294 -5.22 12.67 -58.58
C LYS B 294 -5.03 13.52 -59.84
N ASN B 295 -4.09 13.13 -60.72
CA ASN B 295 -3.82 13.85 -61.96
C ASN B 295 -4.80 13.44 -63.07
N ALA B 296 -5.42 12.26 -62.95
CA ALA B 296 -6.35 11.77 -63.97
C ALA B 296 -7.79 12.24 -63.74
N VAL B 297 -8.24 12.30 -62.48
CA VAL B 297 -9.60 12.75 -62.14
C VAL B 297 -9.58 13.73 -60.98
N GLU B 298 -10.65 14.53 -60.84
CA GLU B 298 -10.78 15.49 -59.74
C GLU B 298 -11.32 14.75 -58.53
N LEU B 299 -10.45 14.50 -57.53
CA LEU B 299 -10.83 13.76 -56.33
C LEU B 299 -11.69 14.61 -55.39
N LYS B 300 -12.75 14.00 -54.86
CA LYS B 300 -13.68 14.70 -53.92
C LYS B 300 -13.83 13.87 -52.63
N GLU B 301 -13.79 14.54 -51.48
CA GLU B 301 -13.93 13.88 -50.18
C GLU B 301 -15.41 13.76 -49.84
N GLY B 302 -15.74 12.86 -48.94
CA GLY B 302 -17.11 12.61 -48.52
C GLY B 302 -17.60 11.21 -48.82
N VAL B 303 -16.70 10.23 -48.82
CA VAL B 303 -17.06 8.83 -49.07
C VAL B 303 -17.76 8.29 -47.83
N ASN B 304 -18.81 7.49 -48.02
CA ASN B 304 -19.52 6.88 -46.91
C ASN B 304 -18.75 5.62 -46.52
N LEU B 305 -17.89 5.73 -45.51
CA LEU B 305 -17.06 4.61 -45.07
C LEU B 305 -17.87 3.46 -44.49
N GLU B 306 -19.02 3.76 -43.85
CA GLU B 306 -19.88 2.75 -43.24
C GLU B 306 -20.46 1.80 -44.29
N GLU B 307 -20.86 2.32 -45.48
CA GLU B 307 -21.42 1.47 -46.54
CA GLU B 307 -21.42 1.48 -46.54
C GLU B 307 -20.38 0.48 -47.04
N ILE B 308 -19.11 0.91 -47.15
CA ILE B 308 -18.01 0.06 -47.61
C ILE B 308 -17.72 -1.03 -46.57
N GLU B 309 -17.72 -0.66 -45.28
CA GLU B 309 -17.47 -1.60 -44.19
C GLU B 309 -18.60 -2.61 -44.05
N LYS B 310 -19.86 -2.21 -44.36
CA LYS B 310 -20.99 -3.14 -44.31
C LYS B 310 -20.75 -4.28 -45.31
N LEU B 311 -20.31 -3.92 -46.52
CA LEU B 311 -20.01 -4.89 -47.59
C LEU B 311 -18.85 -5.81 -47.20
N ARG B 312 -17.83 -5.27 -46.53
CA ARG B 312 -16.69 -6.06 -46.07
C ARG B 312 -17.16 -7.12 -45.09
N GLN B 313 -18.05 -6.73 -44.15
CA GLN B 313 -18.58 -7.64 -43.15
C GLN B 313 -19.52 -8.67 -43.76
N LEU B 314 -20.32 -8.29 -44.76
CA LEU B 314 -21.23 -9.23 -45.42
C LEU B 314 -20.43 -10.29 -46.16
N LYS B 315 -19.34 -9.89 -46.81
CA LYS B 315 -18.47 -10.81 -47.55
C LYS B 315 -17.74 -11.75 -46.58
N LEU B 316 -17.31 -11.22 -45.42
CA LEU B 316 -16.61 -12.02 -44.42
C LEU B 316 -17.57 -13.02 -43.74
N LYS B 317 -18.83 -12.62 -43.53
CA LYS B 317 -19.85 -13.48 -42.95
C LYS B 317 -20.17 -14.62 -43.91
N ARG B 318 -20.24 -14.31 -45.22
CA ARG B 318 -20.50 -15.32 -46.24
C ARG B 318 -19.34 -16.30 -46.29
N PHE B 319 -18.10 -15.78 -46.14
CA PHE B 319 -16.90 -16.61 -46.14
C PHE B 319 -16.92 -17.56 -44.94
N LYS B 320 -17.20 -17.03 -43.74
CA LYS B 320 -17.28 -17.83 -42.52
C LYS B 320 -18.37 -18.89 -42.62
N LYS B 321 -19.49 -18.57 -43.26
CA LYS B 321 -20.59 -19.51 -43.46
C LYS B 321 -20.15 -20.67 -44.36
N GLU B 322 -19.39 -20.36 -45.42
CA GLU B 322 -18.92 -21.37 -46.37
C GLU B 322 -17.87 -22.28 -45.75
N VAL B 323 -16.94 -21.71 -44.97
CA VAL B 323 -15.89 -22.49 -44.31
C VAL B 323 -16.51 -23.44 -43.29
N GLU B 324 -17.53 -22.98 -42.54
CA GLU B 324 -18.20 -23.81 -41.56
C GLU B 324 -18.97 -24.93 -42.24
N ARG B 325 -19.60 -24.63 -43.40
CA ARG B 325 -20.35 -25.62 -44.16
C ARG B 325 -19.42 -26.72 -44.67
N ARG B 326 -18.24 -26.35 -45.18
CA ARG B 326 -17.27 -27.33 -45.66
C ARG B 326 -16.78 -28.20 -44.51
N ARG B 327 -16.53 -27.61 -43.34
CA ARG B 327 -16.08 -28.36 -42.17
C ARG B 327 -17.12 -29.41 -41.77
N GLU B 328 -18.40 -28.99 -41.68
CA GLU B 328 -19.48 -29.89 -41.28
C GLU B 328 -19.71 -31.01 -42.30
N ASN B 329 -19.46 -30.75 -43.60
CA ASN B 329 -19.66 -31.77 -44.63
C ASN B 329 -18.35 -32.48 -45.00
N ASN B 330 -17.28 -32.27 -44.22
CA ASN B 330 -15.98 -32.90 -44.46
C ASN B 330 -15.44 -32.62 -45.87
N GLU B 331 -15.61 -31.38 -46.34
CA GLU B 331 -15.11 -30.99 -47.66
C GLU B 331 -13.73 -30.38 -47.52
N TYR B 332 -12.95 -30.39 -48.61
CA TYR B 332 -11.59 -29.86 -48.59
C TYR B 332 -11.60 -28.35 -48.34
N VAL B 333 -10.70 -27.88 -47.46
CA VAL B 333 -10.52 -26.47 -47.17
C VAL B 333 -9.03 -26.13 -47.29
N SER B 334 -8.70 -25.08 -48.03
CA SER B 334 -7.33 -24.58 -48.13
C SER B 334 -7.28 -23.36 -47.22
N PHE B 335 -6.50 -23.42 -46.14
CA PHE B 335 -6.45 -22.31 -45.17
C PHE B 335 -5.45 -21.25 -45.65
N TYR B 336 -5.74 -20.67 -46.82
CA TYR B 336 -4.87 -19.70 -47.49
C TYR B 336 -4.70 -18.38 -46.72
N TRP B 337 -5.69 -18.03 -45.89
CA TRP B 337 -5.68 -16.79 -45.10
C TRP B 337 -4.75 -16.87 -43.89
N THR B 338 -4.22 -18.04 -43.55
CA THR B 338 -3.29 -18.16 -42.44
C THR B 338 -2.01 -17.35 -42.73
N ALA B 339 -1.68 -17.15 -44.02
CA ALA B 339 -0.53 -16.37 -44.43
C ALA B 339 -0.78 -14.86 -44.33
N ASP B 340 -1.97 -14.44 -43.83
CA ASP B 340 -2.28 -13.03 -43.59
C ASP B 340 -1.57 -12.58 -42.33
N TYR B 341 -1.13 -13.53 -41.49
CA TYR B 341 -0.49 -13.23 -40.21
C TYR B 341 0.94 -13.72 -40.17
N GLY B 342 1.71 -13.16 -39.23
CA GLY B 342 3.10 -13.54 -39.01
C GLY B 342 3.19 -14.63 -37.96
N GLY B 343 4.30 -15.36 -37.99
CA GLY B 343 4.56 -16.44 -37.03
C GLY B 343 3.76 -17.70 -37.27
N ILE B 344 3.29 -17.93 -38.51
CA ILE B 344 2.50 -19.13 -38.82
C ILE B 344 3.34 -20.12 -39.61
N GLY B 345 3.28 -21.38 -39.20
CA GLY B 345 4.00 -22.46 -39.85
C GLY B 345 3.17 -23.73 -39.90
N LYS B 346 3.46 -24.60 -40.86
CA LYS B 346 2.72 -25.84 -41.01
C LYS B 346 3.58 -27.01 -40.52
N ARG B 347 3.03 -27.83 -39.63
CA ARG B 347 3.76 -28.97 -39.08
C ARG B 347 3.78 -30.12 -40.08
N ALA B 348 4.60 -31.14 -39.80
CA ALA B 348 4.72 -32.31 -40.67
C ALA B 348 3.40 -33.11 -40.74
N ASP B 349 2.58 -33.06 -39.68
CA ASP B 349 1.33 -33.82 -39.61
C ASP B 349 0.13 -33.10 -40.24
N GLY B 350 0.33 -31.90 -40.77
CA GLY B 350 -0.75 -31.16 -41.43
C GLY B 350 -1.34 -30.04 -40.59
N THR B 351 -1.17 -30.10 -39.25
CA THR B 351 -1.69 -29.05 -38.37
C THR B 351 -0.72 -27.86 -38.41
N TYR B 352 -1.05 -26.78 -37.70
CA TYR B 352 -0.23 -25.58 -37.68
C TYR B 352 0.42 -25.36 -36.33
N PHE B 353 1.44 -24.50 -36.31
CA PHE B 353 2.07 -24.03 -35.08
C PHE B 353 2.03 -22.51 -35.16
N ILE B 354 1.81 -21.83 -34.03
CA ILE B 354 1.75 -20.38 -34.00
C ILE B 354 2.91 -19.90 -33.13
N ARG B 355 3.82 -19.12 -33.73
CA ARG B 355 5.00 -18.60 -33.04
C ARG B 355 4.73 -17.21 -32.48
N VAL B 356 4.86 -17.07 -31.16
CA VAL B 356 4.75 -15.78 -30.50
C VAL B 356 6.13 -15.15 -30.61
N ARG B 357 6.22 -13.93 -31.18
CA ARG B 357 7.52 -13.25 -31.29
C ARG B 357 8.09 -13.09 -29.88
N ALA B 358 9.32 -13.59 -29.65
CA ALA B 358 9.94 -13.52 -28.32
C ALA B 358 9.96 -12.12 -27.75
N LYS B 359 9.63 -11.97 -26.47
CA LYS B 359 9.65 -10.68 -25.79
C LYS B 359 11.08 -10.28 -25.47
N PRO B 360 11.41 -8.98 -25.47
CA PRO B 360 12.80 -8.56 -25.19
C PRO B 360 13.38 -9.13 -23.89
N GLY B 361 14.54 -9.77 -24.00
CA GLY B 361 15.24 -10.34 -22.85
C GLY B 361 14.68 -11.66 -22.34
N GLY B 362 13.66 -12.18 -23.02
CA GLY B 362 13.01 -13.42 -22.60
C GLY B 362 12.16 -13.25 -21.35
N TRP B 363 11.81 -12.00 -21.00
CA TRP B 363 11.01 -11.69 -19.83
C TRP B 363 9.53 -11.69 -20.21
N TYR B 364 8.73 -12.50 -19.51
CA TYR B 364 7.29 -12.60 -19.78
C TYR B 364 6.49 -12.31 -18.53
N LYS B 365 5.39 -11.56 -18.67
CA LYS B 365 4.51 -11.25 -17.55
C LYS B 365 3.68 -12.49 -17.23
N PRO B 366 3.30 -12.71 -15.95
CA PRO B 366 2.45 -13.88 -15.65
C PRO B 366 1.16 -13.91 -16.48
N GLU B 367 0.58 -12.74 -16.76
CA GLU B 367 -0.64 -12.65 -17.57
C GLU B 367 -0.39 -13.14 -18.99
N GLU B 368 0.82 -12.86 -19.54
CA GLU B 368 1.20 -13.29 -20.89
C GLU B 368 1.34 -14.81 -20.98
N ILE B 369 2.03 -15.42 -20.01
CA ILE B 369 2.21 -16.88 -20.01
C ILE B 369 0.87 -17.58 -19.73
N LYS B 370 0.04 -16.99 -18.87
CA LYS B 370 -1.27 -17.57 -18.56
C LYS B 370 -2.16 -17.64 -19.79
N GLU B 371 -2.11 -16.62 -20.66
CA GLU B 371 -2.92 -16.61 -21.88
C GLU B 371 -2.49 -17.75 -22.82
N ILE B 372 -1.18 -17.96 -22.96
CA ILE B 372 -0.65 -19.04 -23.81
C ILE B 372 -1.11 -20.39 -23.24
N LEU B 373 -1.11 -20.50 -21.91
CA LEU B 373 -1.52 -21.71 -21.20
C LEU B 373 -3.02 -21.98 -21.37
N ASP B 374 -3.85 -20.94 -21.35
CA ASP B 374 -5.29 -21.06 -21.55
C ASP B 374 -5.61 -21.53 -22.97
N ILE B 375 -4.95 -20.94 -23.97
CA ILE B 375 -5.12 -21.33 -25.38
C ILE B 375 -4.69 -22.78 -25.59
N ALA B 376 -3.53 -23.17 -25.03
CA ALA B 376 -3.02 -24.54 -25.18
C ALA B 376 -4.01 -25.58 -24.61
N GLU B 377 -4.59 -25.31 -23.45
CA GLU B 377 -5.54 -26.24 -22.81
C GLU B 377 -6.88 -26.27 -23.56
N GLU B 378 -7.34 -25.11 -24.05
CA GLU B 378 -8.61 -25.03 -24.77
C GLU B 378 -8.55 -25.76 -26.12
N TYR B 379 -7.44 -25.64 -26.84
CA TYR B 379 -7.27 -26.28 -28.14
C TYR B 379 -6.42 -27.55 -28.07
N ASN B 380 -6.04 -28.01 -26.86
CA ASN B 380 -5.22 -29.21 -26.68
C ASN B 380 -3.97 -29.13 -27.56
N ALA B 381 -3.28 -27.99 -27.50
CA ALA B 381 -2.07 -27.76 -28.27
C ALA B 381 -0.85 -27.96 -27.38
N LYS B 382 0.28 -28.38 -27.95
CA LYS B 382 1.52 -28.57 -27.21
C LYS B 382 2.22 -27.22 -27.09
N ILE B 383 2.88 -26.96 -25.94
CA ILE B 383 3.61 -25.72 -25.74
C ILE B 383 5.09 -25.96 -25.95
N LYS B 384 5.69 -25.20 -26.88
CA LYS B 384 7.12 -25.30 -27.18
C LYS B 384 7.79 -23.97 -26.84
N VAL B 385 9.00 -24.03 -26.27
CA VAL B 385 9.79 -22.84 -26.00
C VAL B 385 10.96 -22.86 -27.01
N THR B 386 11.20 -21.74 -27.69
CA THR B 386 12.24 -21.68 -28.73
C THR B 386 13.58 -21.24 -28.16
N ASP B 387 14.67 -21.45 -28.92
CA ASP B 387 16.02 -21.04 -28.46
C ASP B 387 16.27 -19.53 -28.63
N ARG B 388 15.26 -18.77 -29.06
CA ARG B 388 15.33 -17.32 -29.08
C ARG B 388 14.39 -16.79 -27.97
N ALA B 389 14.03 -17.69 -27.02
CA ALA B 389 13.16 -17.40 -25.89
C ALA B 389 11.73 -16.99 -26.31
N GLY B 390 11.24 -17.61 -27.38
CA GLY B 390 9.90 -17.39 -27.90
C GLY B 390 9.01 -18.57 -27.54
N TYR B 391 7.73 -18.48 -27.90
CA TYR B 391 6.77 -19.55 -27.61
C TYR B 391 6.13 -20.02 -28.91
N GLU B 392 5.79 -21.31 -28.99
CA GLU B 392 5.11 -21.86 -30.15
C GLU B 392 3.98 -22.77 -29.68
N LEU B 393 2.76 -22.56 -30.21
CA LEU B 393 1.61 -23.41 -29.91
C LEU B 393 1.42 -24.41 -31.04
N HIS B 394 1.72 -25.69 -30.79
CA HIS B 394 1.64 -26.74 -31.81
C HIS B 394 0.37 -27.58 -31.79
N GLY B 395 -0.11 -27.93 -32.99
CA GLY B 395 -1.30 -28.76 -33.15
C GLY B 395 -2.55 -27.95 -33.38
N ILE B 396 -2.40 -26.74 -33.94
CA ILE B 396 -3.54 -25.87 -34.20
C ILE B 396 -4.18 -26.24 -35.53
N SER B 397 -5.51 -26.27 -35.55
CA SER B 397 -6.25 -26.58 -36.77
C SER B 397 -6.34 -25.31 -37.60
N GLY B 398 -6.36 -25.46 -38.92
CA GLY B 398 -6.48 -24.31 -39.81
C GLY B 398 -7.72 -23.48 -39.55
N PHE B 399 -8.77 -24.08 -38.97
CA PHE B 399 -10.01 -23.37 -38.66
C PHE B 399 -9.85 -22.43 -37.46
N ASP B 400 -8.88 -22.72 -36.58
CA ASP B 400 -8.69 -21.92 -35.35
C ASP B 400 -7.47 -20.99 -35.39
N VAL B 401 -6.62 -21.07 -36.43
CA VAL B 401 -5.41 -20.24 -36.49
C VAL B 401 -5.73 -18.75 -36.36
N GLU B 402 -6.63 -18.22 -37.19
CA GLU B 402 -6.97 -16.80 -37.17
C GLU B 402 -7.54 -16.35 -35.81
N ASP B 403 -8.41 -17.16 -35.20
CA ASP B 403 -9.00 -16.82 -33.90
C ASP B 403 -7.94 -16.70 -32.83
N ILE B 404 -6.96 -17.62 -32.83
CA ILE B 404 -5.88 -17.62 -31.84
C ILE B 404 -4.95 -16.41 -32.02
N VAL B 405 -4.59 -16.09 -33.27
CA VAL B 405 -3.71 -14.96 -33.55
C VAL B 405 -4.32 -13.66 -33.05
N LEU B 406 -5.61 -13.44 -33.33
CA LEU B 406 -6.31 -12.21 -32.93
C LEU B 406 -6.50 -12.17 -31.42
N ARG B 407 -6.70 -13.34 -30.80
CA ARG B 407 -6.84 -13.43 -29.34
C ARG B 407 -5.49 -13.08 -28.69
N LEU B 408 -4.39 -13.61 -29.24
CA LEU B 408 -3.05 -13.33 -28.73
C LEU B 408 -2.71 -11.85 -28.92
N ARG B 409 -3.09 -11.27 -30.08
CA ARG B 409 -2.84 -9.87 -30.40
C ARG B 409 -3.49 -8.93 -29.37
N GLU B 410 -4.69 -9.28 -28.87
CA GLU B 410 -5.39 -8.45 -27.89
C GLU B 410 -4.60 -8.33 -26.59
N LYS B 411 -3.87 -9.39 -26.21
CA LYS B 411 -3.08 -9.40 -24.96
C LYS B 411 -1.64 -8.90 -25.17
N GLY B 412 -1.35 -8.37 -26.34
CA GLY B 412 -0.02 -7.84 -26.65
C GLY B 412 0.97 -8.88 -27.13
N LEU B 413 0.52 -10.14 -27.30
CA LEU B 413 1.41 -11.21 -27.76
C LEU B 413 1.35 -11.29 -29.27
N LEU B 414 2.21 -10.53 -29.94
CA LEU B 414 2.32 -10.50 -31.39
C LEU B 414 2.90 -11.83 -31.90
N THR B 415 2.28 -12.43 -32.93
CA THR B 415 2.79 -13.65 -33.52
C THR B 415 3.75 -13.24 -34.63
N GLY B 416 4.94 -13.80 -34.63
CA GLY B 416 5.93 -13.41 -35.62
C GLY B 416 7.23 -14.18 -35.51
N SER B 417 8.34 -13.49 -35.85
CA SER B 417 9.68 -14.07 -35.86
C SER B 417 9.71 -15.24 -36.85
N GLU B 418 9.04 -15.06 -38.00
CA GLU B 418 8.99 -16.07 -39.04
C GLU B 418 8.99 -15.38 -40.40
N GLY B 419 9.70 -15.95 -41.37
CA GLY B 419 9.79 -15.40 -42.72
C GLY B 419 10.97 -14.47 -42.95
N PRO B 420 11.07 -13.95 -44.19
CA PRO B 420 12.18 -13.05 -44.51
C PRO B 420 12.02 -11.65 -43.93
N LEU B 421 12.30 -11.51 -42.63
CA LEU B 421 12.17 -10.23 -41.94
C LEU B 421 13.11 -10.20 -40.74
N VAL B 422 13.08 -9.10 -39.96
CA VAL B 422 13.93 -9.03 -38.77
C VAL B 422 13.28 -9.89 -37.69
N ARG B 423 13.98 -10.94 -37.26
CA ARG B 423 13.47 -11.89 -36.27
C ARG B 423 13.54 -11.30 -34.87
N ALA B 424 12.98 -12.01 -33.88
CA ALA B 424 12.97 -11.53 -32.50
C ALA B 424 14.40 -11.25 -32.01
N THR B 425 14.62 -10.06 -31.44
CA THR B 425 15.93 -9.67 -30.94
C THR B 425 16.24 -10.49 -29.70
N LEU B 426 17.43 -11.10 -29.64
CA LEU B 426 17.82 -11.96 -28.54
C LEU B 426 18.73 -11.21 -27.58
N ALA B 427 18.30 -11.06 -26.33
CA ALA B 427 19.09 -10.36 -25.32
C ALA B 427 19.20 -11.19 -24.05
N CYS B 428 20.33 -11.08 -23.36
CA CYS B 428 20.57 -11.77 -22.09
C CYS B 428 20.09 -10.87 -20.95
N PRO B 429 20.04 -11.35 -19.69
CA PRO B 429 19.62 -10.46 -18.59
C PRO B 429 20.45 -9.18 -18.49
N GLY B 430 21.76 -9.31 -18.71
CA GLY B 430 22.69 -8.18 -18.75
C GLY B 430 22.77 -7.35 -17.49
N GLY B 431 23.20 -6.10 -17.66
CA GLY B 431 23.36 -5.15 -16.57
C GLY B 431 22.11 -4.98 -15.72
N GLY B 432 22.31 -5.02 -14.41
CA GLY B 432 21.21 -4.89 -13.44
C GLY B 432 20.64 -6.23 -13.02
N ASN B 433 20.88 -7.28 -13.83
CA ASN B 433 20.37 -8.63 -13.54
C ASN B 433 21.53 -9.59 -13.32
N CYS B 434 22.36 -9.79 -14.36
CA CYS B 434 23.50 -10.68 -14.30
C CYS B 434 24.68 -9.99 -13.59
N SER B 435 25.39 -10.71 -12.72
CA SER B 435 26.55 -10.12 -12.01
C SER B 435 27.73 -9.84 -12.95
N SER B 436 27.72 -10.44 -14.16
CA SER B 436 28.78 -10.21 -15.17
C SER B 436 28.38 -9.09 -16.14
N GLY B 437 27.12 -8.67 -16.10
CA GLY B 437 26.60 -7.62 -16.96
C GLY B 437 27.30 -6.29 -16.82
N LEU B 438 27.71 -5.69 -17.96
CA LEU B 438 28.43 -4.41 -18.00
C LEU B 438 27.57 -3.30 -18.58
N VAL B 439 26.61 -3.66 -19.44
CA VAL B 439 25.74 -2.68 -20.09
C VAL B 439 24.30 -3.13 -19.94
N ASP B 440 23.36 -2.20 -20.16
CA ASP B 440 21.95 -2.56 -20.12
C ASP B 440 21.60 -3.26 -21.45
N THR B 441 20.90 -4.38 -21.37
CA THR B 441 20.52 -5.15 -22.56
C THR B 441 19.00 -5.13 -22.79
N THR B 442 18.24 -5.03 -21.69
CA THR B 442 16.74 -5.04 -21.72
C THR B 442 16.15 -3.81 -22.43
N GLU B 443 16.65 -2.60 -22.13
CA GLU B 443 16.17 -1.38 -22.79
C GLU B 443 16.68 -1.30 -24.22
N LEU B 444 17.94 -1.70 -24.47
CA LEU B 444 18.48 -1.69 -25.84
C LEU B 444 17.66 -2.63 -26.71
N ALA B 445 17.32 -3.82 -26.19
CA ALA B 445 16.51 -4.80 -26.92
C ALA B 445 15.12 -4.22 -27.23
N ARG B 446 14.55 -3.46 -26.28
CA ARG B 446 13.24 -2.84 -26.47
C ARG B 446 13.31 -1.75 -27.55
N ILE B 447 14.41 -0.99 -27.58
CA ILE B 447 14.60 0.06 -28.58
C ILE B 447 14.73 -0.58 -29.97
N ILE B 448 15.54 -1.65 -30.08
CA ILE B 448 15.74 -2.34 -31.35
C ILE B 448 14.42 -2.99 -31.81
N GLU B 449 13.67 -3.60 -30.87
CA GLU B 449 12.38 -4.19 -31.21
C GLU B 449 11.40 -3.12 -31.70
N ASP B 450 11.32 -1.98 -31.01
CA ASP B 450 10.42 -0.90 -31.42
C ASP B 450 10.77 -0.35 -32.80
N ASN B 451 12.06 -0.28 -33.15
CA ASN B 451 12.49 0.26 -34.44
C ASN B 451 12.49 -0.72 -35.60
N PHE B 452 12.75 -2.03 -35.36
CA PHE B 452 12.87 -2.98 -36.47
C PHE B 452 12.04 -4.27 -36.37
N LYS B 453 11.19 -4.44 -35.35
CA LYS B 453 10.44 -5.70 -35.24
C LYS B 453 9.59 -5.98 -36.49
N GLU B 454 9.76 -7.20 -37.05
CA GLU B 454 9.02 -7.67 -38.24
C GLU B 454 9.31 -6.85 -39.50
N ARG B 455 10.47 -6.16 -39.56
CA ARG B 455 10.82 -5.35 -40.72
C ARG B 455 11.21 -6.29 -41.87
N PRO B 456 10.69 -6.08 -43.08
CA PRO B 456 11.04 -6.99 -44.19
C PRO B 456 12.50 -6.88 -44.62
N ALA B 457 13.08 -8.02 -45.00
CA ALA B 457 14.46 -8.10 -45.46
C ALA B 457 14.55 -9.20 -46.53
N PRO B 458 15.63 -9.27 -47.33
CA PRO B 458 15.71 -10.34 -48.35
C PRO B 458 15.63 -11.75 -47.78
N TYR B 459 16.03 -11.91 -46.51
CA TYR B 459 16.01 -13.21 -45.83
C TYR B 459 15.95 -12.90 -44.33
N LYS B 460 15.83 -13.92 -43.46
CA LYS B 460 15.82 -13.71 -42.02
C LYS B 460 17.02 -12.86 -41.57
N PHE B 461 16.79 -11.99 -40.59
CA PHE B 461 17.83 -11.11 -40.04
C PHE B 461 17.74 -11.18 -38.52
N LYS B 462 18.80 -11.66 -37.86
CA LYS B 462 18.80 -11.87 -36.42
C LYS B 462 19.80 -10.98 -35.69
N ILE B 463 19.34 -10.33 -34.61
CA ILE B 463 20.15 -9.42 -33.80
C ILE B 463 20.26 -10.01 -32.40
N ALA B 464 21.46 -9.92 -31.80
CA ALA B 464 21.70 -10.42 -30.44
C ALA B 464 22.41 -9.36 -29.61
N ILE B 465 21.97 -9.17 -28.36
CA ILE B 465 22.55 -8.19 -27.45
C ILE B 465 23.06 -8.90 -26.19
N SER B 466 24.38 -8.91 -26.00
CA SER B 466 25.01 -9.52 -24.83
C SER B 466 25.43 -8.42 -23.87
N GLY B 467 25.25 -8.68 -22.58
CA GLY B 467 25.61 -7.72 -21.54
C GLY B 467 27.10 -7.67 -21.24
N CYS B 468 27.83 -8.72 -21.64
CA CYS B 468 29.27 -8.79 -21.40
C CYS B 468 29.95 -9.63 -22.50
N PRO B 469 31.27 -9.80 -22.50
CA PRO B 469 31.92 -10.56 -23.59
C PRO B 469 31.75 -12.08 -23.55
N ASN B 470 30.98 -12.62 -22.59
CA ASN B 470 30.77 -14.06 -22.54
C ASN B 470 29.83 -14.54 -23.66
N GLY B 471 29.18 -13.61 -24.34
CA GLY B 471 28.35 -13.91 -25.51
C GLY B 471 27.33 -15.02 -25.32
N CYS B 472 26.51 -14.91 -24.28
CA CYS B 472 25.49 -15.94 -23.96
C CYS B 472 24.47 -16.04 -25.11
N VAL B 473 24.25 -14.95 -25.84
CA VAL B 473 23.28 -14.92 -26.92
C VAL B 473 23.97 -14.93 -28.30
N ARG B 474 25.27 -15.24 -28.32
CA ARG B 474 26.10 -15.40 -29.52
C ARG B 474 26.16 -14.18 -30.44
N PRO B 475 26.76 -13.07 -29.98
CA PRO B 475 26.87 -11.89 -30.85
C PRO B 475 27.79 -12.06 -32.06
N GLN B 476 28.74 -13.04 -31.99
CA GLN B 476 29.74 -13.25 -33.05
C GLN B 476 29.21 -14.05 -34.23
N VAL B 477 28.01 -14.62 -34.12
CA VAL B 477 27.41 -15.38 -35.21
C VAL B 477 25.98 -14.89 -35.48
N HIS B 478 25.77 -13.57 -35.34
CA HIS B 478 24.48 -12.95 -35.61
C HIS B 478 24.65 -11.91 -36.72
N ASP B 479 23.58 -11.61 -37.46
CA ASP B 479 23.67 -10.64 -38.56
C ASP B 479 24.22 -9.35 -38.01
N ILE B 480 23.76 -8.96 -36.82
CA ILE B 480 24.29 -7.84 -36.07
C ILE B 480 24.37 -8.31 -34.62
N GLY B 481 25.57 -8.27 -34.06
CA GLY B 481 25.81 -8.69 -32.69
C GLY B 481 26.30 -7.54 -31.83
N ILE B 482 25.74 -7.40 -30.63
CA ILE B 482 26.15 -6.36 -29.70
C ILE B 482 26.65 -7.02 -28.44
N ALA B 483 27.80 -6.59 -27.92
CA ALA B 483 28.35 -7.15 -26.70
C ALA B 483 28.90 -6.03 -25.81
N GLY B 484 28.51 -6.05 -24.55
CA GLY B 484 29.02 -5.07 -23.60
C GLY B 484 30.48 -5.36 -23.30
N VAL B 485 31.31 -4.31 -23.30
CA VAL B 485 32.74 -4.47 -23.02
C VAL B 485 33.23 -3.37 -22.08
N LYS B 486 34.20 -3.71 -21.22
CA LYS B 486 34.83 -2.78 -20.28
C LYS B 486 36.30 -3.15 -20.20
N TYR B 487 37.16 -2.40 -20.89
CA TYR B 487 38.59 -2.69 -20.92
C TYR B 487 39.31 -2.00 -19.76
N PRO B 488 40.32 -2.66 -19.16
CA PRO B 488 40.98 -2.05 -18.01
C PRO B 488 42.26 -1.29 -18.33
N LYS B 489 42.71 -0.49 -17.35
CA LYS B 489 44.01 0.16 -17.36
C LYS B 489 44.47 0.14 -15.90
N VAL B 490 45.77 -0.09 -15.66
CA VAL B 490 46.29 -0.21 -14.31
C VAL B 490 46.82 1.12 -13.78
N ASN B 491 46.44 1.47 -12.55
CA ASN B 491 46.93 2.65 -11.84
C ASN B 491 48.09 2.15 -10.96
N GLU B 492 49.33 2.42 -11.38
CA GLU B 492 50.53 1.95 -10.68
C GLU B 492 50.65 2.47 -9.24
N GLU B 493 50.06 3.63 -8.92
CA GLU B 493 50.12 4.18 -7.57
C GLU B 493 49.29 3.35 -6.60
N LYS B 494 48.23 2.72 -7.11
CA LYS B 494 47.31 1.90 -6.27
C LYS B 494 47.62 0.39 -6.35
N CYS B 495 48.15 -0.08 -7.47
CA CYS B 495 48.45 -1.52 -7.64
C CYS B 495 49.63 -1.93 -6.76
N ASN B 496 49.51 -3.05 -6.04
CA ASN B 496 50.57 -3.55 -5.17
C ASN B 496 50.97 -4.99 -5.50
N GLY B 497 50.48 -5.51 -6.62
CA GLY B 497 50.81 -6.87 -7.06
C GLY B 497 50.22 -7.95 -6.18
N CYS B 498 49.04 -7.70 -5.59
CA CYS B 498 48.38 -8.68 -4.74
C CYS B 498 48.04 -9.97 -5.51
N GLY B 499 47.81 -9.85 -6.81
CA GLY B 499 47.57 -10.99 -7.70
C GLY B 499 46.13 -11.44 -7.84
N ARG B 500 45.18 -10.72 -7.24
CA ARG B 500 43.78 -11.12 -7.27
C ARG B 500 43.14 -11.03 -8.67
N CYS B 501 43.47 -10.00 -9.45
CA CYS B 501 42.88 -9.80 -10.78
C CYS B 501 43.17 -10.96 -11.76
N ALA B 502 44.37 -11.56 -11.68
CA ALA B 502 44.72 -12.65 -12.58
C ALA B 502 43.83 -13.89 -12.35
N GLU B 503 43.30 -14.04 -11.13
CA GLU B 503 42.45 -15.17 -10.79
C GLU B 503 41.04 -15.05 -11.37
N VAL B 504 40.52 -13.82 -11.50
CA VAL B 504 39.17 -13.60 -12.04
C VAL B 504 39.15 -13.53 -13.57
N CYS B 505 40.33 -13.57 -14.23
CA CYS B 505 40.42 -13.49 -15.68
C CYS B 505 40.36 -14.89 -16.30
N LYS B 506 39.27 -15.21 -16.99
CA LYS B 506 39.10 -16.52 -17.62
C LYS B 506 40.03 -16.73 -18.81
N VAL B 507 40.33 -15.65 -19.55
CA VAL B 507 41.21 -15.72 -20.72
C VAL B 507 42.70 -15.65 -20.33
N GLU B 508 43.00 -15.41 -19.04
CA GLU B 508 44.38 -15.32 -18.55
C GLU B 508 45.18 -14.28 -19.32
N ALA B 509 44.65 -13.05 -19.39
CA ALA B 509 45.27 -11.92 -20.09
C ALA B 509 46.16 -11.11 -19.16
N ILE B 510 46.10 -11.35 -17.84
CA ILE B 510 46.84 -10.58 -16.85
C ILE B 510 48.16 -11.22 -16.42
N ASP B 511 49.16 -10.37 -16.19
CA ASP B 511 50.48 -10.79 -15.69
C ASP B 511 50.76 -10.04 -14.39
N ILE B 512 51.05 -10.78 -13.31
CA ILE B 512 51.37 -10.19 -12.01
C ILE B 512 52.88 -10.18 -11.90
N ARG B 513 53.50 -9.00 -11.77
CA ARG B 513 54.95 -8.89 -11.70
C ARG B 513 55.33 -7.97 -10.56
N GLY B 514 55.99 -8.52 -9.54
CA GLY B 514 56.44 -7.76 -8.38
C GLY B 514 55.33 -6.99 -7.69
N GLU B 515 55.43 -5.65 -7.68
CA GLU B 515 54.43 -4.80 -7.02
C GLU B 515 53.44 -4.18 -8.01
N THR B 516 53.30 -4.76 -9.23
CA THR B 516 52.36 -4.23 -10.21
C THR B 516 51.71 -5.36 -11.02
N SER B 517 50.82 -4.99 -11.96
CA SER B 517 50.12 -5.94 -12.84
C SER B 517 50.07 -5.37 -14.25
N TYR B 518 49.93 -6.25 -15.25
CA TYR B 518 49.83 -5.84 -16.65
C TYR B 518 48.68 -6.56 -17.32
N THR B 519 48.27 -6.08 -18.50
CA THR B 519 47.21 -6.71 -19.28
C THR B 519 47.69 -6.93 -20.71
N ASN B 520 47.45 -8.12 -21.26
CA ASN B 520 47.76 -8.41 -22.65
C ASN B 520 46.51 -8.06 -23.44
N TYR B 521 46.51 -6.93 -24.15
CA TYR B 521 45.33 -6.47 -24.87
C TYR B 521 45.01 -7.29 -26.12
N ASN B 522 45.89 -8.24 -26.51
CA ASN B 522 45.59 -9.13 -27.63
C ASN B 522 44.76 -10.31 -27.12
N VAL B 523 44.72 -10.51 -25.79
CA VAL B 523 43.95 -11.59 -25.16
C VAL B 523 42.72 -11.03 -24.44
N CYS B 524 42.85 -9.86 -23.79
CA CYS B 524 41.76 -9.24 -23.04
C CYS B 524 40.49 -9.10 -23.89
N VAL B 525 39.36 -9.56 -23.34
CA VAL B 525 38.06 -9.51 -24.03
C VAL B 525 37.17 -8.39 -23.47
N GLY B 526 37.67 -7.64 -22.49
CA GLY B 526 36.94 -6.55 -21.87
C GLY B 526 35.77 -6.98 -21.01
N CYS B 527 35.97 -8.00 -20.17
CA CYS B 527 34.91 -8.46 -19.27
C CYS B 527 34.79 -7.58 -18.03
N GLY B 528 35.82 -6.79 -17.75
CA GLY B 528 35.85 -5.86 -16.63
C GLY B 528 35.86 -6.49 -15.25
N LYS B 529 36.08 -7.80 -15.18
CA LYS B 529 36.10 -8.53 -13.88
C LYS B 529 37.25 -8.01 -13.01
N CYS B 530 38.41 -7.72 -13.63
CA CYS B 530 39.60 -7.27 -12.93
C CYS B 530 39.41 -5.87 -12.32
N ILE B 531 38.54 -5.05 -12.92
CA ILE B 531 38.24 -3.71 -12.39
C ILE B 531 37.32 -3.87 -11.17
N LYS B 532 36.27 -4.65 -11.35
CA LYS B 532 35.26 -4.90 -10.33
C LYS B 532 35.83 -5.61 -9.09
N ASN B 533 36.68 -6.63 -9.30
CA ASN B 533 37.21 -7.44 -8.21
C ASN B 533 38.56 -7.01 -7.64
N CYS B 534 39.12 -5.87 -8.08
CA CYS B 534 40.38 -5.41 -7.49
C CYS B 534 40.09 -4.86 -6.09
N PRO B 535 40.69 -5.44 -5.03
CA PRO B 535 40.39 -4.93 -3.69
C PRO B 535 40.99 -3.55 -3.39
N ASN B 536 41.98 -3.12 -4.19
CA ASN B 536 42.67 -1.84 -3.98
C ASN B 536 42.24 -0.77 -4.99
N GLU B 537 41.22 -1.04 -5.81
CA GLU B 537 40.73 -0.10 -6.80
C GLU B 537 41.86 0.42 -7.72
N ALA B 538 42.84 -0.45 -8.01
CA ALA B 538 43.98 -0.10 -8.85
C ALA B 538 43.68 -0.22 -10.34
N ARG B 539 42.58 -0.90 -10.68
CA ARG B 539 42.18 -1.08 -12.10
C ARG B 539 41.08 -0.08 -12.45
N GLU B 540 41.27 0.68 -13.53
CA GLU B 540 40.29 1.68 -13.94
C GLU B 540 39.76 1.35 -15.32
N VAL B 541 38.69 2.04 -15.73
CA VAL B 541 38.11 1.82 -17.05
C VAL B 541 38.93 2.56 -18.10
N LYS B 542 39.51 1.80 -19.04
CA LYS B 542 40.27 2.36 -20.14
C LYS B 542 39.28 2.76 -21.23
N GLU B 543 38.44 1.81 -21.64
CA GLU B 543 37.40 2.02 -22.66
C GLU B 543 36.16 1.22 -22.26
N GLU B 544 34.98 1.71 -22.61
CA GLU B 544 33.72 1.11 -22.19
C GLU B 544 32.62 1.31 -23.23
N GLY B 545 31.68 0.39 -23.30
CA GLY B 545 30.55 0.55 -24.19
C GLY B 545 30.07 -0.71 -24.85
N TYR B 546 29.33 -0.53 -25.95
CA TYR B 546 28.76 -1.62 -26.74
C TYR B 546 29.65 -1.93 -27.93
N LEU B 547 30.27 -3.13 -27.95
CA LEU B 547 31.08 -3.56 -29.08
C LEU B 547 30.14 -4.18 -30.12
N VAL B 548 30.26 -3.75 -31.39
CA VAL B 548 29.38 -4.24 -32.45
C VAL B 548 30.07 -5.19 -33.44
N TYR B 549 29.32 -6.23 -33.88
CA TYR B 549 29.76 -7.22 -34.88
C TYR B 549 28.75 -7.21 -36.02
N VAL B 550 29.19 -7.53 -37.25
CA VAL B 550 28.29 -7.55 -38.40
C VAL B 550 28.64 -8.68 -39.35
N GLY B 551 27.62 -9.26 -39.98
CA GLY B 551 27.79 -10.34 -40.94
C GLY B 551 27.96 -11.73 -40.36
N GLY B 552 27.50 -11.95 -39.14
CA GLY B 552 27.57 -13.25 -38.50
C GLY B 552 26.39 -14.11 -38.92
N LYS B 553 26.56 -15.41 -38.90
CA LYS B 553 25.41 -16.29 -39.23
C LYS B 553 25.67 -17.71 -38.75
N THR B 554 24.58 -18.45 -38.54
CA THR B 554 24.63 -19.87 -38.22
C THR B 554 23.57 -20.54 -39.12
N GLY B 555 23.29 -21.80 -38.89
CA GLY B 555 22.31 -22.53 -39.68
C GLY B 555 22.98 -23.63 -40.48
N ARG B 556 22.83 -23.59 -41.82
CA ARG B 556 23.48 -24.58 -42.68
C ARG B 556 24.99 -24.44 -42.59
N GLU B 557 25.50 -23.20 -42.46
CA GLU B 557 26.94 -22.91 -42.37
C GLU B 557 27.19 -21.90 -41.26
N VAL B 558 28.38 -21.94 -40.67
CA VAL B 558 28.78 -20.98 -39.65
C VAL B 558 29.61 -19.89 -40.29
N VAL B 559 29.25 -18.62 -40.05
CA VAL B 559 30.03 -17.47 -40.51
C VAL B 559 30.22 -16.56 -39.32
N GLU B 560 31.48 -16.26 -38.99
CA GLU B 560 31.80 -15.37 -37.85
C GLU B 560 31.65 -13.92 -38.28
N GLY B 561 30.93 -13.12 -37.49
CA GLY B 561 30.74 -11.70 -37.79
C GLY B 561 32.03 -10.93 -37.61
N VAL B 562 32.15 -9.79 -38.28
CA VAL B 562 33.36 -8.97 -38.20
C VAL B 562 33.21 -7.94 -37.08
N LYS B 563 34.24 -7.85 -36.22
CA LYS B 563 34.26 -6.90 -35.12
C LYS B 563 34.38 -5.48 -35.67
N MET B 564 33.40 -4.63 -35.42
CA MET B 564 33.41 -3.27 -35.95
C MET B 564 34.09 -2.30 -35.00
N LYS B 565 33.38 -1.83 -33.98
CA LYS B 565 33.90 -0.88 -33.01
C LYS B 565 32.88 -0.67 -31.91
N LEU B 566 33.20 0.20 -30.94
CA LEU B 566 32.26 0.58 -29.88
C LEU B 566 31.27 1.56 -30.50
N MET B 567 29.97 1.43 -30.20
CA MET B 567 28.96 2.31 -30.77
C MET B 567 27.98 2.79 -29.70
N SER B 568 27.49 4.01 -29.85
CA SER B 568 26.47 4.53 -28.94
C SER B 568 25.13 3.94 -29.37
N VAL B 569 24.10 4.02 -28.52
CA VAL B 569 22.78 3.47 -28.86
C VAL B 569 22.26 4.09 -30.15
N ASP B 570 22.38 5.41 -30.32
CA ASP B 570 21.91 6.08 -31.54
C ASP B 570 22.69 5.58 -32.76
N GLU B 571 24.00 5.34 -32.58
CA GLU B 571 24.87 4.82 -33.64
C GLU B 571 24.44 3.39 -34.01
N ILE B 572 24.10 2.57 -33.00
CA ILE B 572 23.68 1.19 -33.21
C ILE B 572 22.40 1.16 -34.04
N ILE B 573 21.40 2.01 -33.70
CA ILE B 573 20.14 2.07 -34.43
C ILE B 573 20.39 2.52 -35.86
N ASN B 574 21.23 3.53 -36.04
CA ASN B 574 21.58 4.02 -37.37
C ASN B 574 22.29 2.92 -38.17
N PHE B 575 23.24 2.24 -37.53
CA PHE B 575 24.00 1.14 -38.16
C PHE B 575 23.10 -0.01 -38.58
N ILE B 576 22.18 -0.46 -37.71
CA ILE B 576 21.26 -1.57 -38.04
C ILE B 576 20.41 -1.18 -39.26
N ASP B 577 19.89 0.05 -39.29
CA ASP B 577 19.05 0.52 -40.40
C ASP B 577 19.82 0.54 -41.72
N LYS B 578 21.03 1.13 -41.69
CA LYS B 578 21.90 1.25 -42.89
C LYS B 578 22.31 -0.13 -43.41
N VAL B 579 22.66 -1.06 -42.51
CA VAL B 579 23.10 -2.39 -42.92
C VAL B 579 21.94 -3.06 -43.66
N LEU B 580 20.70 -2.87 -43.16
CA LEU B 580 19.50 -3.43 -43.80
C LEU B 580 19.26 -2.79 -45.17
N VAL B 581 19.51 -1.48 -45.30
CA VAL B 581 19.33 -0.78 -46.58
C VAL B 581 20.31 -1.30 -47.61
N VAL B 582 21.61 -1.40 -47.25
CA VAL B 582 22.65 -1.88 -48.17
C VAL B 582 22.46 -3.37 -48.47
N TYR B 583 21.95 -4.14 -47.49
CA TYR B 583 21.67 -5.58 -47.66
C TYR B 583 20.54 -5.74 -48.70
N GLY B 584 19.47 -4.95 -48.56
CA GLY B 584 18.36 -4.99 -49.48
C GLY B 584 18.71 -4.50 -50.88
N LYS B 585 19.60 -3.52 -50.97
CA LYS B 585 20.04 -2.96 -52.25
C LYS B 585 20.85 -3.98 -53.07
N TYR B 586 21.70 -4.77 -52.40
CA TYR B 586 22.58 -5.71 -53.08
C TYR B 586 22.11 -7.14 -53.12
N ALA B 587 21.05 -7.50 -52.35
CA ALA B 587 20.54 -8.88 -52.36
C ALA B 587 19.97 -9.25 -53.72
N GLU B 588 20.36 -10.40 -54.26
CA GLU B 588 19.88 -10.86 -55.55
C GLU B 588 18.93 -12.05 -55.42
N LYS B 589 19.06 -12.85 -54.35
CA LYS B 589 18.25 -14.05 -54.16
C LYS B 589 17.54 -14.04 -52.81
N PRO B 590 16.34 -13.45 -52.72
CA PRO B 590 15.62 -13.50 -51.44
C PRO B 590 15.34 -14.93 -50.99
N GLN B 591 15.38 -15.15 -49.66
CA GLN B 591 15.14 -16.46 -49.03
C GLN B 591 16.29 -17.46 -49.24
N ARG B 592 17.43 -16.99 -49.78
CA ARG B 592 18.60 -17.83 -49.99
C ARG B 592 19.87 -17.12 -49.49
N GLU B 593 20.01 -15.82 -49.83
CA GLU B 593 21.18 -15.04 -49.43
C GLU B 593 21.00 -14.36 -48.07
N ARG B 594 21.84 -14.72 -47.09
CA ARG B 594 21.83 -14.04 -45.78
C ARG B 594 22.75 -12.82 -45.92
N LEU B 595 22.73 -11.91 -44.93
CA LEU B 595 23.58 -10.73 -44.97
C LEU B 595 25.04 -11.10 -45.28
N ALA B 596 25.57 -12.11 -44.58
CA ALA B 596 26.96 -12.58 -44.77
C ALA B 596 27.27 -12.91 -46.23
N ALA B 597 26.32 -13.55 -46.93
CA ALA B 597 26.51 -13.93 -48.33
C ALA B 597 26.55 -12.70 -49.23
N VAL B 598 25.69 -11.71 -48.96
CA VAL B 598 25.64 -10.47 -49.74
C VAL B 598 26.90 -9.63 -49.47
N MET B 599 27.35 -9.58 -48.21
CA MET B 599 28.57 -8.85 -47.83
C MET B 599 29.79 -9.47 -48.50
N LYS B 600 29.88 -10.81 -48.52
CA LYS B 600 30.98 -11.53 -49.14
C LYS B 600 31.03 -11.31 -50.66
N ARG B 601 29.86 -11.32 -51.31
CA ARG B 601 29.79 -11.16 -52.76
C ARG B 601 30.18 -9.76 -53.25
N VAL B 602 29.71 -8.71 -52.56
CA VAL B 602 30.04 -7.35 -53.00
C VAL B 602 31.36 -6.88 -52.40
N GLY B 603 31.81 -7.55 -51.34
CA GLY B 603 33.03 -7.20 -50.62
C GLY B 603 32.69 -6.50 -49.33
N TYR B 604 33.39 -6.83 -48.24
CA TYR B 604 33.11 -6.24 -46.92
C TYR B 604 33.45 -4.75 -46.92
N GLY B 605 34.55 -4.39 -47.56
CA GLY B 605 34.98 -2.99 -47.66
C GLY B 605 33.98 -2.14 -48.40
N LYS B 606 33.59 -2.58 -49.60
CA LYS B 606 32.60 -1.86 -50.41
C LYS B 606 31.26 -1.77 -49.68
N PHE B 607 30.80 -2.89 -49.10
CA PHE B 607 29.53 -2.93 -48.37
C PHE B 607 29.56 -1.98 -47.16
N LEU B 608 30.58 -2.10 -46.31
CA LEU B 608 30.67 -1.28 -45.11
C LEU B 608 30.95 0.20 -45.39
N GLU B 609 31.66 0.54 -46.47
CA GLU B 609 31.90 1.95 -46.73
C GLU B 609 30.58 2.62 -47.17
N GLU B 610 29.68 1.88 -47.84
CA GLU B 610 28.37 2.42 -48.20
C GLU B 610 27.51 2.60 -46.96
N VAL B 611 27.58 1.63 -46.03
CA VAL B 611 26.82 1.71 -44.79
C VAL B 611 27.22 3.00 -44.06
N LYS B 612 28.53 3.27 -44.03
CA LYS B 612 29.08 4.50 -43.37
C LYS B 612 28.60 5.77 -44.07
N GLU B 613 28.60 5.79 -45.42
CA GLU B 613 28.13 6.95 -46.17
C GLU B 613 26.66 7.25 -45.87
N LEU B 614 25.82 6.21 -45.80
CA LEU B 614 24.40 6.38 -45.49
C LEU B 614 24.21 6.80 -44.04
N MET B 615 25.08 6.33 -43.13
CA MET B 615 25.00 6.70 -41.72
C MET B 615 25.26 8.19 -41.53
N LYS B 616 26.25 8.74 -42.26
CA LYS B 616 26.59 10.16 -42.19
C LYS B 616 25.43 11.03 -42.71
N LYS B 617 24.71 10.53 -43.71
CA LYS B 617 23.57 11.27 -44.30
C LYS B 617 22.33 11.34 -43.41
N GLU B 618 22.27 10.50 -42.37
CA GLU B 618 21.08 10.36 -41.54
C GLU B 618 20.91 11.63 -40.72
N ILE B 619 19.68 12.17 -40.74
CA ILE B 619 19.33 13.42 -40.00
C ILE B 619 18.25 13.15 -38.93
N CYS B 620 17.68 11.94 -38.88
CA CYS B 620 16.64 11.61 -37.89
C CYS B 620 17.15 10.52 -36.96
N MET C 1 -40.16 2.32 -12.98
CA MET C 1 -40.97 1.44 -12.15
C MET C 1 -40.16 0.91 -10.95
N TYR C 2 -38.94 0.41 -11.21
CA TYR C 2 -37.99 -0.09 -10.20
C TYR C 2 -37.52 1.08 -9.34
N GLU C 3 -37.74 1.06 -8.02
CA GLU C 3 -37.30 2.16 -7.17
C GLU C 3 -35.77 2.18 -7.10
N TRP C 4 -35.18 3.36 -7.25
CA TRP C 4 -33.72 3.53 -7.23
C TRP C 4 -33.40 4.87 -6.59
N LYS C 5 -32.69 4.83 -5.45
CA LYS C 5 -32.37 6.03 -4.68
C LYS C 5 -31.77 7.15 -5.51
N LEU C 6 -30.88 6.81 -6.45
CA LEU C 6 -30.18 7.81 -7.29
C LEU C 6 -31.10 8.46 -8.34
N ASN C 7 -32.37 8.04 -8.46
CA ASN C 7 -33.28 8.66 -9.43
C ASN C 7 -33.46 10.15 -9.19
N GLU C 8 -33.41 10.61 -7.93
CA GLU C 8 -33.56 12.02 -7.62
C GLU C 8 -32.39 12.83 -8.22
N ILE C 9 -31.17 12.28 -8.16
CA ILE C 9 -29.99 12.94 -8.73
C ILE C 9 -30.09 12.95 -10.26
N VAL C 10 -30.58 11.86 -10.86
CA VAL C 10 -30.70 11.73 -12.31
C VAL C 10 -31.86 12.55 -12.87
N ASP C 11 -33.05 12.45 -12.26
CA ASP C 11 -34.25 13.17 -12.72
C ASP C 11 -34.14 14.69 -12.54
N SER C 12 -33.43 15.14 -11.50
CA SER C 12 -33.26 16.58 -11.26
C SER C 12 -32.30 17.21 -12.26
N GLY C 13 -31.44 16.41 -12.88
CA GLY C 13 -30.46 16.89 -13.84
C GLY C 13 -29.13 17.26 -13.21
N VAL C 14 -28.96 16.91 -11.93
CA VAL C 14 -27.73 17.15 -11.20
C VAL C 14 -26.68 16.11 -11.62
N CYS C 15 -27.17 14.94 -12.07
CA CYS C 15 -26.27 13.82 -12.42
C CYS C 15 -25.25 14.27 -13.47
N ALA C 16 -23.98 13.95 -13.23
CA ALA C 16 -22.89 14.31 -14.12
C ALA C 16 -22.78 13.36 -15.31
N ARG C 17 -23.46 12.20 -15.28
CA ARG C 17 -23.38 11.19 -16.33
C ARG C 17 -21.95 10.66 -16.44
N CYS C 18 -21.32 10.35 -15.31
CA CYS C 18 -19.96 9.82 -15.26
C CYS C 18 -19.99 8.31 -15.44
N GLY C 19 -21.09 7.69 -15.01
CA GLY C 19 -21.26 6.24 -15.09
C GLY C 19 -20.51 5.46 -14.03
N THR C 20 -20.14 6.11 -12.91
CA THR C 20 -19.42 5.42 -11.83
C THR C 20 -20.34 4.48 -11.05
N CYS C 21 -21.58 4.91 -10.82
CA CYS C 21 -22.56 4.15 -10.04
C CYS C 21 -22.86 2.75 -10.61
N THR C 22 -22.84 2.61 -11.95
CA THR C 22 -23.21 1.36 -12.59
C THR C 22 -22.08 0.31 -12.60
N ILE C 23 -20.82 0.75 -12.63
CA ILE C 23 -19.70 -0.19 -12.65
C ILE C 23 -19.43 -0.82 -11.27
N VAL C 24 -19.90 -0.19 -10.19
CA VAL C 24 -19.67 -0.71 -8.84
C VAL C 24 -20.74 -1.71 -8.38
N CYS C 25 -21.83 -1.82 -9.13
CA CYS C 25 -22.94 -2.72 -8.68
C CYS C 25 -22.43 -4.16 -8.64
N PRO C 26 -22.47 -4.83 -7.47
CA PRO C 26 -21.98 -6.22 -7.40
C PRO C 26 -22.94 -7.26 -8.00
N ASN C 27 -24.17 -6.83 -8.35
CA ASN C 27 -25.16 -7.73 -8.93
C ASN C 27 -25.33 -7.50 -10.45
N GLY C 28 -24.63 -6.50 -10.99
CA GLY C 28 -24.69 -6.17 -12.41
C GLY C 28 -26.08 -5.86 -12.93
N ILE C 29 -26.92 -5.27 -12.08
CA ILE C 29 -28.30 -4.94 -12.47
C ILE C 29 -28.42 -3.49 -12.96
N LEU C 30 -27.27 -2.80 -13.11
CA LEU C 30 -27.24 -1.42 -13.61
C LEU C 30 -26.49 -1.39 -14.94
N THR C 31 -26.98 -0.56 -15.87
CA THR C 31 -26.33 -0.37 -17.15
C THR C 31 -26.23 1.14 -17.40
N PHE C 32 -25.30 1.55 -18.24
CA PHE C 32 -25.11 2.97 -18.53
C PHE C 32 -24.77 3.19 -20.00
N ASP C 33 -25.56 4.01 -20.70
CA ASP C 33 -25.28 4.39 -22.07
C ASP C 33 -25.01 5.88 -22.02
N GLU C 34 -26.06 6.68 -21.75
CA GLU C 34 -25.92 8.12 -21.58
C GLU C 34 -26.55 8.51 -20.24
N ARG C 35 -27.08 7.51 -19.51
CA ARG C 35 -27.84 7.71 -18.28
C ARG C 35 -27.84 6.40 -17.47
N PRO C 36 -27.83 6.42 -16.12
CA PRO C 36 -27.91 5.15 -15.39
C PRO C 36 -29.28 4.49 -15.55
N LYS C 37 -29.32 3.16 -15.69
CA LYS C 37 -30.57 2.42 -15.88
C LYS C 37 -30.59 1.10 -15.12
N LEU C 38 -31.70 0.76 -14.47
CA LEU C 38 -31.86 -0.52 -13.76
C LEU C 38 -32.45 -1.53 -14.72
N ILE C 39 -31.77 -2.67 -14.92
CA ILE C 39 -32.27 -3.72 -15.80
C ILE C 39 -32.97 -4.82 -15.01
N ASP C 40 -32.99 -4.70 -13.68
CA ASP C 40 -33.64 -5.66 -12.80
C ASP C 40 -34.01 -4.96 -11.50
N GLU C 41 -34.87 -5.57 -10.69
CA GLU C 41 -35.28 -4.97 -9.43
C GLU C 41 -34.13 -5.03 -8.42
N CYS C 42 -33.87 -3.92 -7.74
CA CYS C 42 -32.85 -3.84 -6.70
C CYS C 42 -33.55 -4.07 -5.35
N LEU C 43 -33.09 -5.06 -4.57
CA LEU C 43 -33.71 -5.37 -3.28
C LEU C 43 -33.54 -4.21 -2.29
N ARG C 44 -32.48 -3.41 -2.45
CA ARG C 44 -32.19 -2.27 -1.59
C ARG C 44 -32.85 -0.99 -2.10
N LYS C 45 -33.48 -1.03 -3.28
CA LYS C 45 -34.09 0.15 -3.90
C LYS C 45 -33.03 1.25 -4.13
N GLY C 46 -31.82 0.81 -4.48
CA GLY C 46 -30.70 1.72 -4.74
C GLY C 46 -30.00 2.23 -3.50
N HIS C 47 -30.36 1.73 -2.31
CA HIS C 47 -29.70 2.14 -1.07
C HIS C 47 -28.44 1.28 -0.92
N GLY C 48 -27.42 1.63 -1.69
CA GLY C 48 -26.18 0.87 -1.68
C GLY C 48 -25.01 1.62 -2.27
N MET C 49 -24.01 0.85 -2.72
CA MET C 49 -22.75 1.35 -3.25
C MET C 49 -22.89 2.34 -4.39
N CYS C 50 -23.90 2.16 -5.24
CA CYS C 50 -24.10 3.06 -6.40
C CYS C 50 -24.34 4.49 -5.90
N PHE C 51 -25.18 4.65 -4.89
CA PHE C 51 -25.46 5.95 -4.29
C PHE C 51 -24.25 6.50 -3.53
N GLU C 52 -23.48 5.62 -2.87
CA GLU C 52 -22.33 6.05 -2.05
C GLU C 52 -21.10 6.49 -2.84
N VAL C 53 -20.91 6.01 -4.09
CA VAL C 53 -19.78 6.46 -4.91
C VAL C 53 -20.13 7.69 -5.73
N CYS C 54 -21.42 8.06 -5.74
CA CYS C 54 -21.85 9.16 -6.63
C CYS C 54 -21.17 10.48 -6.24
N PRO C 55 -20.42 11.12 -7.15
CA PRO C 55 -19.78 12.41 -6.82
C PRO C 55 -20.76 13.57 -6.70
N ARG C 56 -22.02 13.35 -7.12
CA ARG C 56 -23.03 14.39 -7.03
C ARG C 56 -23.94 14.24 -5.81
N VAL C 57 -23.73 13.19 -5.00
CA VAL C 57 -24.43 13.04 -3.72
C VAL C 57 -23.53 13.77 -2.71
N SER C 58 -22.25 13.43 -2.73
CA SER C 58 -21.24 14.05 -1.88
C SER C 58 -19.91 13.97 -2.61
N SER C 59 -19.15 15.05 -2.62
CA SER C 59 -17.87 15.07 -3.33
C SER C 59 -16.81 14.26 -2.57
N ALA C 60 -16.88 14.24 -1.22
CA ALA C 60 -15.89 13.57 -0.37
C ALA C 60 -14.47 14.10 -0.61
N LYS C 61 -14.33 15.32 -1.17
CA LYS C 61 -13.01 15.87 -1.54
C LYS C 61 -12.13 16.12 -0.34
N TYR C 62 -12.68 16.65 0.77
CA TYR C 62 -11.86 16.94 1.95
C TYR C 62 -11.13 15.71 2.47
N GLN C 63 -11.85 14.60 2.69
CA GLN C 63 -11.23 13.38 3.20
C GLN C 63 -10.26 12.75 2.21
N ILE C 64 -10.52 12.90 0.89
CA ILE C 64 -9.64 12.34 -0.14
C ILE C 64 -8.39 13.22 -0.28
N LYS C 65 -8.56 14.56 -0.30
CA LYS C 65 -7.46 15.50 -0.45
C LYS C 65 -6.45 15.47 0.70
N ILE C 66 -6.91 15.39 1.95
CA ILE C 66 -5.97 15.34 3.08
C ILE C 66 -5.13 14.05 3.04
N ARG C 67 -5.63 12.99 2.37
CA ARG C 67 -4.91 11.74 2.23
C ARG C 67 -4.02 11.73 0.98
N GLU C 68 -4.55 12.25 -0.14
CA GLU C 68 -3.78 12.32 -1.39
C GLU C 68 -2.73 13.44 -1.33
N LYS C 69 -2.98 14.52 -0.57
CA LYS C 69 -2.05 15.64 -0.44
C LYS C 69 -1.60 16.09 -1.83
N PHE C 70 -2.57 16.44 -2.67
CA PHE C 70 -2.31 16.86 -4.04
C PHE C 70 -1.46 18.12 -4.10
N TYR C 71 -0.60 18.21 -5.11
CA TYR C 71 0.20 19.41 -5.37
C TYR C 71 -0.05 19.80 -6.83
N GLU C 72 0.63 20.85 -7.31
CA GLU C 72 0.41 21.30 -8.68
C GLU C 72 1.74 21.64 -9.36
N LYS C 73 2.10 20.87 -10.39
CA LYS C 73 3.30 21.12 -11.18
C LYS C 73 2.85 21.30 -12.62
N TYR C 74 3.05 22.50 -13.19
CA TYR C 74 2.60 22.81 -14.54
C TYR C 74 3.66 22.58 -15.61
N TYR C 75 3.30 21.80 -16.63
CA TYR C 75 4.17 21.51 -17.78
C TYR C 75 3.31 21.42 -19.03
N TYR C 76 3.94 21.36 -20.20
CA TYR C 76 3.23 21.12 -21.46
C TYR C 76 4.14 20.27 -22.32
N ALA C 77 3.57 19.43 -23.17
CA ALA C 77 4.40 18.54 -23.99
C ALA C 77 3.68 18.04 -25.22
N LYS C 78 4.45 17.45 -26.12
CA LYS C 78 3.96 16.88 -27.38
C LYS C 78 4.64 15.53 -27.56
N SER C 79 3.99 14.60 -28.26
CA SER C 79 4.59 13.29 -28.54
C SER C 79 4.48 12.99 -30.03
N ASP C 80 5.10 11.90 -30.48
CA ASP C 80 5.05 11.51 -31.89
C ASP C 80 3.64 11.02 -32.25
N ILE C 81 2.90 10.48 -31.27
CA ILE C 81 1.54 9.98 -31.48
C ILE C 81 0.59 11.14 -31.81
N GLU C 82 -0.21 10.99 -32.87
CA GLU C 82 -1.20 12.01 -33.23
C GLU C 82 -2.41 11.83 -32.34
N GLY C 83 -2.77 12.87 -31.62
CA GLY C 83 -3.90 12.85 -30.71
C GLY C 83 -4.76 14.08 -30.84
N GLN C 84 -5.55 14.37 -29.82
CA GLN C 84 -6.41 15.56 -29.82
C GLN C 84 -5.54 16.81 -29.88
N ASP C 85 -4.48 16.85 -29.07
CA ASP C 85 -3.56 17.98 -29.03
C ASP C 85 -2.12 17.47 -29.20
N GLY C 86 -1.42 17.21 -28.11
CA GLY C 86 -0.04 16.72 -28.15
C GLY C 86 0.06 15.20 -28.09
N GLY C 87 -1.07 14.52 -27.94
CA GLY C 87 -1.10 13.07 -27.84
C GLY C 87 -0.38 12.56 -26.60
N VAL C 88 -0.39 13.36 -25.53
CA VAL C 88 0.33 13.04 -24.30
C VAL C 88 -0.35 11.91 -23.51
N VAL C 89 -1.69 11.92 -23.44
CA VAL C 89 -2.41 10.88 -22.71
C VAL C 89 -2.11 9.50 -23.30
N THR C 90 -2.13 9.38 -24.64
CA THR C 90 -1.85 8.11 -25.31
C THR C 90 -0.39 7.71 -25.14
N ALA C 91 0.54 8.68 -25.25
CA ALA C 91 1.96 8.40 -25.06
C ALA C 91 2.24 7.89 -23.66
N PHE C 92 1.54 8.44 -22.65
CA PHE C 92 1.71 8.02 -21.26
C PHE C 92 1.13 6.62 -21.05
N LEU C 93 -0.02 6.32 -21.64
CA LEU C 93 -0.64 5.00 -21.52
C LEU C 93 0.22 3.95 -22.22
N LYS C 94 0.82 4.30 -23.37
CA LYS C 94 1.69 3.40 -24.12
C LYS C 94 2.91 3.05 -23.26
N TYR C 95 3.50 4.07 -22.60
CA TYR C 95 4.66 3.88 -21.72
C TYR C 95 4.31 2.96 -20.54
N LEU C 96 3.17 3.21 -19.88
CA LEU C 96 2.74 2.41 -18.73
C LEU C 96 2.51 0.95 -19.10
N LEU C 97 1.94 0.69 -20.29
CA LEU C 97 1.71 -0.69 -20.74
C LEU C 97 3.03 -1.37 -21.08
N GLU C 98 3.89 -0.68 -21.84
CA GLU C 98 5.19 -1.21 -22.26
C GLU C 98 6.14 -1.49 -21.09
N ASN C 99 6.08 -0.69 -20.02
CA ASN C 99 6.95 -0.86 -18.87
C ASN C 99 6.29 -1.63 -17.73
N GLY C 100 5.24 -2.39 -18.04
CA GLY C 100 4.54 -3.23 -17.07
C GLY C 100 4.04 -2.51 -15.83
N LYS C 101 3.68 -1.23 -15.95
CA LYS C 101 3.17 -0.47 -14.80
C LYS C 101 1.66 -0.77 -14.63
N ILE C 102 0.97 -1.10 -15.73
CA ILE C 102 -0.47 -1.43 -15.74
C ILE C 102 -0.73 -2.67 -16.59
N ASP C 103 -1.75 -3.46 -16.22
CA ASP C 103 -2.15 -4.66 -16.97
C ASP C 103 -3.03 -4.27 -18.17
N GLY C 104 -3.65 -3.11 -18.09
CA GLY C 104 -4.52 -2.61 -19.15
C GLY C 104 -4.86 -1.14 -18.98
N ALA C 105 -5.35 -0.51 -20.04
CA ALA C 105 -5.74 0.90 -20.01
C ALA C 105 -7.24 1.05 -20.29
N ILE C 106 -7.96 1.79 -19.42
CA ILE C 106 -9.39 2.04 -19.60
C ILE C 106 -9.50 3.33 -20.39
N VAL C 107 -9.86 3.22 -21.67
CA VAL C 107 -9.90 4.35 -22.59
C VAL C 107 -11.24 4.41 -23.32
N VAL C 108 -11.51 5.57 -23.94
CA VAL C 108 -12.74 5.79 -24.70
C VAL C 108 -12.44 5.77 -26.20
N GLY C 109 -12.96 4.77 -26.89
CA GLY C 109 -12.87 4.65 -28.34
C GLY C 109 -14.14 5.22 -28.95
N ASP C 110 -14.44 4.90 -30.21
CA ASP C 110 -15.67 5.40 -30.83
C ASP C 110 -16.09 4.62 -32.06
N GLU C 111 -17.39 4.65 -32.35
CA GLU C 111 -17.98 4.05 -33.55
C GLU C 111 -18.86 5.13 -34.14
N CYS C 112 -18.38 5.81 -35.21
CA CYS C 112 -19.10 6.92 -35.83
C CYS C 112 -19.25 8.08 -34.85
N TRP C 113 -18.22 8.25 -33.99
CA TRP C 113 -18.17 9.28 -32.95
C TRP C 113 -19.07 8.97 -31.74
N LYS C 114 -19.64 7.77 -31.68
CA LYS C 114 -20.43 7.36 -30.51
C LYS C 114 -19.40 6.76 -29.55
N PRO C 115 -19.19 7.34 -28.35
CA PRO C 115 -18.14 6.81 -27.47
C PRO C 115 -18.33 5.35 -27.06
N VAL C 116 -17.21 4.62 -26.93
CA VAL C 116 -17.20 3.21 -26.51
C VAL C 116 -16.08 3.03 -25.49
N SER C 117 -16.41 2.56 -24.27
CA SER C 117 -15.40 2.31 -23.24
C SER C 117 -14.67 1.00 -23.59
N LEU C 118 -13.32 1.03 -23.63
CA LEU C 118 -12.52 -0.13 -24.02
C LEU C 118 -11.43 -0.47 -23.03
N VAL C 119 -11.03 -1.76 -23.00
CA VAL C 119 -9.90 -2.24 -22.21
C VAL C 119 -8.80 -2.47 -23.22
N VAL C 120 -7.69 -1.72 -23.11
CA VAL C 120 -6.59 -1.87 -24.06
C VAL C 120 -5.36 -2.44 -23.35
N GLN C 121 -4.88 -3.61 -23.82
CA GLN C 121 -3.69 -4.25 -23.28
C GLN C 121 -2.52 -4.12 -24.25
N ASN C 122 -2.82 -3.81 -25.53
CA ASN C 122 -1.80 -3.66 -26.56
C ASN C 122 -1.54 -2.19 -26.84
N ALA C 123 -0.28 -1.79 -26.65
CA ALA C 123 0.21 -0.41 -26.79
C ALA C 123 -0.02 0.11 -28.21
N GLU C 124 -0.05 -0.78 -29.20
CA GLU C 124 -0.27 -0.41 -30.60
C GLU C 124 -1.75 -0.12 -30.90
N ASP C 125 -2.67 -0.66 -30.06
CA ASP C 125 -4.14 -0.51 -30.21
C ASP C 125 -4.72 0.77 -29.64
N LEU C 126 -3.90 1.41 -28.83
CA LEU C 126 -4.22 2.66 -28.12
C LEU C 126 -4.50 3.84 -29.08
N LEU C 127 -3.93 3.86 -30.30
CA LEU C 127 -4.11 5.01 -31.21
C LEU C 127 -5.55 5.24 -31.63
N LYS C 128 -6.33 4.17 -31.79
CA LYS C 128 -7.74 4.30 -32.19
C LYS C 128 -8.52 5.11 -31.15
N THR C 129 -8.01 5.24 -29.92
CA THR C 129 -8.72 5.97 -28.87
C THR C 129 -8.17 7.37 -28.62
N ALA C 130 -7.12 7.78 -29.36
CA ALA C 130 -6.44 9.06 -29.15
C ALA C 130 -7.12 10.28 -29.79
N LYS C 131 -8.27 10.71 -29.24
CA LYS C 131 -8.98 11.89 -29.73
C LYS C 131 -10.13 12.20 -28.78
N SER C 132 -10.58 13.45 -28.72
CA SER C 132 -11.66 13.82 -27.80
C SER C 132 -13.03 13.48 -28.36
N LYS C 133 -13.83 12.77 -27.56
CA LYS C 133 -15.21 12.45 -27.90
C LYS C 133 -16.05 13.37 -27.01
N TYR C 134 -16.74 14.35 -27.59
CA TYR C 134 -17.52 15.30 -26.81
C TYR C 134 -18.92 14.78 -26.45
N ALA C 135 -19.27 13.57 -26.91
CA ALA C 135 -20.53 12.93 -26.53
C ALA C 135 -20.33 12.21 -25.19
N ILE C 136 -21.42 11.90 -24.47
CA ILE C 136 -21.33 11.25 -23.16
C ILE C 136 -20.58 9.93 -23.23
N SER C 137 -19.58 9.75 -22.34
CA SER C 137 -18.79 8.52 -22.27
C SER C 137 -19.17 7.74 -21.02
N THR C 138 -18.74 6.47 -20.96
CA THR C 138 -19.01 5.59 -19.81
C THR C 138 -17.68 5.09 -19.24
N LEU C 139 -17.73 4.34 -18.12
CA LEU C 139 -16.56 3.72 -17.52
C LEU C 139 -16.72 2.20 -17.56
N ASP C 140 -17.62 1.71 -18.43
CA ASP C 140 -17.99 0.29 -18.56
C ASP C 140 -16.82 -0.68 -18.69
N ALA C 141 -15.75 -0.28 -19.39
CA ALA C 141 -14.58 -1.16 -19.59
C ALA C 141 -13.88 -1.50 -18.28
N LEU C 142 -14.07 -0.67 -17.24
CA LEU C 142 -13.47 -0.95 -15.95
C LEU C 142 -14.09 -2.21 -15.34
N ARG C 143 -15.38 -2.44 -15.61
CA ARG C 143 -16.07 -3.64 -15.15
C ARG C 143 -15.61 -4.85 -15.98
N LYS C 144 -15.41 -4.66 -17.29
CA LYS C 144 -14.91 -5.72 -18.16
C LYS C 144 -13.51 -6.15 -17.72
N ALA C 145 -12.65 -5.18 -17.36
CA ALA C 145 -11.29 -5.46 -16.90
C ALA C 145 -11.30 -6.32 -15.63
N GLY C 146 -12.28 -6.08 -14.78
CA GLY C 146 -12.46 -6.85 -13.54
C GLY C 146 -12.85 -8.29 -13.83
N GLU C 147 -13.78 -8.49 -14.78
CA GLU C 147 -14.21 -9.83 -15.18
C GLU C 147 -13.04 -10.58 -15.83
N MET C 148 -12.14 -9.85 -16.51
CA MET C 148 -10.96 -10.44 -17.15
C MET C 148 -9.90 -10.84 -16.12
N GLY C 149 -9.95 -10.22 -14.95
CA GLY C 149 -9.01 -10.53 -13.86
C GLY C 149 -7.76 -9.66 -13.88
N LEU C 150 -7.82 -8.52 -14.57
CA LEU C 150 -6.69 -7.60 -14.62
C LEU C 150 -6.41 -7.06 -13.20
N GLU C 151 -5.13 -7.02 -12.80
CA GLU C 151 -4.74 -6.58 -11.46
C GLU C 151 -4.67 -5.05 -11.34
N LYS C 152 -3.92 -4.39 -12.24
CA LYS C 152 -3.75 -2.93 -12.19
C LYS C 152 -4.14 -2.29 -13.52
N VAL C 153 -4.81 -1.13 -13.48
CA VAL C 153 -5.18 -0.42 -14.70
C VAL C 153 -5.00 1.08 -14.55
N ALA C 154 -4.91 1.78 -15.69
CA ALA C 154 -4.87 3.24 -15.71
C ALA C 154 -6.22 3.61 -16.30
N VAL C 155 -6.83 4.70 -15.80
CA VAL C 155 -8.13 5.14 -16.32
C VAL C 155 -8.05 6.59 -16.73
N VAL C 156 -8.54 6.91 -17.95
CA VAL C 156 -8.64 8.29 -18.41
C VAL C 156 -10.08 8.68 -18.17
N GLY C 157 -10.31 9.86 -17.63
CA GLY C 157 -11.68 10.29 -17.35
C GLY C 157 -11.87 11.77 -17.26
N LEU C 158 -13.12 12.20 -17.37
CA LEU C 158 -13.50 13.61 -17.22
C LEU C 158 -13.48 13.90 -15.72
N PRO C 159 -13.34 15.16 -15.30
CA PRO C 159 -13.30 15.46 -13.86
C PRO C 159 -14.35 14.72 -13.03
N CYS C 160 -15.60 14.64 -13.52
CA CYS C 160 -16.68 13.95 -12.81
C CYS C 160 -16.38 12.45 -12.64
N GLN C 161 -15.79 11.82 -13.67
CA GLN C 161 -15.44 10.41 -13.62
C GLN C 161 -14.27 10.17 -12.68
N ILE C 162 -13.29 11.09 -12.65
CA ILE C 162 -12.15 10.99 -11.73
C ILE C 162 -12.66 11.09 -10.28
N ASN C 163 -13.62 12.00 -10.03
CA ASN C 163 -14.19 12.21 -8.71
C ASN C 163 -14.93 10.97 -8.20
N GLY C 164 -15.66 10.30 -9.07
CA GLY C 164 -16.37 9.09 -8.69
C GLY C 164 -15.41 7.95 -8.41
N LEU C 165 -14.35 7.83 -9.20
CA LEU C 165 -13.37 6.77 -9.02
C LEU C 165 -12.49 7.03 -7.79
N ARG C 166 -12.29 8.30 -7.40
CA ARG C 166 -11.55 8.61 -6.16
C ARG C 166 -12.42 8.18 -4.98
N LYS C 167 -13.74 8.35 -5.10
CA LYS C 167 -14.68 7.93 -4.06
C LYS C 167 -14.69 6.40 -3.96
N LEU C 168 -14.44 5.71 -5.08
CA LEU C 168 -14.36 4.24 -5.06
C LEU C 168 -13.08 3.80 -4.35
N GLN C 169 -11.95 4.49 -4.61
CA GLN C 169 -10.67 4.19 -3.98
C GLN C 169 -10.71 4.39 -2.46
N TYR C 170 -11.36 5.48 -2.02
CA TYR C 170 -11.45 5.83 -0.60
C TYR C 170 -12.83 5.50 -0.03
N PHE C 171 -13.49 4.48 -0.60
CA PHE C 171 -14.86 4.11 -0.23
C PHE C 171 -15.15 4.08 1.28
N PRO C 172 -14.42 3.32 2.11
CA PRO C 172 -14.79 3.26 3.54
C PRO C 172 -14.65 4.56 4.33
N TYR C 173 -13.81 5.50 3.89
CA TYR C 173 -13.60 6.77 4.59
C TYR C 173 -14.81 7.70 4.54
N HIS C 174 -15.65 7.58 3.50
CA HIS C 174 -16.88 8.38 3.40
C HIS C 174 -18.13 7.51 3.55
N ALA C 175 -18.10 6.25 3.07
CA ALA C 175 -19.25 5.34 3.17
C ALA C 175 -19.40 4.80 4.59
N LYS C 176 -18.29 4.71 5.36
CA LYS C 176 -18.25 4.22 6.74
C LYS C 176 -18.38 2.70 6.85
N HIS C 177 -18.23 1.98 5.74
CA HIS C 177 -18.29 0.51 5.73
C HIS C 177 -17.55 0.01 4.49
N ASP C 178 -17.41 -1.32 4.34
CA ASP C 178 -16.69 -1.89 3.20
C ASP C 178 -17.59 -2.01 1.95
N LEU C 179 -16.99 -2.38 0.81
CA LEU C 179 -17.71 -2.52 -0.46
C LEU C 179 -18.94 -3.41 -0.31
N GLU C 180 -20.03 -3.03 -0.99
CA GLU C 180 -21.32 -3.77 -0.88
C GLU C 180 -21.15 -5.21 -1.40
N LEU C 181 -21.78 -6.17 -0.72
CA LEU C 181 -21.74 -7.58 -1.10
C LEU C 181 -22.94 -7.86 -1.99
N GLY C 182 -22.72 -8.59 -3.08
CA GLY C 182 -23.80 -8.96 -3.99
C GLY C 182 -24.58 -10.15 -3.48
N ARG C 183 -25.42 -10.74 -4.35
CA ARG C 183 -26.24 -11.90 -4.00
C ARG C 183 -25.36 -13.10 -3.63
N ASN C 184 -24.17 -13.20 -4.26
CA ASN C 184 -23.23 -14.30 -3.99
C ASN C 184 -22.37 -14.04 -2.75
N GLY C 185 -22.61 -12.92 -2.08
CA GLY C 185 -21.89 -12.57 -0.86
C GLY C 185 -20.49 -12.03 -1.08
N LYS C 186 -20.20 -11.57 -2.30
CA LYS C 186 -18.89 -11.04 -2.63
C LYS C 186 -19.01 -9.64 -3.22
N PRO C 187 -17.99 -8.79 -3.03
CA PRO C 187 -18.06 -7.44 -3.60
C PRO C 187 -17.81 -7.47 -5.11
N VAL C 188 -18.00 -6.33 -5.76
CA VAL C 188 -17.78 -6.21 -7.20
C VAL C 188 -16.32 -6.53 -7.54
N LYS C 189 -16.09 -7.23 -8.66
CA LYS C 189 -14.73 -7.55 -9.07
C LYS C 189 -14.25 -6.42 -9.99
N LEU C 190 -13.32 -5.61 -9.50
CA LEU C 190 -12.76 -4.48 -10.23
C LEU C 190 -11.25 -4.50 -10.09
N PRO C 191 -10.51 -4.07 -11.12
CA PRO C 191 -9.05 -4.02 -10.99
C PRO C 191 -8.64 -2.86 -10.08
N LYS C 192 -7.41 -2.87 -9.58
CA LYS C 192 -6.92 -1.74 -8.80
C LYS C 192 -6.66 -0.60 -9.77
N ILE C 193 -7.13 0.61 -9.46
CA ILE C 193 -6.89 1.75 -10.34
C ILE C 193 -5.55 2.36 -9.92
N GLU C 194 -4.48 1.98 -10.61
CA GLU C 194 -3.13 2.44 -10.29
C GLU C 194 -2.92 3.91 -10.73
N TYR C 195 -3.50 4.32 -11.87
CA TYR C 195 -3.36 5.70 -12.34
C TYR C 195 -4.71 6.28 -12.74
N LEU C 196 -4.96 7.53 -12.36
CA LEU C 196 -6.16 8.24 -12.75
C LEU C 196 -5.73 9.45 -13.58
N ILE C 197 -5.90 9.37 -14.90
CA ILE C 197 -5.54 10.45 -15.81
C ILE C 197 -6.77 11.30 -16.09
N GLY C 198 -6.77 12.52 -15.61
CA GLY C 198 -7.91 13.42 -15.77
C GLY C 198 -7.77 14.35 -16.95
N LEU C 199 -8.89 14.70 -17.59
CA LEU C 199 -8.88 15.63 -18.71
C LEU C 199 -9.48 16.96 -18.26
N PHE C 200 -9.06 18.09 -18.86
CA PHE C 200 -9.69 19.37 -18.57
C PHE C 200 -11.07 19.23 -19.20
N CYS C 201 -12.11 19.87 -18.66
CA CYS C 201 -13.43 19.67 -19.23
C CYS C 201 -14.34 20.85 -18.98
N THR C 202 -15.06 21.30 -20.02
CA THR C 202 -16.02 22.40 -19.88
C THR C 202 -17.44 21.85 -20.01
N GLU C 203 -17.65 20.82 -20.85
CA GLU C 203 -18.97 20.25 -21.06
C GLU C 203 -18.92 19.02 -21.96
N LYS C 204 -20.04 18.29 -22.01
CA LYS C 204 -20.22 17.14 -22.89
C LYS C 204 -21.66 17.19 -23.41
N PHE C 205 -21.96 16.49 -24.51
CA PHE C 205 -23.29 16.51 -25.10
C PHE C 205 -23.85 15.13 -25.34
N ARG C 206 -25.16 15.04 -25.60
CA ARG C 206 -25.79 13.77 -25.96
C ARG C 206 -25.44 13.48 -27.42
N TYR C 207 -25.08 12.22 -27.73
CA TYR C 207 -24.67 11.85 -29.08
C TYR C 207 -25.69 12.22 -30.16
N ASP C 208 -26.97 11.89 -29.92
CA ASP C 208 -28.03 12.18 -30.89
C ASP C 208 -28.21 13.67 -31.11
N ASN C 209 -27.99 14.49 -30.07
CA ASN C 209 -28.09 15.94 -30.21
C ASN C 209 -26.97 16.44 -31.12
N MET C 210 -25.74 15.94 -30.92
CA MET C 210 -24.61 16.33 -31.77
C MET C 210 -24.90 15.94 -33.21
N LYS C 211 -25.33 14.69 -33.42
CA LYS C 211 -25.67 14.18 -34.75
C LYS C 211 -26.76 15.02 -35.42
N GLU C 212 -27.82 15.38 -34.68
CA GLU C 212 -28.94 16.17 -35.22
C GLU C 212 -28.52 17.58 -35.57
N VAL C 213 -27.73 18.24 -34.70
CA VAL C 213 -27.26 19.60 -34.94
C VAL C 213 -26.33 19.64 -36.16
N LEU C 214 -25.46 18.63 -36.31
CA LEU C 214 -24.57 18.56 -37.48
C LEU C 214 -25.38 18.27 -38.74
N SER C 215 -26.39 17.39 -38.64
CA SER C 215 -27.25 17.07 -39.78
C SER C 215 -27.99 18.33 -40.27
N LYS C 216 -28.45 19.18 -39.33
CA LYS C 216 -29.13 20.45 -39.66
C LYS C 216 -28.22 21.37 -40.46
N HIS C 217 -26.90 21.29 -40.23
CA HIS C 217 -25.92 22.10 -40.93
C HIS C 217 -25.29 21.37 -42.13
N GLY C 218 -25.95 20.30 -42.58
CA GLY C 218 -25.50 19.53 -43.73
C GLY C 218 -24.27 18.68 -43.51
N ILE C 219 -23.92 18.41 -42.24
CA ILE C 219 -22.75 17.61 -41.93
C ILE C 219 -23.15 16.24 -41.42
N ASP C 220 -22.56 15.19 -41.98
CA ASP C 220 -22.82 13.83 -41.53
C ASP C 220 -21.73 13.50 -40.50
N ILE C 221 -22.14 13.27 -39.24
CA ILE C 221 -21.22 13.01 -38.13
C ILE C 221 -20.23 11.89 -38.44
N GLU C 222 -20.71 10.85 -39.13
CA GLU C 222 -19.93 9.68 -39.49
C GLU C 222 -18.68 10.04 -40.30
N LYS C 223 -18.72 11.14 -41.08
CA LYS C 223 -17.60 11.55 -41.92
C LYS C 223 -16.68 12.55 -41.24
N VAL C 224 -17.01 13.01 -40.03
CA VAL C 224 -16.17 13.98 -39.32
C VAL C 224 -14.82 13.33 -39.00
N GLU C 225 -13.74 14.06 -39.25
CA GLU C 225 -12.36 13.58 -39.02
C GLU C 225 -11.94 13.87 -37.59
N LYS C 226 -12.24 15.08 -37.09
CA LYS C 226 -11.84 15.51 -35.76
C LYS C 226 -12.79 16.57 -35.21
N PHE C 227 -12.87 16.66 -33.88
CA PHE C 227 -13.67 17.66 -33.17
C PHE C 227 -12.74 18.45 -32.24
N ASP C 228 -13.12 19.67 -31.87
CA ASP C 228 -12.31 20.46 -30.94
C ASP C 228 -13.15 21.58 -30.33
N ILE C 229 -12.84 21.96 -29.08
CA ILE C 229 -13.55 23.06 -28.41
C ILE C 229 -12.56 24.20 -28.20
N LYS C 230 -12.81 25.35 -28.83
CA LYS C 230 -11.92 26.51 -28.72
C LYS C 230 -12.71 27.81 -28.74
N LYS C 231 -12.47 28.70 -27.77
CA LYS C 231 -13.12 30.01 -27.68
C LYS C 231 -14.65 29.93 -27.75
N GLY C 232 -15.23 29.04 -26.96
CA GLY C 232 -16.68 28.88 -26.89
C GLY C 232 -17.33 28.41 -28.19
N LYS C 233 -16.58 27.68 -29.03
CA LYS C 233 -17.10 27.16 -30.30
C LYS C 233 -16.72 25.70 -30.45
N LEU C 234 -17.50 24.95 -31.25
CA LEU C 234 -17.20 23.54 -31.54
C LEU C 234 -16.62 23.48 -32.95
N LEU C 235 -15.33 23.16 -33.08
CA LEU C 235 -14.70 23.06 -34.39
C LEU C 235 -14.93 21.65 -34.92
N VAL C 236 -15.40 21.54 -36.18
CA VAL C 236 -15.70 20.25 -36.80
C VAL C 236 -14.86 20.14 -38.07
N TYR C 237 -13.92 19.19 -38.12
CA TYR C 237 -13.06 19.00 -39.28
C TYR C 237 -13.65 17.89 -40.15
N VAL C 238 -14.28 18.26 -41.28
CA VAL C 238 -14.93 17.29 -42.17
C VAL C 238 -14.64 17.58 -43.65
N ASN C 239 -14.49 16.51 -44.45
CA ASN C 239 -14.22 16.60 -45.89
C ASN C 239 -13.19 17.66 -46.28
N GLY C 240 -12.11 17.76 -45.51
CA GLY C 240 -11.02 18.68 -45.78
C GLY C 240 -11.27 20.13 -45.40
N GLU C 241 -12.35 20.41 -44.65
CA GLU C 241 -12.66 21.78 -44.23
C GLU C 241 -12.89 21.82 -42.73
N LYS C 242 -12.76 23.01 -42.14
CA LYS C 242 -12.99 23.24 -40.72
C LYS C 242 -14.27 24.06 -40.59
N LYS C 243 -15.26 23.54 -39.83
CA LYS C 243 -16.53 24.24 -39.64
C LYS C 243 -16.70 24.64 -38.18
N GLU C 244 -16.96 25.94 -37.94
CA GLU C 244 -17.11 26.51 -36.60
C GLU C 244 -18.58 26.62 -36.22
N PHE C 245 -18.95 26.15 -35.02
CA PHE C 245 -20.32 26.25 -34.52
C PHE C 245 -20.30 26.83 -33.12
N ASP C 246 -21.32 27.62 -32.77
CA ASP C 246 -21.39 28.16 -31.38
C ASP C 246 -21.80 27.00 -30.47
N LEU C 247 -21.17 26.86 -29.30
CA LEU C 247 -21.50 25.78 -28.39
C LEU C 247 -22.98 25.80 -27.99
N LYS C 248 -23.61 26.99 -27.98
CA LYS C 248 -25.02 27.13 -27.60
C LYS C 248 -25.95 26.41 -28.58
N GLU C 249 -25.48 26.13 -29.80
CA GLU C 249 -26.27 25.39 -30.79
C GLU C 249 -26.58 23.97 -30.30
N PHE C 250 -25.72 23.45 -29.42
CA PHE C 250 -25.86 22.10 -28.85
C PHE C 250 -26.48 22.20 -27.46
N GLU C 251 -27.14 21.12 -27.01
CA GLU C 251 -27.77 21.11 -25.69
C GLU C 251 -26.81 20.53 -24.66
N ILE C 252 -26.19 21.42 -23.86
CA ILE C 252 -25.27 21.01 -22.80
C ILE C 252 -25.99 20.13 -21.79
N CYS C 253 -25.32 19.08 -21.31
CA CYS C 253 -25.91 18.19 -20.31
C CYS C 253 -26.15 18.96 -19.02
N SER C 254 -27.32 18.82 -18.42
CA SER C 254 -27.68 19.56 -17.21
C SER C 254 -26.65 19.45 -16.08
N GLY C 255 -26.05 18.27 -15.94
CA GLY C 255 -25.04 18.03 -14.91
C GLY C 255 -23.78 18.84 -15.09
N CYS C 256 -23.47 19.21 -16.34
CA CYS C 256 -22.29 20.02 -16.64
C CYS C 256 -22.47 21.44 -16.10
N LYS C 257 -23.72 21.94 -16.08
CA LYS C 257 -24.02 23.27 -15.54
C LYS C 257 -23.87 23.28 -14.01
N MET C 258 -23.99 22.10 -13.39
CA MET C 258 -23.82 21.90 -11.95
C MET C 258 -22.39 21.43 -11.62
N CYS C 259 -21.42 21.67 -12.51
CA CYS C 259 -20.04 21.21 -12.33
C CYS C 259 -19.11 22.35 -11.90
N ARG C 260 -18.21 22.07 -10.94
CA ARG C 260 -17.24 23.05 -10.42
C ARG C 260 -15.79 22.71 -10.83
N ASP C 261 -15.53 21.44 -11.22
CA ASP C 261 -14.18 20.95 -11.52
C ASP C 261 -13.85 21.09 -13.01
N PHE C 262 -12.95 22.02 -13.36
CA PHE C 262 -12.55 22.21 -14.76
C PHE C 262 -11.32 21.37 -15.12
N ASP C 263 -10.28 21.44 -14.29
CA ASP C 263 -9.00 20.80 -14.55
C ASP C 263 -8.81 19.39 -13.95
N ALA C 264 -9.90 18.73 -13.48
CA ALA C 264 -9.81 17.41 -12.86
C ALA C 264 -8.79 17.44 -11.71
N GLU C 265 -9.02 18.32 -10.73
CA GLU C 265 -8.13 18.56 -9.60
C GLU C 265 -7.79 17.33 -8.73
N MET C 266 -8.55 16.22 -8.83
CA MET C 266 -8.26 15.04 -8.03
C MET C 266 -7.54 13.94 -8.82
N ALA C 267 -7.14 14.22 -10.06
CA ALA C 267 -6.44 13.22 -10.88
C ALA C 267 -4.96 13.15 -10.52
N ASP C 268 -4.31 12.00 -10.79
CA ASP C 268 -2.87 11.86 -10.54
C ASP C 268 -2.13 12.83 -11.44
N VAL C 269 -2.61 12.96 -12.69
CA VAL C 269 -2.08 13.91 -13.66
C VAL C 269 -3.25 14.37 -14.51
N SER C 270 -3.38 15.68 -14.72
CA SER C 270 -4.45 16.24 -15.53
C SER C 270 -3.88 16.73 -16.84
N VAL C 271 -4.53 16.37 -17.96
CA VAL C 271 -4.07 16.78 -19.29
C VAL C 271 -5.17 17.58 -20.00
N GLY C 272 -4.80 18.70 -20.61
CA GLY C 272 -5.75 19.56 -21.30
C GLY C 272 -5.14 20.34 -22.43
N CYS C 273 -5.92 21.28 -23.00
CA CYS C 273 -5.47 22.11 -24.11
C CYS C 273 -5.12 23.53 -23.68
N VAL C 274 -5.99 24.16 -22.86
CA VAL C 274 -5.82 25.55 -22.42
C VAL C 274 -4.49 25.74 -21.68
N GLY C 275 -3.81 26.85 -21.96
CA GLY C 275 -2.54 27.20 -21.32
C GLY C 275 -1.29 26.72 -22.05
N SER C 276 -1.45 26.02 -23.18
CA SER C 276 -0.30 25.51 -23.93
C SER C 276 -0.43 25.81 -25.43
N PRO C 277 0.68 25.80 -26.18
CA PRO C 277 0.58 26.09 -27.63
C PRO C 277 -0.18 25.01 -28.38
N ASP C 278 -0.61 25.33 -29.62
CA ASP C 278 -1.34 24.37 -30.45
C ASP C 278 -0.42 23.20 -30.80
N GLY C 279 -0.96 21.99 -30.72
CA GLY C 279 -0.19 20.77 -30.98
C GLY C 279 0.47 20.24 -29.72
N TYR C 280 0.24 20.90 -28.58
CA TYR C 280 0.79 20.49 -27.29
C TYR C 280 -0.34 20.30 -26.30
N SER C 281 -0.09 19.54 -25.23
CA SER C 281 -1.08 19.33 -24.18
C SER C 281 -0.56 19.89 -22.87
N THR C 282 -1.41 20.60 -22.12
CA THR C 282 -1.05 21.11 -20.80
C THR C 282 -1.06 19.94 -19.82
N ILE C 283 -0.08 19.87 -18.92
CA ILE C 283 0.03 18.78 -17.96
C ILE C 283 0.12 19.33 -16.54
N ILE C 284 -0.79 18.90 -15.64
CA ILE C 284 -0.74 19.30 -14.24
C ILE C 284 -0.51 18.04 -13.40
N ILE C 285 0.74 17.82 -12.97
CA ILE C 285 1.10 16.67 -12.14
C ILE C 285 0.66 16.97 -10.71
N ARG C 286 -0.08 16.04 -10.08
CA ARG C 286 -0.59 16.25 -8.72
C ARG C 286 -0.11 15.20 -7.72
N THR C 287 0.38 14.05 -8.19
CA THR C 287 0.82 12.99 -7.28
C THR C 287 2.06 12.29 -7.81
N GLU C 288 2.66 11.41 -6.99
CA GLU C 288 3.86 10.65 -7.36
C GLU C 288 3.55 9.69 -8.53
N LYS C 289 2.32 9.27 -8.66
CA LYS C 289 1.93 8.38 -9.77
C LYS C 289 1.94 9.20 -11.04
N GLY C 290 1.43 10.42 -10.95
CA GLY C 290 1.36 11.32 -12.09
C GLY C 290 2.73 11.78 -12.56
N GLU C 291 3.73 11.74 -11.66
CA GLU C 291 5.15 12.14 -11.95
C GLU C 291 5.72 11.21 -13.04
N GLU C 292 5.22 9.97 -13.16
CA GLU C 292 5.76 9.02 -14.11
C GLU C 292 5.58 9.46 -15.57
N ILE C 293 4.79 10.52 -15.82
CA ILE C 293 4.61 11.06 -17.17
C ILE C 293 5.93 11.67 -17.70
N LYS C 294 6.89 11.92 -16.82
CA LYS C 294 8.20 12.49 -17.24
C LYS C 294 8.92 11.51 -18.18
N ASN C 295 8.79 10.22 -17.90
CA ASN C 295 9.46 9.18 -18.66
C ASN C 295 8.78 8.89 -19.99
N ALA C 296 7.50 9.28 -20.12
CA ALA C 296 6.73 9.04 -21.34
C ALA C 296 6.87 10.18 -22.36
N VAL C 297 6.91 11.43 -21.89
CA VAL C 297 7.05 12.60 -22.77
C VAL C 297 8.09 13.58 -22.22
N GLU C 298 8.63 14.46 -23.06
CA GLU C 298 9.61 15.45 -22.61
C GLU C 298 8.87 16.72 -22.19
N LEU C 299 8.77 16.92 -20.87
CA LEU C 299 8.03 18.07 -20.27
C LEU C 299 8.72 19.40 -20.61
N LYS C 300 7.92 20.44 -20.86
CA LYS C 300 8.41 21.77 -21.15
C LYS C 300 7.76 22.75 -20.20
N GLU C 301 8.54 23.63 -19.58
CA GLU C 301 7.97 24.64 -18.70
C GLU C 301 7.53 25.81 -19.56
N GLY C 302 6.66 26.66 -19.01
CA GLY C 302 6.14 27.82 -19.72
C GLY C 302 4.64 27.78 -19.96
N VAL C 303 3.90 27.12 -19.07
CA VAL C 303 2.44 27.03 -19.19
C VAL C 303 1.84 28.38 -18.83
N ASN C 304 0.80 28.80 -19.56
CA ASN C 304 0.11 30.06 -19.24
C ASN C 304 -0.91 29.77 -18.13
N LEU C 305 -0.51 30.03 -16.88
CA LEU C 305 -1.33 29.77 -15.69
C LEU C 305 -2.58 30.64 -15.65
N GLU C 306 -2.52 31.85 -16.18
CA GLU C 306 -3.66 32.76 -16.17
C GLU C 306 -4.78 32.23 -17.06
N GLU C 307 -4.42 31.65 -18.21
CA GLU C 307 -5.39 31.10 -19.16
C GLU C 307 -6.20 29.96 -18.53
N ILE C 308 -5.54 29.11 -17.72
CA ILE C 308 -6.18 27.97 -17.08
C ILE C 308 -7.11 28.48 -15.98
N GLU C 309 -6.66 29.47 -15.19
CA GLU C 309 -7.44 30.05 -14.10
C GLU C 309 -8.69 30.76 -14.63
N LYS C 310 -8.62 31.32 -15.85
CA LYS C 310 -9.78 31.99 -16.45
C LYS C 310 -10.90 30.97 -16.69
N LEU C 311 -10.56 29.78 -17.16
CA LEU C 311 -11.55 28.73 -17.41
C LEU C 311 -12.11 28.17 -16.10
N ARG C 312 -11.29 28.13 -15.06
CA ARG C 312 -11.75 27.66 -13.74
C ARG C 312 -12.82 28.63 -13.24
N GLN C 313 -12.59 29.94 -13.38
CA GLN C 313 -13.53 30.97 -12.93
C GLN C 313 -14.79 30.98 -13.78
N LEU C 314 -14.67 30.75 -15.10
CA LEU C 314 -15.83 30.74 -15.98
C LEU C 314 -16.74 29.55 -15.64
N LYS C 315 -16.14 28.40 -15.34
CA LYS C 315 -16.89 27.20 -14.96
C LYS C 315 -17.57 27.38 -13.62
N LEU C 316 -16.90 28.06 -12.67
CA LEU C 316 -17.44 28.32 -11.34
C LEU C 316 -18.58 29.34 -11.41
N LYS C 317 -18.47 30.33 -12.31
CA LYS C 317 -19.51 31.34 -12.51
C LYS C 317 -20.76 30.68 -13.10
N ARG C 318 -20.57 29.76 -14.05
CA ARG C 318 -21.67 29.02 -14.67
C ARG C 318 -22.34 28.15 -13.62
N PHE C 319 -21.55 27.55 -12.73
CA PHE C 319 -22.07 26.71 -11.65
C PHE C 319 -22.91 27.55 -10.68
N LYS C 320 -22.38 28.70 -10.29
CA LYS C 320 -23.10 29.61 -9.34
C LYS C 320 -24.41 30.06 -10.00
N LYS C 321 -24.38 30.36 -11.30
CA LYS C 321 -25.56 30.80 -12.02
C LYS C 321 -26.65 29.73 -12.02
N GLU C 322 -26.25 28.47 -12.22
CA GLU C 322 -27.18 27.34 -12.25
C GLU C 322 -27.78 27.05 -10.88
N VAL C 323 -26.94 27.12 -9.82
CA VAL C 323 -27.41 26.88 -8.45
C VAL C 323 -28.43 27.96 -8.05
N GLU C 324 -28.16 29.23 -8.43
CA GLU C 324 -29.07 30.33 -8.11
C GLU C 324 -30.39 30.17 -8.88
N ARG C 325 -30.31 29.71 -10.14
CA ARG C 325 -31.50 29.49 -10.96
C ARG C 325 -32.38 28.39 -10.35
N ARG C 326 -31.76 27.29 -9.89
CA ARG C 326 -32.51 26.20 -9.26
C ARG C 326 -33.18 26.68 -7.98
N ARG C 327 -32.44 27.44 -7.13
CA ARG C 327 -33.00 27.97 -5.88
C ARG C 327 -34.21 28.85 -6.17
N GLU C 328 -34.10 29.72 -7.18
CA GLU C 328 -35.16 30.65 -7.55
C GLU C 328 -36.40 29.95 -8.11
N ASN C 329 -36.21 28.81 -8.81
CA ASN C 329 -37.31 28.04 -9.38
C ASN C 329 -37.70 26.85 -8.48
N ASN C 330 -37.19 26.81 -7.24
CA ASN C 330 -37.48 25.75 -6.28
C ASN C 330 -37.22 24.34 -6.86
N GLU C 331 -36.09 24.20 -7.58
CA GLU C 331 -35.69 22.91 -8.14
C GLU C 331 -34.76 22.22 -7.17
N TYR C 332 -34.67 20.89 -7.28
CA TYR C 332 -33.83 20.11 -6.39
C TYR C 332 -32.35 20.45 -6.56
N VAL C 333 -31.64 20.61 -5.44
CA VAL C 333 -30.20 20.87 -5.44
C VAL C 333 -29.54 19.89 -4.48
N SER C 334 -28.47 19.21 -4.94
CA SER C 334 -27.69 18.33 -4.09
C SER C 334 -26.43 19.12 -3.74
N PHE C 335 -26.25 19.45 -2.46
CA PHE C 335 -25.10 20.28 -2.04
C PHE C 335 -23.87 19.40 -1.83
N TYR C 336 -23.45 18.73 -2.90
CA TYR C 336 -22.34 17.78 -2.89
C TYR C 336 -20.98 18.40 -2.55
N TRP C 337 -20.82 19.70 -2.85
CA TRP C 337 -19.56 20.43 -2.61
C TRP C 337 -19.35 20.77 -1.14
N THR C 338 -20.36 20.58 -0.27
CA THR C 338 -20.18 20.85 1.16
C THR C 338 -19.12 19.90 1.74
N ALA C 339 -18.94 18.72 1.14
CA ALA C 339 -17.94 17.75 1.57
C ALA C 339 -16.52 18.15 1.13
N ASP C 340 -16.36 19.33 0.46
CA ASP C 340 -15.04 19.85 0.08
C ASP C 340 -14.36 20.42 1.32
N TYR C 341 -15.14 20.71 2.37
CA TYR C 341 -14.63 21.33 3.59
C TYR C 341 -14.75 20.42 4.80
N GLY C 342 -13.99 20.74 5.84
CA GLY C 342 -14.02 20.01 7.09
C GLY C 342 -15.00 20.64 8.06
N GLY C 343 -15.44 19.86 9.03
CA GLY C 343 -16.37 20.33 10.06
C GLY C 343 -17.80 20.51 9.60
N ILE C 344 -18.20 19.82 8.51
CA ILE C 344 -19.56 19.94 7.98
C ILE C 344 -20.37 18.70 8.33
N GLY C 345 -21.59 18.93 8.82
CA GLY C 345 -22.51 17.87 9.16
C GLY C 345 -23.92 18.21 8.78
N LYS C 346 -24.76 17.20 8.56
CA LYS C 346 -26.14 17.41 8.17
C LYS C 346 -27.05 17.12 9.36
N ARG C 347 -27.92 18.07 9.69
CA ARG C 347 -28.84 17.92 10.82
C ARG C 347 -30.01 17.00 10.44
N ALA C 348 -30.80 16.59 11.45
CA ALA C 348 -31.95 15.72 11.24
C ALA C 348 -33.04 16.40 10.39
N ASP C 349 -33.11 17.74 10.44
CA ASP C 349 -34.14 18.49 9.70
C ASP C 349 -33.75 18.83 8.25
N GLY C 350 -32.55 18.43 7.82
CA GLY C 350 -32.09 18.68 6.46
C GLY C 350 -31.10 19.82 6.31
N THR C 351 -31.09 20.74 7.29
CA THR C 351 -30.13 21.85 7.25
C THR C 351 -28.76 21.35 7.70
N TYR C 352 -27.76 22.24 7.68
CA TYR C 352 -26.39 21.86 8.05
C TYR C 352 -25.96 22.52 9.34
N PHE C 353 -24.89 21.98 9.93
CA PHE C 353 -24.22 22.59 11.07
C PHE C 353 -22.75 22.71 10.67
N ILE C 354 -22.10 23.81 11.07
CA ILE C 354 -20.69 24.02 10.74
C ILE C 354 -19.91 24.01 12.03
N ARG C 355 -18.98 23.07 12.18
CA ARG C 355 -18.17 22.92 13.38
C ARG C 355 -16.85 23.67 13.24
N VAL C 356 -16.61 24.62 14.14
CA VAL C 356 -15.35 25.35 14.22
C VAL C 356 -14.41 24.47 15.04
N ARG C 357 -13.25 24.09 14.49
CA ARG C 357 -12.29 23.27 15.22
C ARG C 357 -11.93 24.01 16.52
N ALA C 358 -12.11 23.38 17.68
CA ALA C 358 -11.84 24.03 18.97
C ALA C 358 -10.44 24.60 19.05
N LYS C 359 -10.32 25.82 19.60
CA LYS C 359 -9.03 26.48 19.76
C LYS C 359 -8.29 25.87 20.95
N PRO C 360 -6.95 25.81 20.92
CA PRO C 360 -6.22 25.19 22.04
C PRO C 360 -6.58 25.78 23.41
N GLY C 361 -6.93 24.90 24.35
CA GLY C 361 -7.26 25.28 25.71
C GLY C 361 -8.64 25.89 25.89
N GLY C 362 -9.43 25.94 24.82
CA GLY C 362 -10.76 26.54 24.86
C GLY C 362 -10.73 28.05 25.00
N TRP C 363 -9.58 28.67 24.68
CA TRP C 363 -9.43 30.12 24.77
C TRP C 363 -9.80 30.74 23.44
N TYR C 364 -10.73 31.70 23.46
CA TYR C 364 -11.18 32.37 22.24
C TYR C 364 -11.03 33.88 22.40
N LYS C 365 -10.55 34.55 21.35
CA LYS C 365 -10.38 36.00 21.38
C LYS C 365 -11.76 36.64 21.19
N PRO C 366 -12.00 37.84 21.74
CA PRO C 366 -13.31 38.48 21.52
C PRO C 366 -13.67 38.64 20.04
N GLU C 367 -12.65 38.89 19.19
CA GLU C 367 -12.83 39.04 17.75
C GLU C 367 -13.38 37.74 17.14
N GLU C 368 -12.86 36.59 17.61
CA GLU C 368 -13.27 35.28 17.13
C GLU C 368 -14.72 34.96 17.49
N ILE C 369 -15.11 35.22 18.74
CA ILE C 369 -16.49 34.97 19.17
C ILE C 369 -17.46 35.93 18.49
N LYS C 370 -17.03 37.19 18.28
CA LYS C 370 -17.86 38.19 17.63
C LYS C 370 -18.21 37.76 16.19
N GLU C 371 -17.25 37.16 15.47
CA GLU C 371 -17.50 36.70 14.11
C GLU C 371 -18.55 35.60 14.08
N ILE C 372 -18.46 34.64 15.01
CA ILE C 372 -19.43 33.56 15.11
C ILE C 372 -20.81 34.16 15.42
N LEU C 373 -20.86 35.18 16.28
CA LEU C 373 -22.10 35.88 16.64
C LEU C 373 -22.72 36.57 15.44
N ASP C 374 -21.89 37.25 14.64
CA ASP C 374 -22.35 37.98 13.46
C ASP C 374 -22.95 37.02 12.44
N ILE C 375 -22.28 35.89 12.21
CA ILE C 375 -22.78 34.88 11.27
C ILE C 375 -24.11 34.33 11.78
N ALA C 376 -24.18 33.95 13.06
CA ALA C 376 -25.40 33.39 13.64
C ALA C 376 -26.61 34.33 13.48
N GLU C 377 -26.41 35.63 13.72
CA GLU C 377 -27.49 36.61 13.60
C GLU C 377 -27.87 36.86 12.13
N GLU C 378 -26.87 36.89 11.24
CA GLU C 378 -27.11 37.12 9.81
C GLU C 378 -27.92 35.98 9.19
N TYR C 379 -27.57 34.73 9.53
CA TYR C 379 -28.22 33.55 8.97
C TYR C 379 -29.26 32.94 9.92
N ASN C 380 -29.54 33.60 11.07
CA ASN C 380 -30.51 33.10 12.04
C ASN C 380 -30.20 31.63 12.38
N ALA C 381 -28.93 31.38 12.70
CA ALA C 381 -28.46 30.05 13.08
C ALA C 381 -28.32 29.97 14.59
N LYS C 382 -28.51 28.77 15.16
CA LYS C 382 -28.37 28.58 16.60
C LYS C 382 -26.89 28.36 16.91
N ILE C 383 -26.42 28.85 18.07
CA ILE C 383 -25.02 28.69 18.46
C ILE C 383 -24.91 27.58 19.49
N LYS C 384 -24.09 26.57 19.19
CA LYS C 384 -23.87 25.43 20.08
C LYS C 384 -22.41 25.40 20.51
N VAL C 385 -22.15 25.08 21.79
CA VAL C 385 -20.80 24.91 22.31
C VAL C 385 -20.61 23.41 22.53
N THR C 386 -19.49 22.84 22.05
CA THR C 386 -19.26 21.40 22.15
C THR C 386 -18.49 21.04 23.42
N ASP C 387 -18.48 19.75 23.79
CA ASP C 387 -17.76 19.29 24.99
C ASP C 387 -16.25 19.17 24.75
N ARG C 388 -15.76 19.57 23.57
CA ARG C 388 -14.33 19.66 23.29
C ARG C 388 -13.99 21.16 23.19
N ALA C 389 -14.89 22.01 23.71
CA ALA C 389 -14.76 23.47 23.73
C ALA C 389 -14.71 24.08 22.32
N GLY C 390 -15.46 23.49 21.40
CA GLY C 390 -15.59 23.97 20.03
C GLY C 390 -16.92 24.67 19.83
N TYR C 391 -17.14 25.27 18.66
CA TYR C 391 -18.41 25.93 18.36
C TYR C 391 -19.06 25.25 17.17
N GLU C 392 -20.39 25.27 17.11
CA GLU C 392 -21.14 24.74 15.97
C GLU C 392 -22.27 25.71 15.62
N LEU C 393 -22.37 26.08 14.35
CA LEU C 393 -23.46 26.94 13.87
C LEU C 393 -24.52 26.05 13.23
N HIS C 394 -25.71 25.97 13.85
CA HIS C 394 -26.79 25.09 13.40
C HIS C 394 -27.89 25.81 12.62
N GLY C 395 -28.42 25.14 11.61
CA GLY C 395 -29.50 25.67 10.78
C GLY C 395 -29.01 26.38 9.53
N ILE C 396 -27.84 25.96 9.04
CA ILE C 396 -27.25 26.56 7.84
C ILE C 396 -27.82 25.90 6.59
N SER C 397 -28.19 26.72 5.60
CA SER C 397 -28.72 26.22 4.34
C SER C 397 -27.55 25.76 3.47
N GLY C 398 -27.77 24.76 2.66
CA GLY C 398 -26.74 24.24 1.77
C GLY C 398 -26.19 25.31 0.84
N PHE C 399 -27.00 26.34 0.54
CA PHE C 399 -26.56 27.44 -0.33
C PHE C 399 -25.55 28.35 0.34
N ASP C 400 -25.57 28.41 1.68
CA ASP C 400 -24.68 29.31 2.43
C ASP C 400 -23.51 28.62 3.13
N VAL C 401 -23.43 27.28 3.11
CA VAL C 401 -22.36 26.56 3.78
C VAL C 401 -20.97 27.02 3.33
N GLU C 402 -20.71 27.00 2.01
CA GLU C 402 -19.41 27.38 1.46
C GLU C 402 -19.04 28.82 1.80
N ASP C 403 -19.99 29.76 1.71
CA ASP C 403 -19.72 31.16 2.02
C ASP C 403 -19.30 31.34 3.48
N ILE C 404 -19.98 30.65 4.40
CA ILE C 404 -19.69 30.74 5.84
C ILE C 404 -18.31 30.12 6.17
N VAL C 405 -17.97 28.98 5.56
CA VAL C 405 -16.68 28.32 5.80
C VAL C 405 -15.52 29.24 5.39
N LEU C 406 -15.62 29.85 4.20
CA LEU C 406 -14.57 30.73 3.68
C LEU C 406 -14.51 32.02 4.47
N ARG C 407 -15.66 32.50 4.97
CA ARG C 407 -15.70 33.70 5.81
C ARG C 407 -15.02 33.40 7.14
N LEU C 408 -15.31 32.23 7.73
CA LEU C 408 -14.70 31.82 9.00
C LEU C 408 -13.19 31.63 8.82
N ARG C 409 -12.77 31.03 7.69
CA ARG C 409 -11.37 30.78 7.37
C ARG C 409 -10.55 32.08 7.34
N GLU C 410 -11.15 33.17 6.83
CA GLU C 410 -10.47 34.46 6.76
C GLU C 410 -10.11 35.01 8.15
N LYS C 411 -10.95 34.73 9.15
CA LYS C 411 -10.72 35.21 10.52
C LYS C 411 -9.91 34.21 11.36
N GLY C 412 -9.37 33.17 10.73
CA GLY C 412 -8.57 32.16 11.42
C GLY C 412 -9.37 31.07 12.08
N LEU C 413 -10.70 31.08 11.91
CA LEU C 413 -11.54 30.04 12.51
C LEU C 413 -11.72 28.90 11.53
N LEU C 414 -10.80 27.93 11.59
CA LEU C 414 -10.84 26.74 10.74
C LEU C 414 -12.03 25.88 11.13
N THR C 415 -12.80 25.42 10.14
CA THR C 415 -13.90 24.51 10.40
C THR C 415 -13.32 23.10 10.35
N GLY C 416 -13.61 22.29 11.34
CA GLY C 416 -13.04 20.95 11.37
C GLY C 416 -13.46 20.13 12.58
N SER C 417 -12.57 19.22 13.01
CA SER C 417 -12.82 18.30 14.11
C SER C 417 -14.00 17.39 13.75
N GLU C 418 -14.04 16.93 12.50
CA GLU C 418 -15.09 16.04 12.02
C GLU C 418 -14.48 15.05 11.01
N GLY C 419 -14.93 13.80 11.05
CA GLY C 419 -14.45 12.76 10.15
C GLY C 419 -13.29 11.93 10.67
N PRO C 420 -12.82 10.98 9.85
CA PRO C 420 -11.71 10.12 10.28
C PRO C 420 -10.35 10.82 10.22
N LEU C 421 -10.08 11.68 11.21
CA LEU C 421 -8.82 12.43 11.28
C LEU C 421 -8.54 12.80 12.74
N VAL C 422 -7.43 13.49 13.01
CA VAL C 422 -7.09 13.92 14.37
C VAL C 422 -8.02 15.07 14.75
N ARG C 423 -8.86 14.85 15.77
CA ARG C 423 -9.85 15.84 16.22
C ARG C 423 -9.20 16.94 17.04
N ALA C 424 -9.96 17.98 17.39
CA ALA C 424 -9.43 19.10 18.16
C ALA C 424 -8.81 18.62 19.47
N THR C 425 -7.57 19.05 19.75
CA THR C 425 -6.86 18.66 20.97
C THR C 425 -7.52 19.34 22.16
N LEU C 426 -7.84 18.57 23.20
CA LEU C 426 -8.53 19.09 24.39
C LEU C 426 -7.54 19.35 25.50
N ALA C 427 -7.43 20.60 25.95
CA ALA C 427 -6.52 20.96 27.02
C ALA C 427 -7.24 21.79 28.08
N CYS C 428 -6.83 21.64 29.34
CA CYS C 428 -7.40 22.38 30.45
C CYS C 428 -6.57 23.67 30.64
N PRO C 429 -6.99 24.62 31.50
CA PRO C 429 -6.17 25.84 31.70
C PRO C 429 -4.73 25.53 32.11
N GLY C 430 -4.56 24.54 32.98
CA GLY C 430 -3.26 24.06 33.41
C GLY C 430 -2.36 25.06 34.10
N GLY C 431 -1.06 24.81 34.03
CA GLY C 431 -0.04 25.66 34.65
C GLY C 431 -0.13 27.10 34.22
N GLY C 432 -0.05 28.01 35.20
CA GLY C 432 -0.14 29.44 34.97
C GLY C 432 -1.56 29.97 35.09
N ASN C 433 -2.57 29.09 34.99
CA ASN C 433 -3.97 29.46 35.07
C ASN C 433 -4.63 28.82 36.26
N CYS C 434 -4.69 27.47 36.26
CA CYS C 434 -5.30 26.70 37.35
C CYS C 434 -4.33 26.60 38.52
N SER C 435 -4.82 26.76 39.75
CA SER C 435 -3.98 26.66 40.95
C SER C 435 -3.46 25.23 41.16
N SER C 436 -4.09 24.22 40.53
CA SER C 436 -3.65 22.82 40.63
C SER C 436 -2.70 22.43 39.49
N GLY C 437 -2.57 23.30 38.49
CA GLY C 437 -1.72 23.05 37.34
C GLY C 437 -0.25 22.87 37.67
N LEU C 438 0.35 21.80 37.13
CA LEU C 438 1.76 21.46 37.38
C LEU C 438 2.63 21.66 36.14
N VAL C 439 2.03 21.57 34.96
CA VAL C 439 2.73 21.72 33.70
C VAL C 439 1.97 22.68 32.80
N ASP C 440 2.65 23.18 31.77
CA ASP C 440 1.98 24.07 30.78
C ASP C 440 1.16 23.19 29.84
N THR C 441 -0.11 23.54 29.63
CA THR C 441 -1.00 22.77 28.75
C THR C 441 -1.34 23.54 27.47
N THR C 442 -1.38 24.88 27.53
CA THR C 442 -1.74 25.71 26.39
C THR C 442 -0.70 25.64 25.27
N GLU C 443 0.60 25.79 25.59
CA GLU C 443 1.63 25.71 24.56
C GLU C 443 1.76 24.28 24.03
N LEU C 444 1.63 23.26 24.89
CA LEU C 444 1.71 21.87 24.43
C LEU C 444 0.56 21.56 23.48
N ALA C 445 -0.64 22.10 23.78
CA ALA C 445 -1.80 21.92 22.92
C ALA C 445 -1.57 22.62 21.57
N ARG C 446 -0.93 23.79 21.59
CA ARG C 446 -0.64 24.53 20.36
C ARG C 446 0.36 23.76 19.51
N ILE C 447 1.37 23.14 20.15
CA ILE C 447 2.38 22.36 19.42
C ILE C 447 1.72 21.13 18.78
N ILE C 448 0.86 20.44 19.53
CA ILE C 448 0.18 19.25 19.02
C ILE C 448 -0.78 19.64 17.88
N GLU C 449 -1.49 20.77 18.04
CA GLU C 449 -2.39 21.25 16.99
C GLU C 449 -1.59 21.59 15.73
N ASP C 450 -0.47 22.30 15.87
CA ASP C 450 0.34 22.67 14.71
C ASP C 450 0.89 21.44 13.98
N ASN C 451 1.23 20.36 14.72
CA ASN C 451 1.81 19.17 14.10
C ASN C 451 0.78 18.16 13.57
N PHE C 452 -0.41 18.05 14.17
CA PHE C 452 -1.36 17.00 13.76
C PHE C 452 -2.79 17.45 13.47
N LYS C 453 -3.11 18.76 13.51
CA LYS C 453 -4.50 19.13 13.28
C LYS C 453 -5.02 18.64 11.93
N GLU C 454 -6.22 18.02 11.94
CA GLU C 454 -6.91 17.51 10.75
C GLU C 454 -6.10 16.45 9.99
N ARG C 455 -5.16 15.75 10.66
CA ARG C 455 -4.37 14.71 10.02
C ARG C 455 -5.23 13.47 9.79
N PRO C 456 -5.24 12.89 8.57
CA PRO C 456 -6.09 11.72 8.32
C PRO C 456 -5.67 10.48 9.12
N ALA C 457 -6.65 9.71 9.56
CA ALA C 457 -6.44 8.48 10.33
C ALA C 457 -7.53 7.48 9.94
N PRO C 458 -7.40 6.18 10.27
CA PRO C 458 -8.46 5.21 9.93
C PRO C 458 -9.84 5.58 10.52
N TYR C 459 -9.84 6.29 11.64
CA TYR C 459 -11.06 6.70 12.35
C TYR C 459 -10.69 7.93 13.18
N LYS C 460 -11.65 8.48 13.93
CA LYS C 460 -11.42 9.70 14.76
C LYS C 460 -10.30 9.42 15.78
N PHE C 461 -9.43 10.41 15.99
CA PHE C 461 -8.30 10.28 16.92
C PHE C 461 -8.31 11.50 17.84
N LYS C 462 -8.50 11.30 19.15
CA LYS C 462 -8.63 12.40 20.11
C LYS C 462 -7.49 12.42 21.12
N ILE C 463 -6.92 13.62 21.33
CA ILE C 463 -5.81 13.84 22.26
C ILE C 463 -6.28 14.79 23.35
N ALA C 464 -5.89 14.53 24.61
CA ALA C 464 -6.24 15.37 25.75
C ALA C 464 -5.00 15.69 26.57
N ILE C 465 -4.86 16.96 27.01
CA ILE C 465 -3.73 17.39 27.82
C ILE C 465 -4.22 17.97 29.13
N SER C 466 -3.92 17.31 30.24
CA SER C 466 -4.31 17.75 31.58
C SER C 466 -3.10 18.35 32.28
N GLY C 467 -3.33 19.43 33.02
CA GLY C 467 -2.27 20.12 33.75
C GLY C 467 -1.87 19.43 35.03
N CYS C 468 -2.74 18.54 35.54
CA CYS C 468 -2.46 17.82 36.79
C CYS C 468 -3.17 16.45 36.77
N PRO C 469 -3.03 15.62 37.81
CA PRO C 469 -3.67 14.29 37.76
C PRO C 469 -5.19 14.26 37.96
N ASN C 470 -5.84 15.43 38.11
CA ASN C 470 -7.29 15.45 38.28
C ASN C 470 -8.02 15.12 36.98
N GLY C 471 -7.30 15.10 35.86
CA GLY C 471 -7.84 14.68 34.56
C GLY C 471 -9.14 15.34 34.17
N CYS C 472 -9.18 16.67 34.18
CA CYS C 472 -10.40 17.44 33.83
C CYS C 472 -10.79 17.17 32.38
N VAL C 473 -9.82 16.86 31.53
CA VAL C 473 -10.06 16.63 30.11
C VAL C 473 -9.99 15.13 29.76
N ARG C 474 -9.99 14.27 30.79
CA ARG C 474 -10.01 12.82 30.67
C ARG C 474 -8.85 12.19 29.89
N PRO C 475 -7.61 12.29 30.40
CA PRO C 475 -6.48 11.68 29.68
C PRO C 475 -6.49 10.15 29.62
N GLN C 476 -7.12 9.48 30.60
CA GLN C 476 -7.12 8.01 30.63
C GLN C 476 -8.16 7.37 29.70
N VAL C 477 -9.01 8.15 29.02
CA VAL C 477 -9.97 7.59 28.06
C VAL C 477 -9.84 8.31 26.72
N HIS C 478 -8.61 8.70 26.36
CA HIS C 478 -8.33 9.37 25.10
C HIS C 478 -7.34 8.51 24.30
N ASP C 479 -7.34 8.63 22.97
CA ASP C 479 -6.43 7.84 22.14
C ASP C 479 -5.01 8.06 22.63
N ILE C 480 -4.69 9.31 22.96
CA ILE C 480 -3.44 9.68 23.60
C ILE C 480 -3.80 10.71 24.68
N GLY C 481 -3.45 10.39 25.91
CA GLY C 481 -3.72 11.27 27.04
C GLY C 481 -2.44 11.73 27.70
N ILE C 482 -2.36 13.02 28.04
CA ILE C 482 -1.19 13.57 28.71
C ILE C 482 -1.67 14.20 30.01
N ALA C 483 -0.97 13.94 31.11
CA ALA C 483 -1.33 14.47 32.42
C ALA C 483 -0.08 14.94 33.13
N GLY C 484 -0.12 16.17 33.66
CA GLY C 484 0.99 16.69 34.44
C GLY C 484 1.06 15.98 35.77
N VAL C 485 2.27 15.58 36.21
CA VAL C 485 2.44 14.90 37.50
C VAL C 485 3.67 15.44 38.22
N LYS C 486 3.61 15.46 39.55
CA LYS C 486 4.70 15.90 40.42
C LYS C 486 4.68 15.00 41.66
N TYR C 487 5.58 14.02 41.71
CA TYR C 487 5.63 13.08 42.83
C TYR C 487 6.50 13.62 43.97
N PRO C 488 6.13 13.39 45.25
CA PRO C 488 6.91 13.96 46.34
C PRO C 488 7.91 13.01 46.96
N LYS C 489 8.86 13.57 47.74
CA LYS C 489 9.81 12.84 48.59
C LYS C 489 9.96 13.69 49.87
N VAL C 490 10.06 13.04 51.03
CA VAL C 490 10.13 13.76 52.30
C VAL C 490 11.56 14.00 52.75
N ASN C 491 11.85 15.24 53.18
CA ASN C 491 13.14 15.62 53.74
C ASN C 491 12.96 15.52 55.26
N GLU C 492 13.51 14.46 55.88
CA GLU C 492 13.35 14.21 57.31
C GLU C 492 13.93 15.32 58.21
N GLU C 493 14.93 16.06 57.72
CA GLU C 493 15.53 17.14 58.51
C GLU C 493 14.56 18.31 58.67
N LYS C 494 13.67 18.52 57.69
CA LYS C 494 12.70 19.62 57.71
C LYS C 494 11.31 19.18 58.19
N CYS C 495 10.93 17.92 57.98
CA CYS C 495 9.60 17.43 58.39
C CYS C 495 9.52 17.34 59.92
N ASN C 496 8.43 17.83 60.51
CA ASN C 496 8.22 17.79 61.95
C ASN C 496 6.90 17.10 62.35
N GLY C 497 6.23 16.48 61.39
CA GLY C 497 4.98 15.78 61.63
C GLY C 497 3.82 16.71 61.96
N CYS C 498 3.82 17.92 61.39
CA CYS C 498 2.75 18.88 61.63
C CYS C 498 1.38 18.36 61.16
N GLY C 499 1.40 17.49 60.14
CA GLY C 499 0.20 16.82 59.63
C GLY C 499 -0.59 17.55 58.55
N ARG C 500 -0.08 18.68 58.07
CA ARG C 500 -0.80 19.49 57.09
C ARG C 500 -0.92 18.80 55.71
N CYS C 501 0.13 18.11 55.26
CA CYS C 501 0.13 17.48 53.94
C CYS C 501 -0.95 16.40 53.77
N ALA C 502 -1.26 15.64 54.83
CA ALA C 502 -2.28 14.60 54.76
C ALA C 502 -3.67 15.18 54.49
N GLU C 503 -3.89 16.43 54.88
CA GLU C 503 -5.18 17.10 54.70
C GLU C 503 -5.42 17.55 53.25
N VAL C 504 -4.34 17.89 52.53
CA VAL C 504 -4.46 18.35 51.14
C VAL C 504 -4.45 17.20 50.13
N CYS C 505 -4.25 15.96 50.61
CA CYS C 505 -4.21 14.78 49.75
C CYS C 505 -5.60 14.18 49.60
N LYS C 506 -6.19 14.29 48.41
CA LYS C 506 -7.54 13.74 48.15
C LYS C 506 -7.56 12.21 48.15
N VAL C 507 -6.49 11.58 47.68
CA VAL C 507 -6.39 10.12 47.63
C VAL C 507 -5.97 9.51 48.97
N GLU C 508 -5.60 10.34 49.97
CA GLU C 508 -5.19 9.90 51.29
C GLU C 508 -4.00 8.92 51.19
N ALA C 509 -2.94 9.36 50.49
CA ALA C 509 -1.73 8.56 50.29
C ALA C 509 -0.68 8.81 51.38
N ILE C 510 -0.90 9.83 52.22
CA ILE C 510 0.08 10.23 53.24
C ILE C 510 -0.23 9.67 54.62
N ASP C 511 0.84 9.33 55.36
CA ASP C 511 0.75 8.86 56.74
C ASP C 511 1.60 9.79 57.61
N ILE C 512 1.00 10.34 58.66
CA ILE C 512 1.70 11.22 59.60
C ILE C 512 2.05 10.36 60.81
N ARG C 513 3.36 10.22 61.11
CA ARG C 513 3.80 9.39 62.22
C ARG C 513 4.84 10.14 63.03
N GLY C 514 4.51 10.44 64.28
CA GLY C 514 5.41 11.13 65.19
C GLY C 514 5.92 12.45 64.64
N GLU C 515 7.24 12.56 64.45
CA GLU C 515 7.85 13.80 63.94
C GLU C 515 8.18 13.72 62.44
N THR C 516 7.54 12.80 61.70
CA THR C 516 7.79 12.68 60.27
C THR C 516 6.51 12.32 59.51
N SER C 517 6.63 12.18 58.18
CA SER C 517 5.50 11.82 57.32
C SER C 517 5.99 10.86 56.24
N TYR C 518 5.07 10.07 55.67
CA TYR C 518 5.38 9.10 54.63
C TYR C 518 4.39 9.21 53.49
N THR C 519 4.71 8.60 52.34
CA THR C 519 3.82 8.58 51.18
C THR C 519 3.66 7.15 50.68
N ASN C 520 2.42 6.73 50.42
CA ASN C 520 2.15 5.42 49.84
C ASN C 520 2.16 5.62 48.33
N TYR C 521 3.23 5.20 47.65
CA TYR C 521 3.37 5.42 46.21
C TYR C 521 2.45 4.54 45.36
N ASN C 522 1.72 3.60 45.97
CA ASN C 522 0.74 2.81 45.24
C ASN C 522 -0.58 3.58 45.17
N VAL C 523 -0.73 4.62 46.01
CA VAL C 523 -1.93 5.46 46.05
C VAL C 523 -1.64 6.85 45.46
N CYS C 524 -0.45 7.40 45.72
CA CYS C 524 -0.08 8.74 45.24
C CYS C 524 -0.27 8.89 43.72
N VAL C 525 -0.96 9.96 43.30
CA VAL C 525 -1.24 10.23 41.89
C VAL C 525 -0.34 11.36 41.35
N GLY C 526 0.54 11.89 42.18
CA GLY C 526 1.45 12.95 41.79
C GLY C 526 0.80 14.30 41.54
N CYS C 527 -0.11 14.71 42.44
CA CYS C 527 -0.76 16.01 42.28
C CYS C 527 0.13 17.15 42.79
N GLY C 528 1.14 16.81 43.59
CA GLY C 528 2.09 17.77 44.13
C GLY C 528 1.54 18.76 45.15
N LYS C 529 0.31 18.56 45.63
CA LYS C 529 -0.29 19.49 46.59
C LYS C 529 0.45 19.46 47.93
N CYS C 530 0.94 18.29 48.32
CA CYS C 530 1.68 18.16 49.58
C CYS C 530 3.02 18.93 49.53
N ILE C 531 3.64 19.05 48.34
CA ILE C 531 4.89 19.80 48.18
C ILE C 531 4.57 21.29 48.30
N LYS C 532 3.57 21.73 47.55
CA LYS C 532 3.13 23.12 47.50
C LYS C 532 2.63 23.64 48.85
N ASN C 533 1.82 22.84 49.57
CA ASN C 533 1.20 23.28 50.81
C ASN C 533 1.94 22.91 52.09
N CYS C 534 3.16 22.35 52.00
CA CYS C 534 3.92 22.07 53.22
C CYS C 534 4.44 23.40 53.78
N PRO C 535 4.05 23.79 55.01
CA PRO C 535 4.54 25.08 55.53
C PRO C 535 6.03 25.09 55.90
N ASN C 536 6.64 23.91 56.03
CA ASN C 536 8.04 23.80 56.43
C ASN C 536 8.95 23.39 55.26
N GLU C 537 8.42 23.36 54.03
CA GLU C 537 9.18 23.02 52.83
C GLU C 537 9.90 21.68 52.99
N ALA C 538 9.29 20.72 53.72
CA ALA C 538 9.87 19.41 53.98
C ALA C 538 9.64 18.43 52.84
N ARG C 539 8.70 18.72 51.93
CA ARG C 539 8.43 17.84 50.80
C ARG C 539 9.07 18.40 49.55
N GLU C 540 9.82 17.56 48.82
CA GLU C 540 10.53 17.97 47.62
C GLU C 540 10.04 17.19 46.42
N VAL C 541 10.44 17.60 45.22
CA VAL C 541 10.06 16.91 43.99
C VAL C 541 10.91 15.67 43.81
N LYS C 542 10.27 14.49 43.81
CA LYS C 542 10.94 13.22 43.58
C LYS C 542 11.07 13.03 42.07
N GLU C 543 9.94 13.13 41.37
CA GLU C 543 9.88 13.00 39.90
C GLU C 543 8.81 13.98 39.38
N GLU C 544 9.02 14.51 38.16
CA GLU C 544 8.15 15.53 37.60
C GLU C 544 8.06 15.42 36.07
N GLY C 545 6.94 15.85 35.50
CA GLY C 545 6.79 15.88 34.05
C GLY C 545 5.42 15.54 33.52
N TYR C 546 5.37 15.17 32.24
CA TYR C 546 4.14 14.80 31.54
C TYR C 546 3.97 13.28 31.51
N LEU C 547 2.95 12.75 32.22
CA LEU C 547 2.66 11.31 32.20
C LEU C 547 1.78 11.04 30.98
N VAL C 548 2.12 10.00 30.19
CA VAL C 548 1.39 9.70 28.96
C VAL C 548 0.58 8.40 29.04
N TYR C 549 -0.61 8.41 28.41
CA TYR C 549 -1.53 7.26 28.31
C TYR C 549 -1.80 7.00 26.84
N VAL C 550 -2.07 5.75 26.46
CA VAL C 550 -2.37 5.43 25.06
C VAL C 550 -3.44 4.34 24.97
N GLY C 551 -4.26 4.41 23.93
CA GLY C 551 -5.27 3.39 23.65
C GLY C 551 -6.55 3.53 24.45
N GLY C 552 -6.80 4.73 24.94
CA GLY C 552 -8.02 5.05 25.68
C GLY C 552 -9.14 5.45 24.73
N LYS C 553 -10.38 5.28 25.14
CA LYS C 553 -11.49 5.73 24.27
C LYS C 553 -12.81 5.77 25.04
N THR C 554 -13.79 6.49 24.50
CA THR C 554 -15.15 6.55 25.03
C THR C 554 -16.08 6.45 23.82
N GLY C 555 -17.37 6.66 24.03
CA GLY C 555 -18.36 6.59 22.96
C GLY C 555 -19.30 5.42 23.17
N ARG C 556 -19.38 4.50 22.20
CA ARG C 556 -20.23 3.32 22.33
C ARG C 556 -19.77 2.45 23.51
N GLU C 557 -18.46 2.38 23.72
CA GLU C 557 -17.89 1.56 24.83
C GLU C 557 -16.71 2.32 25.46
N VAL C 558 -16.46 2.08 26.75
CA VAL C 558 -15.36 2.72 27.46
C VAL C 558 -14.13 1.82 27.44
N VAL C 559 -12.97 2.37 27.05
CA VAL C 559 -11.71 1.65 27.10
C VAL C 559 -10.71 2.55 27.80
N GLU C 560 -10.11 2.07 28.89
CA GLU C 560 -9.12 2.84 29.63
C GLU C 560 -7.78 2.74 28.92
N GLY C 561 -7.12 3.87 28.76
CA GLY C 561 -5.79 3.92 28.15
C GLY C 561 -4.74 3.34 29.07
N VAL C 562 -3.63 2.86 28.49
CA VAL C 562 -2.56 2.26 29.28
C VAL C 562 -1.53 3.32 29.66
N LYS C 563 -1.15 3.36 30.94
CA LYS C 563 -0.18 4.30 31.47
C LYS C 563 1.20 3.95 30.92
N MET C 564 1.83 4.86 30.15
CA MET C 564 3.12 4.58 29.53
C MET C 564 4.27 4.98 30.43
N LYS C 565 4.61 6.27 30.43
CA LYS C 565 5.73 6.77 31.24
C LYS C 565 5.76 8.30 31.13
N LEU C 566 6.71 8.95 31.80
CA LEU C 566 6.87 10.40 31.68
C LEU C 566 7.56 10.63 30.34
N MET C 567 7.18 11.67 29.61
CA MET C 567 7.76 11.95 28.30
C MET C 567 8.06 13.44 28.15
N SER C 568 9.12 13.77 27.42
CA SER C 568 9.46 15.16 27.13
C SER C 568 8.54 15.60 25.98
N VAL C 569 8.42 16.91 25.73
CA VAL C 569 7.57 17.41 24.65
C VAL C 569 7.98 16.81 23.31
N ASP C 570 9.28 16.75 23.01
CA ASP C 570 9.76 16.15 21.75
C ASP C 570 9.39 14.67 21.68
N GLU C 571 9.46 13.99 22.82
CA GLU C 571 9.11 12.56 22.95
C GLU C 571 7.61 12.38 22.68
N ILE C 572 6.78 13.29 23.21
CA ILE C 572 5.33 13.24 23.05
C ILE C 572 4.96 13.40 21.56
N ILE C 573 5.58 14.36 20.87
CA ILE C 573 5.32 14.60 19.45
C ILE C 573 5.74 13.38 18.64
N ASN C 574 6.91 12.81 18.95
CA ASN C 574 7.40 11.62 18.26
C ASN C 574 6.44 10.45 18.52
N PHE C 575 6.02 10.28 19.78
CA PHE C 575 5.10 9.21 20.18
C PHE C 575 3.75 9.31 19.48
N ILE C 576 3.15 10.52 19.43
CA ILE C 576 1.86 10.70 18.76
C ILE C 576 1.98 10.33 17.28
N ASP C 577 3.05 10.76 16.62
CA ASP C 577 3.26 10.47 15.20
C ASP C 577 3.40 8.97 14.95
N LYS C 578 4.21 8.27 15.75
CA LYS C 578 4.44 6.84 15.57
C LYS C 578 3.23 5.98 15.94
N VAL C 579 2.42 6.42 16.92
CA VAL C 579 1.20 5.70 17.25
C VAL C 579 0.25 5.79 16.07
N LEU C 580 0.19 6.95 15.39
CA LEU C 580 -0.65 7.15 14.21
C LEU C 580 -0.16 6.30 13.02
N VAL C 581 1.18 6.18 12.86
CA VAL C 581 1.74 5.39 11.77
C VAL C 581 1.40 3.90 11.96
N VAL C 582 1.61 3.37 13.17
CA VAL C 582 1.36 1.96 13.46
C VAL C 582 -0.16 1.67 13.48
N TYR C 583 -0.97 2.67 13.86
CA TYR C 583 -2.44 2.57 13.83
C TYR C 583 -2.91 2.45 12.37
N GLY C 584 -2.39 3.31 11.50
CA GLY C 584 -2.72 3.28 10.08
C GLY C 584 -2.25 2.02 9.38
N LYS C 585 -1.09 1.50 9.79
CA LYS C 585 -0.52 0.29 9.19
C LYS C 585 -1.38 -0.95 9.49
N TYR C 586 -1.91 -1.05 10.72
CA TYR C 586 -2.65 -2.23 11.14
C TYR C 586 -4.17 -2.11 11.07
N ALA C 587 -4.73 -0.90 10.91
CA ALA C 587 -6.18 -0.76 10.82
C ALA C 587 -6.70 -1.48 9.56
N GLU C 588 -7.79 -2.25 9.72
CA GLU C 588 -8.41 -3.00 8.63
C GLU C 588 -9.77 -2.43 8.24
N LYS C 589 -10.48 -1.78 9.18
CA LYS C 589 -11.82 -1.25 8.94
C LYS C 589 -11.91 0.23 9.25
N PRO C 590 -11.61 1.12 8.29
CA PRO C 590 -11.75 2.56 8.57
C PRO C 590 -13.18 2.94 8.96
N GLN C 591 -13.31 3.92 9.87
CA GLN C 591 -14.61 4.42 10.37
C GLN C 591 -15.31 3.44 11.31
N ARG C 592 -14.63 2.36 11.71
CA ARG C 592 -15.19 1.38 12.64
C ARG C 592 -14.17 1.05 13.75
N GLU C 593 -12.91 0.83 13.37
CA GLU C 593 -11.84 0.50 14.32
C GLU C 593 -11.15 1.73 14.91
N ARG C 594 -11.26 1.94 16.24
CA ARG C 594 -10.54 3.02 16.91
C ARG C 594 -9.15 2.49 17.25
N LEU C 595 -8.22 3.36 17.65
CA LEU C 595 -6.87 2.94 18.02
C LEU C 595 -6.92 1.74 18.99
N ALA C 596 -7.73 1.85 20.06
CA ALA C 596 -7.88 0.80 21.07
C ALA C 596 -8.21 -0.56 20.46
N ALA C 597 -9.09 -0.59 19.45
CA ALA C 597 -9.48 -1.84 18.79
C ALA C 597 -8.32 -2.42 17.99
N VAL C 598 -7.53 -1.58 17.32
CA VAL C 598 -6.39 -2.04 16.54
C VAL C 598 -5.29 -2.53 17.49
N MET C 599 -5.06 -1.81 18.58
CA MET C 599 -4.05 -2.19 19.59
C MET C 599 -4.42 -3.53 20.21
N LYS C 600 -5.70 -3.74 20.54
CA LYS C 600 -6.18 -4.98 21.13
C LYS C 600 -6.03 -6.17 20.16
N ARG C 601 -6.34 -5.96 18.88
CA ARG C 601 -6.28 -7.02 17.88
C ARG C 601 -4.85 -7.48 17.57
N VAL C 602 -3.90 -6.55 17.43
CA VAL C 602 -2.52 -6.95 17.12
C VAL C 602 -1.73 -7.24 18.39
N GLY C 603 -2.23 -6.79 19.53
CA GLY C 603 -1.57 -6.95 20.83
C GLY C 603 -0.90 -5.66 21.23
N TYR C 604 -1.01 -5.29 22.52
CA TYR C 604 -0.43 -4.03 23.01
C TYR C 604 1.10 -4.07 22.96
N GLY C 605 1.67 -5.23 23.30
CA GLY C 605 3.11 -5.42 23.27
C GLY C 605 3.66 -5.28 21.88
N LYS C 606 3.09 -6.01 20.93
CA LYS C 606 3.53 -5.96 19.53
C LYS C 606 3.35 -4.55 18.96
N PHE C 607 2.18 -3.93 19.22
CA PHE C 607 1.89 -2.58 18.73
C PHE C 607 2.88 -1.57 19.31
N LEU C 608 3.04 -1.56 20.64
CA LEU C 608 3.92 -0.58 21.28
C LEU C 608 5.40 -0.82 20.99
N GLU C 609 5.79 -2.08 20.76
CA GLU C 609 7.16 -2.42 20.42
C GLU C 609 7.54 -1.76 19.08
N GLU C 610 6.60 -1.76 18.13
CA GLU C 610 6.81 -1.15 16.82
C GLU C 610 6.85 0.36 16.92
N VAL C 611 6.00 0.92 17.78
CA VAL C 611 5.96 2.39 18.00
C VAL C 611 7.34 2.83 18.49
N LYS C 612 7.92 2.06 19.43
CA LYS C 612 9.25 2.36 19.97
C LYS C 612 10.36 2.22 18.92
N GLU C 613 10.29 1.20 18.07
CA GLU C 613 11.28 1.01 17.01
C GLU C 613 11.26 2.20 16.04
N LEU C 614 10.06 2.67 15.67
CA LEU C 614 9.93 3.83 14.78
C LEU C 614 10.38 5.10 15.48
N MET C 615 10.17 5.19 16.79
CA MET C 615 10.58 6.40 17.55
C MET C 615 12.11 6.49 17.55
N LYS C 616 12.79 5.37 17.74
CA LYS C 616 14.26 5.35 17.77
C LYS C 616 14.84 5.77 16.41
N LYS C 617 14.20 5.33 15.33
CA LYS C 617 14.69 5.62 13.96
C LYS C 617 14.52 7.11 13.64
N GLU C 618 13.68 7.82 14.39
CA GLU C 618 13.45 9.26 14.13
C GLU C 618 14.76 10.03 14.34
N ILE C 619 15.06 10.96 13.43
CA ILE C 619 16.31 11.77 13.50
C ILE C 619 16.22 12.76 14.66
N MET D 1 9.51 34.80 65.20
CA MET D 1 8.74 34.52 66.40
C MET D 1 7.76 33.38 66.08
N TYR D 2 6.55 33.35 66.67
CA TYR D 2 5.67 32.27 66.26
C TYR D 2 4.94 32.63 64.98
N GLU D 3 5.30 31.99 63.86
CA GLU D 3 4.62 32.25 62.60
C GLU D 3 3.19 31.72 62.67
N TRP D 4 2.22 32.51 62.21
CA TRP D 4 0.80 32.14 62.24
C TRP D 4 0.13 32.70 60.99
N LYS D 5 -0.35 31.84 60.10
CA LYS D 5 -0.97 32.26 58.84
C LYS D 5 -2.06 33.33 59.01
N LEU D 6 -2.87 33.24 60.07
CA LEU D 6 -3.94 34.21 60.28
C LEU D 6 -3.44 35.61 60.71
N ASN D 7 -2.12 35.79 60.91
CA ASN D 7 -1.59 37.11 61.29
C ASN D 7 -1.90 38.17 60.25
N GLU D 8 -1.94 37.81 58.96
CA GLU D 8 -2.26 38.76 57.90
C GLU D 8 -3.69 39.30 58.05
N ILE D 9 -4.63 38.43 58.41
CA ILE D 9 -6.02 38.83 58.64
C ILE D 9 -6.12 39.72 59.89
N VAL D 10 -5.37 39.38 60.94
CA VAL D 10 -5.39 40.12 62.21
C VAL D 10 -4.65 41.46 62.11
N ASP D 11 -3.43 41.46 61.54
CA ASP D 11 -2.62 42.68 61.41
C ASP D 11 -3.21 43.69 60.43
N SER D 12 -3.90 43.22 59.39
CA SER D 12 -4.52 44.12 58.40
C SER D 12 -5.76 44.82 58.96
N GLY D 13 -6.36 44.24 59.99
CA GLY D 13 -7.57 44.81 60.61
C GLY D 13 -8.86 44.28 60.00
N VAL D 14 -8.76 43.27 59.13
CA VAL D 14 -9.93 42.66 58.50
C VAL D 14 -10.60 41.73 59.53
N CYS D 15 -9.80 41.19 60.47
CA CYS D 15 -10.25 40.30 61.53
C CYS D 15 -11.50 40.82 62.23
N ALA D 16 -12.56 40.01 62.34
CA ALA D 16 -13.82 40.38 62.98
C ALA D 16 -13.74 40.28 64.50
N ARG D 17 -12.63 39.74 65.04
CA ARG D 17 -12.44 39.55 66.47
C ARG D 17 -13.62 38.75 67.03
N CYS D 18 -13.94 37.64 66.36
CA CYS D 18 -15.06 36.76 66.71
C CYS D 18 -14.62 35.63 67.67
N GLY D 19 -13.38 35.22 67.56
CA GLY D 19 -12.78 34.19 68.40
C GLY D 19 -13.09 32.76 68.02
N THR D 20 -13.50 32.53 66.77
CA THR D 20 -13.80 31.17 66.31
C THR D 20 -12.53 30.36 66.10
N CYS D 21 -11.47 30.99 65.56
CA CYS D 21 -10.20 30.32 65.27
C CYS D 21 -9.54 29.67 66.48
N THR D 22 -9.67 30.28 67.66
CA THR D 22 -8.98 29.80 68.86
C THR D 22 -9.69 28.63 69.55
N ILE D 23 -11.03 28.56 69.45
CA ILE D 23 -11.77 27.47 70.08
C ILE D 23 -11.64 26.14 69.33
N VAL D 24 -11.27 26.18 68.03
CA VAL D 24 -11.14 24.97 67.24
C VAL D 24 -9.75 24.34 67.30
N CYS D 25 -8.78 25.05 67.88
CA CYS D 25 -7.39 24.50 67.91
C CYS D 25 -7.37 23.21 68.72
N PRO D 26 -6.96 22.07 68.15
CA PRO D 26 -6.95 20.81 68.90
C PRO D 26 -5.79 20.68 69.88
N ASN D 27 -4.82 21.62 69.83
CA ASN D 27 -3.67 21.59 70.72
C ASN D 27 -3.78 22.65 71.83
N GLY D 28 -4.84 23.47 71.77
CA GLY D 28 -5.07 24.52 72.75
C GLY D 28 -3.93 25.52 72.87
N ILE D 29 -3.24 25.79 71.76
CA ILE D 29 -2.10 26.73 71.77
C ILE D 29 -2.52 28.13 71.34
N LEU D 30 -3.85 28.33 71.16
CA LEU D 30 -4.43 29.62 70.80
C LEU D 30 -5.31 30.14 71.94
N THR D 31 -5.21 31.44 72.26
CA THR D 31 -6.05 32.05 73.29
C THR D 31 -6.68 33.29 72.68
N PHE D 32 -7.81 33.73 73.24
CA PHE D 32 -8.51 34.90 72.71
C PHE D 32 -9.10 35.73 73.82
N ASP D 33 -8.70 36.99 73.90
CA ASP D 33 -9.28 37.94 74.86
C ASP D 33 -10.04 38.96 74.01
N GLU D 34 -9.30 39.77 73.26
CA GLU D 34 -9.88 40.73 72.32
C GLU D 34 -9.26 40.51 70.95
N ARG D 35 -8.23 39.67 70.87
CA ARG D 35 -7.58 39.36 69.57
C ARG D 35 -6.98 37.96 69.65
N PRO D 36 -6.81 37.20 68.54
CA PRO D 36 -6.21 35.85 68.64
C PRO D 36 -4.73 35.91 69.02
N LYS D 37 -4.27 34.95 69.83
CA LYS D 37 -2.83 34.93 70.24
C LYS D 37 -2.31 33.49 70.30
N LEU D 38 -1.03 33.30 69.94
CA LEU D 38 -0.36 32.00 70.04
C LEU D 38 0.41 31.96 71.35
N ILE D 39 0.12 30.97 72.21
CA ILE D 39 0.82 30.81 73.49
C ILE D 39 1.94 29.77 73.38
N ASP D 40 2.07 29.15 72.20
CA ASP D 40 3.10 28.15 71.96
C ASP D 40 3.37 28.08 70.47
N GLU D 41 4.48 27.46 70.07
CA GLU D 41 4.80 27.34 68.65
C GLU D 41 3.87 26.35 67.95
N CYS D 42 3.35 26.74 66.78
CA CYS D 42 2.49 25.90 65.96
C CYS D 42 3.39 25.22 64.92
N LEU D 43 3.39 23.89 64.85
CA LEU D 43 4.23 23.16 63.88
C LEU D 43 3.81 23.45 62.43
N ARG D 44 2.53 23.80 62.23
CA ARG D 44 1.98 24.09 60.92
C ARG D 44 2.10 25.57 60.57
N LYS D 45 2.57 26.40 61.51
CA LYS D 45 2.67 27.85 61.32
C LYS D 45 1.28 28.45 61.01
N GLY D 46 0.24 27.90 61.64
CA GLY D 46 -1.12 28.36 61.46
C GLY D 46 -1.80 27.83 60.21
N HIS D 47 -1.16 26.91 59.48
CA HIS D 47 -1.76 26.31 58.29
C HIS D 47 -2.63 25.16 58.76
N GLY D 48 -3.79 25.48 59.30
CA GLY D 48 -4.69 24.48 59.82
C GLY D 48 -6.11 24.97 60.03
N MET D 49 -6.83 24.29 60.91
CA MET D 49 -8.24 24.53 61.19
C MET D 49 -8.58 25.96 61.58
N CYS D 50 -7.66 26.63 62.29
CA CYS D 50 -7.93 28.03 62.73
C CYS D 50 -8.13 28.92 61.50
N PHE D 51 -7.27 28.77 60.49
CA PHE D 51 -7.36 29.54 59.25
C PHE D 51 -8.60 29.13 58.43
N GLU D 52 -8.94 27.84 58.43
CA GLU D 52 -10.06 27.31 57.63
C GLU D 52 -11.45 27.65 58.16
N VAL D 53 -11.62 27.90 59.47
CA VAL D 53 -12.94 28.28 59.99
C VAL D 53 -13.12 29.80 59.97
N CYS D 54 -12.05 30.53 59.65
CA CYS D 54 -12.13 32.02 59.74
C CYS D 54 -13.16 32.56 58.74
N PRO D 55 -14.19 33.29 59.21
CA PRO D 55 -15.18 33.85 58.28
C PRO D 55 -14.63 35.00 57.45
N ARG D 56 -13.44 35.50 57.79
CA ARG D 56 -12.82 36.60 57.05
C ARG D 56 -11.77 36.13 56.05
N VAL D 57 -11.51 34.81 55.98
CA VAL D 57 -10.66 34.25 54.94
C VAL D 57 -11.61 33.93 53.78
N SER D 58 -12.69 33.24 54.10
CA SER D 58 -13.74 32.90 53.14
C SER D 58 -15.04 32.78 53.92
N SER D 59 -16.12 33.34 53.40
CA SER D 59 -17.41 33.30 54.09
C SER D 59 -18.05 31.91 54.01
N ALA D 60 -17.81 31.19 52.89
CA ALA D 60 -18.40 29.88 52.60
C ALA D 60 -19.94 29.92 52.72
N LYS D 61 -20.56 31.09 52.52
CA LYS D 61 -22.02 31.25 52.64
C LYS D 61 -22.79 30.48 51.58
N TYR D 62 -22.31 30.48 50.34
CA TYR D 62 -23.02 29.78 49.27
C TYR D 62 -23.22 28.29 49.59
N GLN D 63 -22.15 27.59 49.96
CA GLN D 63 -22.24 26.16 50.28
C GLN D 63 -23.06 25.89 51.53
N ILE D 64 -23.04 26.81 52.51
CA ILE D 64 -23.81 26.64 53.75
C ILE D 64 -25.29 26.95 53.49
N LYS D 65 -25.58 28.04 52.75
CA LYS D 65 -26.95 28.46 52.45
C LYS D 65 -27.74 27.44 51.62
N ILE D 66 -27.12 26.87 50.58
CA ILE D 66 -27.84 25.88 49.77
C ILE D 66 -28.19 24.64 50.60
N ARG D 67 -27.44 24.37 51.68
CA ARG D 67 -27.71 23.23 52.57
C ARG D 67 -28.69 23.61 53.66
N GLU D 68 -28.53 24.79 54.26
CA GLU D 68 -29.43 25.26 55.32
C GLU D 68 -30.79 25.70 54.75
N LYS D 69 -30.81 26.19 53.50
CA LYS D 69 -32.04 26.64 52.85
C LYS D 69 -32.80 27.59 53.78
N PHE D 70 -32.12 28.66 54.19
CA PHE D 70 -32.68 29.64 55.11
C PHE D 70 -33.90 30.32 54.53
N TYR D 71 -34.88 30.64 55.39
CA TYR D 71 -36.06 31.39 55.01
C TYR D 71 -36.15 32.59 55.98
N GLU D 72 -37.21 33.39 55.85
CA GLU D 72 -37.33 34.59 56.71
C GLU D 72 -38.77 34.77 57.21
N LYS D 73 -38.96 34.60 58.53
CA LYS D 73 -40.27 34.81 59.16
C LYS D 73 -40.08 35.89 60.22
N TYR D 74 -40.74 37.04 60.03
CA TYR D 74 -40.58 38.19 60.94
C TYR D 74 -41.64 38.24 62.05
N TYR D 75 -41.17 38.35 63.29
CA TYR D 75 -42.03 38.45 64.47
C TYR D 75 -41.35 39.38 65.47
N TYR D 76 -42.06 39.77 66.53
CA TYR D 76 -41.47 40.54 67.62
C TYR D 76 -42.15 40.06 68.89
N ALA D 77 -41.44 40.08 70.02
CA ALA D 77 -42.03 39.58 71.26
C ALA D 77 -41.32 40.13 72.48
N LYS D 78 -41.98 39.95 73.64
CA LYS D 78 -41.46 40.39 74.96
C LYS D 78 -41.72 39.26 75.97
N SER D 79 -40.82 39.08 76.93
CA SER D 79 -40.98 38.03 77.94
C SER D 79 -40.96 38.66 79.34
N ASP D 80 -41.23 37.85 80.37
CA ASP D 80 -41.22 38.31 81.76
C ASP D 80 -39.79 38.65 82.19
N ILE D 81 -38.80 37.95 81.61
CA ILE D 81 -37.38 38.17 81.94
C ILE D 81 -36.94 39.56 81.46
N GLU D 82 -36.26 40.31 82.34
CA GLU D 82 -35.74 41.63 82.00
C GLU D 82 -34.42 41.43 81.25
N GLY D 83 -34.34 41.94 80.04
CA GLY D 83 -33.16 41.81 79.19
C GLY D 83 -32.79 43.11 78.51
N GLN D 84 -32.01 43.04 77.43
CA GLN D 84 -31.61 44.23 76.69
C GLN D 84 -32.85 44.91 76.12
N ASP D 85 -33.75 44.12 75.52
CA ASP D 85 -34.98 44.65 74.95
C ASP D 85 -36.19 43.87 75.51
N GLY D 86 -36.62 42.82 74.84
CA GLY D 86 -37.74 42.02 75.28
C GLY D 86 -37.34 40.79 76.09
N GLY D 87 -36.04 40.58 76.23
CA GLY D 87 -35.51 39.42 76.95
C GLY D 87 -35.85 38.12 76.28
N VAL D 88 -36.02 38.15 74.95
CA VAL D 88 -36.40 36.98 74.17
C VAL D 88 -35.30 35.92 74.11
N VAL D 89 -34.03 36.34 73.91
CA VAL D 89 -32.92 35.39 73.81
C VAL D 89 -32.82 34.57 75.09
N THR D 90 -32.92 35.22 76.27
CA THR D 90 -32.84 34.52 77.55
C THR D 90 -34.04 33.62 77.77
N ALA D 91 -35.25 34.10 77.41
CA ALA D 91 -36.46 33.30 77.55
C ALA D 91 -36.38 32.04 76.69
N PHE D 92 -35.79 32.15 75.49
CA PHE D 92 -35.63 31.00 74.59
C PHE D 92 -34.61 30.01 75.16
N LEU D 93 -33.49 30.52 75.69
CA LEU D 93 -32.47 29.66 76.28
C LEU D 93 -33.01 28.94 77.52
N LYS D 94 -33.81 29.65 78.34
CA LYS D 94 -34.45 29.11 79.53
C LYS D 94 -35.37 27.95 79.14
N TYR D 95 -36.16 28.15 78.08
CA TYR D 95 -37.07 27.13 77.59
C TYR D 95 -36.32 25.89 77.11
N LEU D 96 -35.27 26.09 76.31
CA LEU D 96 -34.48 24.98 75.77
C LEU D 96 -33.81 24.15 76.88
N LEU D 97 -33.30 24.82 77.93
CA LEU D 97 -32.67 24.11 79.04
C LEU D 97 -33.72 23.33 79.84
N GLU D 98 -34.84 24.00 80.16
CA GLU D 98 -35.93 23.40 80.95
C GLU D 98 -36.59 22.22 80.25
N ASN D 99 -36.68 22.25 78.91
CA ASN D 99 -37.33 21.18 78.15
C ASN D 99 -36.32 20.18 77.57
N GLY D 100 -35.11 20.13 78.15
CA GLY D 100 -34.08 19.19 77.74
C GLY D 100 -33.71 19.21 76.27
N LYS D 101 -33.77 20.39 75.63
CA LYS D 101 -33.39 20.53 74.22
C LYS D 101 -31.87 20.74 74.09
N ILE D 102 -31.22 21.22 75.16
CA ILE D 102 -29.77 21.45 75.16
C ILE D 102 -29.19 21.09 76.53
N ASP D 103 -27.92 20.67 76.56
CA ASP D 103 -27.23 20.31 77.79
C ASP D 103 -26.71 21.58 78.47
N GLY D 104 -26.52 22.63 77.70
CA GLY D 104 -26.01 23.90 78.21
C GLY D 104 -26.18 25.02 77.21
N ALA D 105 -26.04 26.27 77.68
CA ALA D 105 -26.15 27.45 76.82
C ALA D 105 -24.84 28.23 76.82
N ILE D 106 -24.31 28.56 75.63
CA ILE D 106 -23.07 29.34 75.51
C ILE D 106 -23.49 30.80 75.43
N VAL D 107 -23.27 31.53 76.52
CA VAL D 107 -23.72 32.91 76.64
C VAL D 107 -22.58 33.83 77.09
N VAL D 108 -22.79 35.14 76.93
CA VAL D 108 -21.82 36.13 77.32
C VAL D 108 -22.29 36.84 78.59
N GLY D 109 -21.57 36.61 79.68
CA GLY D 109 -21.83 37.28 80.94
C GLY D 109 -20.90 38.48 81.04
N ASP D 110 -20.69 39.02 82.23
CA ASP D 110 -19.77 40.15 82.36
C ASP D 110 -19.31 40.35 83.78
N GLU D 111 -18.14 40.98 83.92
CA GLU D 111 -17.55 41.35 85.19
C GLU D 111 -17.18 42.82 85.02
N CYS D 112 -17.99 43.74 85.55
CA CYS D 112 -17.74 45.17 85.41
C CYS D 112 -17.86 45.56 83.92
N TRP D 113 -18.77 44.89 83.20
CA TRP D 113 -19.01 45.10 81.77
C TRP D 113 -17.90 44.53 80.87
N LYS D 114 -16.95 43.76 81.44
CA LYS D 114 -15.94 43.08 80.64
C LYS D 114 -16.57 41.76 80.25
N PRO D 115 -16.80 41.48 78.96
CA PRO D 115 -17.49 40.23 78.60
C PRO D 115 -16.78 38.97 79.05
N VAL D 116 -17.56 37.98 79.51
CA VAL D 116 -17.01 36.68 79.91
C VAL D 116 -17.86 35.58 79.26
N SER D 117 -17.25 34.69 78.46
CA SER D 117 -17.99 33.60 77.82
C SER D 117 -18.27 32.53 78.88
N LEU D 118 -19.54 32.13 79.02
CA LEU D 118 -19.94 31.18 80.07
C LEU D 118 -20.74 29.99 79.53
N VAL D 119 -20.67 28.87 80.26
CA VAL D 119 -21.47 27.68 79.98
C VAL D 119 -22.56 27.70 81.05
N VAL D 120 -23.83 27.83 80.66
CA VAL D 120 -24.92 27.87 81.63
C VAL D 120 -25.80 26.64 81.49
N GLN D 121 -25.92 25.86 82.57
CA GLN D 121 -26.77 24.66 82.60
C GLN D 121 -27.99 24.87 83.51
N ASN D 122 -28.03 26.00 84.24
CA ASN D 122 -29.12 26.32 85.17
C ASN D 122 -29.86 27.58 84.70
N ALA D 123 -31.15 27.71 85.04
CA ALA D 123 -31.92 28.92 84.69
C ALA D 123 -31.57 30.13 85.56
N GLU D 124 -31.28 29.92 86.86
CA GLU D 124 -30.91 31.02 87.75
C GLU D 124 -29.71 31.78 87.17
N ASP D 125 -28.78 31.05 86.54
CA ASP D 125 -27.57 31.64 85.98
C ASP D 125 -27.78 32.29 84.62
N LEU D 126 -28.93 32.10 83.94
CA LEU D 126 -29.12 32.75 82.63
C LEU D 126 -29.40 34.24 82.76
N LEU D 127 -30.21 34.62 83.77
CA LEU D 127 -30.63 36.00 83.97
C LEU D 127 -29.45 36.97 84.15
N LYS D 128 -28.30 36.49 84.60
CA LYS D 128 -27.11 37.31 84.81
C LYS D 128 -26.44 37.70 83.48
N THR D 129 -26.72 36.97 82.39
CA THR D 129 -26.14 37.19 81.07
C THR D 129 -27.11 37.94 80.12
N ALA D 130 -28.30 38.30 80.61
CA ALA D 130 -29.34 38.94 79.78
C ALA D 130 -29.18 40.44 79.56
N LYS D 131 -28.20 40.85 78.77
CA LYS D 131 -27.99 42.25 78.43
C LYS D 131 -26.88 42.37 77.39
N SER D 132 -26.92 43.40 76.54
CA SER D 132 -25.89 43.58 75.52
C SER D 132 -24.56 44.09 76.05
N LYS D 133 -23.48 43.39 75.71
CA LYS D 133 -22.12 43.80 76.06
C LYS D 133 -21.52 44.31 74.75
N TYR D 134 -21.29 45.61 74.64
CA TYR D 134 -20.75 46.18 73.40
C TYR D 134 -19.23 46.07 73.29
N ALA D 135 -18.57 45.50 74.30
CA ALA D 135 -17.13 45.25 74.24
C ALA D 135 -16.92 43.90 73.54
N ILE D 136 -15.71 43.65 73.02
CA ILE D 136 -15.42 42.41 72.29
C ILE D 136 -15.71 41.18 73.15
N SER D 137 -16.46 40.22 72.59
CA SER D 137 -16.77 38.97 73.27
C SER D 137 -16.00 37.81 72.63
N THR D 138 -15.95 36.67 73.32
CA THR D 138 -15.26 35.46 72.84
C THR D 138 -16.26 34.31 72.77
N LEU D 139 -15.83 33.15 72.25
CA LEU D 139 -16.66 31.94 72.19
C LEU D 139 -16.00 30.86 73.05
N ASP D 140 -15.10 31.27 73.97
CA ASP D 140 -14.31 30.39 74.82
C ASP D 140 -15.10 29.32 75.59
N ALA D 141 -16.33 29.63 76.03
CA ALA D 141 -17.15 28.68 76.80
C ALA D 141 -17.53 27.45 75.97
N LEU D 142 -17.49 27.57 74.63
CA LEU D 142 -17.80 26.45 73.76
C LEU D 142 -16.69 25.39 73.90
N ARG D 143 -15.45 25.81 74.16
CA ARG D 143 -14.35 24.89 74.39
C ARG D 143 -14.49 24.25 75.78
N LYS D 144 -14.97 25.02 76.77
CA LYS D 144 -15.21 24.49 78.11
C LYS D 144 -16.34 23.45 78.08
N ALA D 145 -17.42 23.73 77.32
CA ALA D 145 -18.54 22.79 77.18
C ALA D 145 -18.07 21.46 76.57
N GLY D 146 -17.04 21.52 75.74
CA GLY D 146 -16.44 20.33 75.14
C GLY D 146 -15.63 19.52 76.14
N GLU D 147 -14.83 20.21 76.96
CA GLU D 147 -14.04 19.55 78.00
C GLU D 147 -14.99 18.94 79.05
N MET D 148 -16.16 19.55 79.27
CA MET D 148 -17.16 19.04 80.23
C MET D 148 -17.88 17.81 79.68
N GLY D 149 -17.89 17.64 78.36
CA GLY D 149 -18.52 16.51 77.72
C GLY D 149 -19.97 16.74 77.34
N LEU D 150 -20.41 18.01 77.30
CA LEU D 150 -21.79 18.33 76.94
C LEU D 150 -22.08 17.86 75.51
N GLU D 151 -23.24 17.24 75.30
CA GLU D 151 -23.60 16.69 73.99
C GLU D 151 -24.15 17.76 73.05
N LYS D 152 -25.12 18.55 73.53
CA LYS D 152 -25.76 19.58 72.72
C LYS D 152 -25.76 20.92 73.43
N VAL D 153 -25.53 22.02 72.69
CA VAL D 153 -25.60 23.35 73.29
C VAL D 153 -26.28 24.32 72.33
N ALA D 154 -26.64 25.49 72.87
CA ALA D 154 -27.20 26.59 72.11
C ALA D 154 -26.17 27.70 72.24
N VAL D 155 -25.88 28.41 71.15
CA VAL D 155 -24.87 29.47 71.19
C VAL D 155 -25.48 30.78 70.73
N VAL D 156 -25.28 31.86 71.51
CA VAL D 156 -25.71 33.19 71.12
C VAL D 156 -24.45 33.86 70.57
N GLY D 157 -24.56 34.54 69.45
CA GLY D 157 -23.39 35.19 68.88
C GLY D 157 -23.69 36.33 67.95
N LEU D 158 -22.68 37.16 67.69
CA LEU D 158 -22.78 38.27 66.77
C LEU D 158 -22.71 37.67 65.37
N PRO D 159 -23.20 38.36 64.33
CA PRO D 159 -23.16 37.77 62.97
C PRO D 159 -21.82 37.13 62.62
N CYS D 160 -20.68 37.76 62.95
CA CYS D 160 -19.35 37.22 62.65
C CYS D 160 -19.12 35.89 63.37
N GLN D 161 -19.58 35.77 64.62
CA GLN D 161 -19.44 34.54 65.39
C GLN D 161 -20.35 33.43 64.85
N ILE D 162 -21.56 33.79 64.39
CA ILE D 162 -22.48 32.82 63.81
C ILE D 162 -21.84 32.28 62.52
N ASN D 163 -21.22 33.16 61.73
CA ASN D 163 -20.58 32.79 60.47
C ASN D 163 -19.42 31.82 60.66
N GLY D 164 -18.61 32.05 61.69
CA GLY D 164 -17.49 31.17 61.99
C GLY D 164 -17.97 29.82 62.48
N LEU D 165 -19.04 29.81 63.30
CA LEU D 165 -19.58 28.55 63.83
C LEU D 165 -20.36 27.77 62.77
N ARG D 166 -20.89 28.44 61.75
CA ARG D 166 -21.53 27.75 60.63
C ARG D 166 -20.41 27.09 59.82
N LYS D 167 -19.26 27.78 59.70
CA LYS D 167 -18.11 27.21 58.99
C LYS D 167 -17.57 25.98 59.73
N LEU D 168 -17.71 25.96 61.06
CA LEU D 168 -17.29 24.81 61.87
C LEU D 168 -18.25 23.64 61.64
N GLN D 169 -19.56 23.92 61.58
CA GLN D 169 -20.58 22.89 61.34
C GLN D 169 -20.40 22.24 59.96
N TYR D 170 -20.11 23.06 58.95
CA TYR D 170 -19.96 22.60 57.57
C TYR D 170 -18.49 22.54 57.16
N PHE D 171 -17.61 22.28 58.12
CA PHE D 171 -16.15 22.27 57.90
C PHE D 171 -15.69 21.53 56.62
N PRO D 172 -16.01 20.25 56.41
CA PRO D 172 -15.45 19.56 55.23
C PRO D 172 -15.90 20.10 53.88
N TYR D 173 -17.07 20.73 53.83
CA TYR D 173 -17.61 21.24 52.57
C TYR D 173 -16.80 22.38 51.97
N HIS D 174 -16.11 23.15 52.82
CA HIS D 174 -15.25 24.24 52.34
C HIS D 174 -13.77 23.93 52.58
N ALA D 175 -13.42 23.22 53.67
CA ALA D 175 -12.04 22.87 53.99
C ALA D 175 -11.53 21.73 53.10
N LYS D 176 -12.45 20.87 52.62
CA LYS D 176 -12.13 19.72 51.75
C LYS D 176 -11.47 18.55 52.50
N HIS D 177 -11.51 18.55 53.84
CA HIS D 177 -10.97 17.46 54.65
C HIS D 177 -11.65 17.48 56.03
N ASP D 178 -11.34 16.52 56.90
CA ASP D 178 -11.96 16.45 58.23
C ASP D 178 -11.25 17.35 59.25
N LEU D 179 -11.84 17.48 60.45
CA LEU D 179 -11.29 18.33 61.51
C LEU D 179 -9.83 18.00 61.78
N GLU D 180 -9.02 19.03 62.01
CA GLU D 180 -7.56 18.85 62.23
C GLU D 180 -7.29 17.99 63.48
N LEU D 181 -6.32 17.09 63.39
CA LEU D 181 -5.93 16.23 64.50
C LEU D 181 -4.82 16.92 65.27
N GLY D 182 -4.90 16.90 66.59
CA GLY D 182 -3.90 17.51 67.45
C GLY D 182 -2.69 16.60 67.61
N ARG D 183 -1.82 16.91 68.57
CA ARG D 183 -0.61 16.10 68.79
C ARG D 183 -0.99 14.72 69.31
N ASN D 184 -2.13 14.60 70.02
CA ASN D 184 -2.61 13.31 70.53
C ASN D 184 -3.37 12.51 69.45
N GLY D 185 -3.43 13.04 68.23
CA GLY D 185 -4.08 12.37 67.11
C GLY D 185 -5.59 12.42 67.12
N LYS D 186 -6.16 13.36 67.88
CA LYS D 186 -7.60 13.49 67.99
C LYS D 186 -8.04 14.91 67.66
N PRO D 187 -9.25 15.07 67.12
CA PRO D 187 -9.72 16.43 66.82
C PRO D 187 -10.15 17.16 68.09
N VAL D 188 -10.43 18.45 67.97
CA VAL D 188 -10.86 19.25 69.10
C VAL D 188 -12.16 18.69 69.70
N LYS D 189 -12.27 18.75 71.03
CA LYS D 189 -13.49 18.25 71.75
C LYS D 189 -14.49 19.41 71.87
N LEU D 190 -15.54 19.38 71.04
CA LEU D 190 -16.54 20.44 71.06
C LEU D 190 -17.92 19.82 71.08
N PRO D 191 -18.90 20.44 71.76
CA PRO D 191 -20.26 19.87 71.77
C PRO D 191 -20.94 20.12 70.43
N LYS D 192 -22.04 19.42 70.17
CA LYS D 192 -22.80 19.67 68.95
C LYS D 192 -23.54 20.99 69.15
N ILE D 193 -23.47 21.89 68.17
CA ILE D 193 -24.19 23.16 68.27
C ILE D 193 -25.59 22.94 67.71
N GLU D 194 -26.56 22.67 68.61
CA GLU D 194 -27.94 22.38 68.22
C GLU D 194 -28.67 23.65 67.78
N TYR D 195 -28.40 24.80 68.42
CA TYR D 195 -29.05 26.06 68.06
C TYR D 195 -28.03 27.19 67.93
N LEU D 196 -28.15 28.02 66.89
CA LEU D 196 -27.30 29.19 66.70
C LEU D 196 -28.21 30.42 66.74
N ILE D 197 -28.20 31.15 67.88
CA ILE D 197 -29.01 32.35 68.06
C ILE D 197 -28.15 33.56 67.70
N GLY D 198 -28.51 34.23 66.62
CA GLY D 198 -27.77 35.40 66.16
C GLY D 198 -28.36 36.71 66.63
N LEU D 199 -27.50 37.72 66.86
CA LEU D 199 -27.96 39.04 67.27
C LEU D 199 -27.78 40.01 66.12
N PHE D 200 -28.63 41.04 66.02
CA PHE D 200 -28.41 42.07 65.01
C PHE D 200 -27.15 42.80 65.49
N CYS D 201 -26.33 43.36 64.59
CA CYS D 201 -25.09 43.97 65.04
C CYS D 201 -24.61 45.05 64.10
N THR D 202 -24.20 46.20 64.64
CA THR D 202 -23.64 47.29 63.84
C THR D 202 -22.16 47.44 64.12
N GLU D 203 -21.73 47.19 65.38
CA GLU D 203 -20.32 47.32 65.75
C GLU D 203 -20.08 46.86 67.19
N LYS D 204 -18.80 46.73 67.55
CA LYS D 204 -18.36 46.40 68.91
C LYS D 204 -17.09 47.20 69.19
N PHE D 205 -16.72 47.36 70.47
CA PHE D 205 -15.55 48.18 70.84
C PHE D 205 -14.61 47.42 71.77
N ARG D 206 -13.39 47.94 71.94
CA ARG D 206 -12.41 47.39 72.88
C ARG D 206 -12.82 47.83 74.28
N TYR D 207 -12.80 46.91 75.25
CA TYR D 207 -13.25 47.21 76.61
C TYR D 207 -12.53 48.41 77.24
N ASP D 208 -11.20 48.46 77.13
CA ASP D 208 -10.43 49.55 77.72
C ASP D 208 -10.78 50.89 77.08
N ASN D 209 -11.09 50.89 75.76
CA ASN D 209 -11.47 52.11 75.07
C ASN D 209 -12.80 52.61 75.65
N MET D 210 -13.78 51.71 75.84
CA MET D 210 -15.07 52.08 76.43
C MET D 210 -14.86 52.64 77.82
N LYS D 211 -14.10 51.94 78.66
CA LYS D 211 -13.81 52.35 80.03
C LYS D 211 -13.14 53.73 80.07
N GLU D 212 -12.13 53.95 79.22
CA GLU D 212 -11.42 55.24 79.20
C GLU D 212 -12.30 56.39 78.68
N VAL D 213 -13.10 56.15 77.63
CA VAL D 213 -13.97 57.20 77.10
C VAL D 213 -15.01 57.57 78.14
N LEU D 214 -15.56 56.58 78.84
CA LEU D 214 -16.56 56.80 79.92
C LEU D 214 -15.90 57.56 81.09
N SER D 215 -14.69 57.14 81.48
CA SER D 215 -13.97 57.77 82.58
C SER D 215 -13.68 59.24 82.29
N LYS D 216 -13.31 59.53 81.04
CA LYS D 216 -12.98 60.92 80.64
C LYS D 216 -14.22 61.79 80.86
N HIS D 217 -15.42 61.23 80.61
CA HIS D 217 -16.65 62.00 80.73
C HIS D 217 -17.28 61.87 82.13
N GLY D 218 -16.50 61.42 83.11
CA GLY D 218 -16.96 61.30 84.49
C GLY D 218 -17.88 60.14 84.77
N ILE D 219 -17.81 59.06 83.97
CA ILE D 219 -18.63 57.86 84.20
C ILE D 219 -17.71 56.72 84.62
N ASP D 220 -18.06 56.01 85.69
CA ASP D 220 -17.33 54.82 86.11
C ASP D 220 -18.07 53.63 85.47
N ILE D 221 -17.42 52.91 84.53
CA ILE D 221 -18.06 51.80 83.81
C ILE D 221 -18.72 50.79 84.78
N GLU D 222 -18.15 50.62 85.98
CA GLU D 222 -18.69 49.72 87.01
C GLU D 222 -20.12 50.09 87.44
N LYS D 223 -20.43 51.39 87.58
CA LYS D 223 -21.75 51.82 88.04
C LYS D 223 -22.80 51.83 86.94
N VAL D 224 -22.43 51.57 85.67
CA VAL D 224 -23.41 51.57 84.59
C VAL D 224 -24.37 50.40 84.77
N GLU D 225 -25.67 50.69 84.71
CA GLU D 225 -26.71 49.68 84.88
C GLU D 225 -27.05 49.05 83.54
N LYS D 226 -26.96 49.82 82.44
CA LYS D 226 -27.30 49.30 81.13
C LYS D 226 -26.69 50.13 80.01
N PHE D 227 -26.47 49.50 78.85
CA PHE D 227 -25.96 50.14 77.65
C PHE D 227 -26.95 49.92 76.53
N ASP D 228 -26.94 50.77 75.50
CA ASP D 228 -27.83 50.60 74.35
C ASP D 228 -27.34 51.40 73.16
N ILE D 229 -27.59 50.90 71.94
CA ILE D 229 -27.19 51.61 70.71
C ILE D 229 -28.47 52.03 69.98
N LYS D 230 -28.67 53.35 69.81
CA LYS D 230 -29.87 53.87 69.13
C LYS D 230 -29.53 55.15 68.37
N LYS D 231 -29.91 55.22 67.08
CA LYS D 231 -29.70 56.40 66.24
C LYS D 231 -28.24 56.88 66.21
N GLY D 232 -27.30 55.95 66.01
CA GLY D 232 -25.89 56.28 65.91
C GLY D 232 -25.29 56.87 67.18
N LYS D 233 -25.86 56.51 68.33
CA LYS D 233 -25.40 56.99 69.62
C LYS D 233 -25.34 55.83 70.60
N LEU D 234 -24.45 55.91 71.60
CA LEU D 234 -24.37 54.91 72.66
C LEU D 234 -25.03 55.47 73.91
N LEU D 235 -26.13 54.84 74.36
CA LEU D 235 -26.85 55.28 75.55
C LEU D 235 -26.25 54.57 76.76
N VAL D 236 -25.94 55.33 77.81
CA VAL D 236 -25.35 54.79 79.03
C VAL D 236 -26.27 55.13 80.21
N TYR D 237 -26.85 54.11 80.84
CA TYR D 237 -27.74 54.29 81.98
C TYR D 237 -26.98 54.10 83.29
N VAL D 238 -26.78 55.18 84.04
CA VAL D 238 -26.05 55.12 85.30
C VAL D 238 -26.70 56.05 86.31
N ASN D 239 -26.89 55.57 87.55
CA ASN D 239 -27.52 56.34 88.63
C ASN D 239 -28.89 56.92 88.23
N GLY D 240 -29.70 56.09 87.59
CA GLY D 240 -31.04 56.48 87.17
C GLY D 240 -31.10 57.58 86.13
N GLU D 241 -30.00 57.76 85.36
CA GLU D 241 -29.93 58.80 84.33
C GLU D 241 -29.56 58.19 82.98
N LYS D 242 -29.97 58.85 81.88
CA LYS D 242 -29.64 58.41 80.53
C LYS D 242 -28.56 59.34 79.97
N LYS D 243 -27.37 58.79 79.73
CA LYS D 243 -26.24 59.56 79.19
C LYS D 243 -26.05 59.18 77.73
N GLU D 244 -25.96 60.18 76.84
CA GLU D 244 -25.81 59.92 75.40
C GLU D 244 -24.41 60.27 74.91
N PHE D 245 -23.77 59.31 74.24
CA PHE D 245 -22.46 59.50 73.63
C PHE D 245 -22.61 59.24 72.15
N ASP D 246 -21.85 59.96 71.33
CA ASP D 246 -21.83 59.69 69.91
C ASP D 246 -20.96 58.44 69.72
N LEU D 247 -21.33 57.54 68.82
CA LEU D 247 -20.57 56.32 68.57
C LEU D 247 -19.16 56.63 68.08
N LYS D 248 -18.95 57.80 67.44
CA LYS D 248 -17.63 58.21 66.95
C LYS D 248 -16.65 58.46 68.10
N GLU D 249 -17.15 58.75 69.31
CA GLU D 249 -16.30 58.98 70.49
C GLU D 249 -15.51 57.71 70.85
N PHE D 250 -16.04 56.53 70.47
CA PHE D 250 -15.38 55.25 70.71
C PHE D 250 -14.66 54.81 69.44
N GLU D 251 -13.63 53.96 69.58
CA GLU D 251 -12.90 53.46 68.43
C GLU D 251 -13.52 52.15 67.94
N ILE D 252 -14.28 52.21 66.84
CA ILE D 252 -14.91 51.02 66.26
C ILE D 252 -13.81 50.02 65.83
N CYS D 253 -14.03 48.71 66.06
CA CYS D 253 -13.04 47.71 65.65
CA CYS D 253 -13.05 47.69 65.66
C CYS D 253 -12.94 47.69 64.13
N SER D 254 -11.71 47.69 63.60
CA SER D 254 -11.49 47.73 62.14
C SER D 254 -12.27 46.66 61.38
N GLY D 255 -12.40 45.47 61.97
CA GLY D 255 -13.14 44.37 61.36
C GLY D 255 -14.62 44.65 61.17
N CYS D 256 -15.18 45.51 62.03
CA CYS D 256 -16.60 45.93 61.95
C CYS D 256 -16.83 46.72 60.66
N LYS D 257 -15.83 47.52 60.26
CA LYS D 257 -15.92 48.35 59.06
C LYS D 257 -15.86 47.47 57.80
N MET D 258 -15.28 46.25 57.90
CA MET D 258 -15.20 45.29 56.81
C MET D 258 -16.36 44.28 56.91
N CYS D 259 -17.42 44.60 57.66
CA CYS D 259 -18.54 43.69 57.89
C CYS D 259 -19.74 43.98 56.99
N ARG D 260 -20.37 42.92 56.44
CA ARG D 260 -21.55 43.02 55.56
C ARG D 260 -22.84 42.49 56.20
N ASP D 261 -22.71 41.65 57.25
CA ASP D 261 -23.85 40.99 57.90
C ASP D 261 -24.39 41.78 59.09
N PHE D 262 -25.59 42.37 58.93
CA PHE D 262 -26.20 43.14 60.02
C PHE D 262 -27.12 42.28 60.89
N ASP D 263 -28.02 41.51 60.26
CA ASP D 263 -29.04 40.73 60.96
C ASP D 263 -28.65 39.26 61.26
N ALA D 264 -27.37 38.88 61.14
CA ALA D 264 -26.93 37.50 61.37
C ALA D 264 -27.76 36.54 60.51
N GLU D 265 -27.70 36.76 59.18
CA GLU D 265 -28.48 36.01 58.20
C GLU D 265 -28.28 34.48 58.20
N MET D 266 -27.23 33.96 58.84
CA MET D 266 -27.00 32.51 58.85
C MET D 266 -27.41 31.86 60.18
N ALA D 267 -28.04 32.62 61.09
CA ALA D 267 -28.46 32.07 62.38
C ALA D 267 -29.78 31.28 62.26
N ASP D 268 -30.03 30.34 63.18
CA ASP D 268 -31.29 29.59 63.19
C ASP D 268 -32.43 30.57 63.48
N VAL D 269 -32.18 31.53 64.38
CA VAL D 269 -33.12 32.60 64.71
C VAL D 269 -32.33 33.85 65.07
N SER D 270 -32.64 34.98 64.44
CA SER D 270 -31.92 36.21 64.70
C SER D 270 -32.78 37.13 65.56
N VAL D 271 -32.20 37.68 66.64
CA VAL D 271 -32.91 38.57 67.55
C VAL D 271 -32.24 39.95 67.58
N GLY D 272 -33.03 41.01 67.46
CA GLY D 272 -32.51 42.37 67.45
C GLY D 272 -33.49 43.39 68.00
N CYS D 273 -33.13 44.68 67.91
CA CYS D 273 -33.96 45.77 68.42
C CYS D 273 -34.72 46.49 67.31
N VAL D 274 -34.03 46.87 66.23
CA VAL D 274 -34.69 47.62 65.16
C VAL D 274 -35.85 46.85 64.56
N GLY D 275 -36.89 47.60 64.18
CA GLY D 275 -38.09 47.06 63.57
C GLY D 275 -39.17 46.65 64.56
N SER D 276 -38.93 46.81 65.86
CA SER D 276 -39.92 46.44 66.88
C SER D 276 -40.06 47.55 67.92
N PRO D 277 -41.19 47.58 68.65
CA PRO D 277 -41.36 48.63 69.68
C PRO D 277 -40.37 48.49 70.83
N ASP D 278 -40.21 49.56 71.62
CA ASP D 278 -39.31 49.55 72.78
C ASP D 278 -39.83 48.55 73.81
N GLY D 279 -38.93 47.76 74.36
CA GLY D 279 -39.27 46.72 75.33
C GLY D 279 -39.58 45.39 74.65
N TYR D 280 -39.44 45.33 73.32
CA TYR D 280 -39.67 44.11 72.55
C TYR D 280 -38.42 43.79 71.73
N SER D 281 -38.26 42.53 71.34
CA SER D 281 -37.12 42.13 70.49
C SER D 281 -37.65 41.65 69.15
N THR D 282 -37.02 42.08 68.06
CA THR D 282 -37.39 41.63 66.72
C THR D 282 -36.86 40.20 66.56
N ILE D 283 -37.65 39.33 65.94
CA ILE D 283 -37.28 37.92 65.76
C ILE D 283 -37.37 37.53 64.29
N ILE D 284 -36.28 37.01 63.71
CA ILE D 284 -36.30 36.52 62.32
C ILE D 284 -36.03 35.01 62.37
N ILE D 285 -37.08 34.18 62.24
CA ILE D 285 -36.91 32.74 62.24
C ILE D 285 -36.44 32.30 60.85
N ARG D 286 -35.29 31.60 60.76
CA ARG D 286 -34.75 31.17 59.48
C ARG D 286 -34.68 29.65 59.29
N THR D 287 -34.79 28.85 60.35
CA THR D 287 -34.72 27.39 60.23
C THR D 287 -35.72 26.72 61.18
N GLU D 288 -35.88 25.40 61.05
CA GLU D 288 -36.78 24.61 61.89
C GLU D 288 -36.34 24.63 63.36
N LYS D 289 -35.03 24.82 63.61
CA LYS D 289 -34.51 24.88 64.97
C LYS D 289 -34.95 26.22 65.58
N GLY D 290 -34.93 27.26 64.77
CA GLY D 290 -35.33 28.60 65.19
C GLY D 290 -36.82 28.71 65.44
N GLU D 291 -37.61 27.83 64.81
CA GLU D 291 -39.07 27.79 64.98
C GLU D 291 -39.47 27.47 66.42
N GLU D 292 -38.59 26.79 67.17
CA GLU D 292 -38.87 26.40 68.55
C GLU D 292 -39.07 27.60 69.48
N ILE D 293 -38.71 28.82 69.04
CA ILE D 293 -38.90 30.02 69.84
C ILE D 293 -40.41 30.30 70.05
N LYS D 294 -41.25 29.67 69.22
CA LYS D 294 -42.72 29.89 69.34
C LYS D 294 -43.19 29.45 70.73
N ASN D 295 -42.60 28.36 71.24
CA ASN D 295 -42.97 27.78 72.53
C ASN D 295 -42.39 28.53 73.72
N ALA D 296 -41.34 29.33 73.49
CA ALA D 296 -40.68 30.09 74.55
C ALA D 296 -41.33 31.46 74.78
N VAL D 297 -41.73 32.15 73.71
CA VAL D 297 -42.35 33.47 73.81
C VAL D 297 -43.59 33.55 72.92
N GLU D 298 -44.47 34.52 73.20
CA GLU D 298 -45.68 34.73 72.42
C GLU D 298 -45.31 35.61 71.22
N LEU D 299 -45.25 35.00 70.03
CA LEU D 299 -44.86 35.73 68.81
C LEU D 299 -45.97 36.65 68.34
N LYS D 300 -45.61 37.89 67.98
CA LYS D 300 -46.56 38.89 67.52
C LYS D 300 -46.10 39.42 66.15
N GLU D 301 -47.04 39.56 65.21
CA GLU D 301 -46.74 40.06 63.86
C GLU D 301 -46.82 41.57 63.87
N GLY D 302 -46.22 42.19 62.87
CA GLY D 302 -46.20 43.65 62.74
C GLY D 302 -44.81 44.27 62.82
N VAL D 303 -43.80 43.53 62.38
CA VAL D 303 -42.42 44.03 62.39
C VAL D 303 -42.26 45.05 61.28
N ASN D 304 -41.52 46.13 61.54
CA ASN D 304 -41.26 47.13 60.52
C ASN D 304 -40.07 46.66 59.68
N LEU D 305 -40.36 46.00 58.56
CA LEU D 305 -39.35 45.44 57.65
C LEU D 305 -38.44 46.51 57.03
N GLU D 306 -38.98 47.71 56.79
CA GLU D 306 -38.22 48.80 56.17
C GLU D 306 -37.09 49.31 57.09
N GLU D 307 -37.34 49.38 58.40
CA GLU D 307 -36.34 49.84 59.37
C GLU D 307 -35.16 48.88 59.40
N ILE D 308 -35.42 47.57 59.29
CA ILE D 308 -34.36 46.57 59.32
C ILE D 308 -33.52 46.66 58.03
N GLU D 309 -34.18 46.84 56.88
CA GLU D 309 -33.51 46.95 55.60
C GLU D 309 -32.63 48.20 55.51
N LYS D 310 -32.98 49.29 56.21
CA LYS D 310 -32.12 50.48 56.15
C LYS D 310 -30.83 50.28 56.93
N LEU D 311 -30.88 49.46 57.99
CA LEU D 311 -29.67 49.09 58.74
C LEU D 311 -28.78 48.23 57.83
N ARG D 312 -29.38 47.31 57.08
CA ARG D 312 -28.64 46.40 56.19
C ARG D 312 -27.89 47.23 55.14
N GLN D 313 -28.57 48.22 54.55
CA GLN D 313 -27.98 49.08 53.52
C GLN D 313 -26.91 50.01 54.09
N LEU D 314 -27.12 50.51 55.33
CA LEU D 314 -26.14 51.40 55.97
C LEU D 314 -24.85 50.63 56.26
N LYS D 315 -24.98 49.38 56.71
CA LYS D 315 -23.83 48.54 57.01
C LYS D 315 -23.09 48.17 55.72
N LEU D 316 -23.83 47.93 54.63
CA LEU D 316 -23.24 47.60 53.33
C LEU D 316 -22.51 48.81 52.72
N LYS D 317 -23.07 50.00 52.92
CA LYS D 317 -22.44 51.25 52.45
C LYS D 317 -21.13 51.51 53.20
N ARG D 318 -21.14 51.27 54.52
CA ARG D 318 -19.94 51.44 55.34
C ARG D 318 -18.88 50.43 54.91
N PHE D 319 -19.30 49.21 54.58
CA PHE D 319 -18.40 48.16 54.10
C PHE D 319 -17.77 48.56 52.77
N LYS D 320 -18.61 49.02 51.84
CA LYS D 320 -18.12 49.44 50.49
C LYS D 320 -17.13 50.60 50.65
N LYS D 321 -17.41 51.53 51.58
CA LYS D 321 -16.55 52.68 51.80
C LYS D 321 -15.18 52.23 52.32
N GLU D 322 -15.16 51.24 53.22
CA GLU D 322 -13.91 50.73 53.80
C GLU D 322 -13.08 49.95 52.76
N VAL D 323 -13.75 49.15 51.93
CA VAL D 323 -13.06 48.38 50.88
C VAL D 323 -12.43 49.33 49.87
N GLU D 324 -13.14 50.40 49.49
CA GLU D 324 -12.62 51.38 48.54
C GLU D 324 -11.43 52.14 49.15
N ARG D 325 -11.50 52.45 50.46
CA ARG D 325 -10.42 53.15 51.15
C ARG D 325 -9.16 52.29 51.18
N ARG D 326 -9.30 50.99 51.45
CA ARG D 326 -8.17 50.06 51.47
C ARG D 326 -7.54 49.96 50.08
N ARG D 327 -8.38 49.90 49.03
CA ARG D 327 -7.90 49.81 47.65
C ARG D 327 -7.07 51.05 47.31
N GLU D 328 -7.59 52.24 47.61
CA GLU D 328 -6.89 53.50 47.33
C GLU D 328 -5.59 53.65 48.09
N ASN D 329 -5.51 53.09 49.33
CA ASN D 329 -4.31 53.19 50.14
C ASN D 329 -3.43 51.93 50.03
N ASN D 330 -3.73 51.06 49.06
CA ASN D 330 -2.99 49.82 48.83
C ASN D 330 -2.84 48.96 50.10
N GLU D 331 -3.94 48.86 50.87
CA GLU D 331 -3.96 48.04 52.08
C GLU D 331 -4.46 46.66 51.75
N TYR D 332 -4.13 45.67 52.58
CA TYR D 332 -4.54 44.29 52.35
C TYR D 332 -6.06 44.14 52.42
N VAL D 333 -6.63 43.40 51.48
CA VAL D 333 -8.06 43.10 51.44
C VAL D 333 -8.23 41.60 51.27
N SER D 334 -9.06 40.98 52.12
CA SER D 334 -9.40 39.56 51.98
C SER D 334 -10.79 39.54 51.36
N PHE D 335 -10.92 39.02 50.13
CA PHE D 335 -12.21 39.03 49.44
C PHE D 335 -13.05 37.83 49.87
N TYR D 336 -13.36 37.76 51.17
CA TYR D 336 -14.07 36.66 51.81
C TYR D 336 -15.51 36.48 51.31
N TRP D 337 -16.13 37.57 50.83
CA TRP D 337 -17.52 37.56 50.35
C TRP D 337 -17.66 36.94 48.97
N THR D 338 -16.55 36.66 48.27
CA THR D 338 -16.63 36.00 46.96
C THR D 338 -17.24 34.60 47.11
N ALA D 339 -17.09 33.98 48.28
CA ALA D 339 -17.65 32.66 48.55
C ALA D 339 -19.17 32.73 48.84
N ASP D 340 -19.78 33.93 48.76
CA ASP D 340 -21.23 34.09 48.90
C ASP D 340 -21.91 33.60 47.63
N TYR D 341 -21.15 33.50 46.52
CA TYR D 341 -21.69 33.13 45.22
C TYR D 341 -21.12 31.81 44.72
N GLY D 342 -21.82 31.23 43.76
CA GLY D 342 -21.38 29.99 43.12
C GLY D 342 -20.57 30.27 41.87
N GLY D 343 -19.77 29.29 41.46
CA GLY D 343 -18.95 29.40 40.26
C GLY D 343 -17.73 30.28 40.42
N ILE D 344 -17.25 30.50 41.66
CA ILE D 344 -16.08 31.34 41.89
C ILE D 344 -14.86 30.49 42.22
N GLY D 345 -13.74 30.81 41.57
CA GLY D 345 -12.48 30.11 41.78
C GLY D 345 -11.30 31.07 41.77
N LYS D 346 -10.21 30.69 42.42
CA LYS D 346 -9.03 31.54 42.47
C LYS D 346 -7.95 30.98 41.56
N ARG D 347 -7.42 31.81 40.67
CA ARG D 347 -6.39 31.39 39.72
C ARG D 347 -5.03 31.31 40.42
N ALA D 348 -4.04 30.71 39.72
CA ALA D 348 -2.69 30.57 40.26
C ALA D 348 -1.99 31.92 40.47
N ASP D 349 -2.38 32.94 39.69
CA ASP D 349 -1.76 34.27 39.78
C ASP D 349 -2.40 35.20 40.83
N GLY D 350 -3.42 34.73 41.55
CA GLY D 350 -4.07 35.51 42.58
C GLY D 350 -5.40 36.13 42.16
N THR D 351 -5.64 36.26 40.86
CA THR D 351 -6.91 36.81 40.37
C THR D 351 -7.98 35.71 40.43
N TYR D 352 -9.22 36.04 40.06
CA TYR D 352 -10.32 35.09 40.11
C TYR D 352 -10.81 34.74 38.72
N PHE D 353 -11.56 33.65 38.64
CA PHE D 353 -12.26 33.25 37.42
C PHE D 353 -13.71 33.05 37.83
N ILE D 354 -14.65 33.44 36.96
CA ILE D 354 -16.07 33.29 37.24
C ILE D 354 -16.65 32.31 36.25
N ARG D 355 -17.19 31.19 36.75
CA ARG D 355 -17.75 30.15 35.92
C ARG D 355 -19.25 30.34 35.74
N VAL D 356 -19.69 30.49 34.48
CA VAL D 356 -21.11 30.56 34.15
C VAL D 356 -21.59 29.13 34.06
N ARG D 357 -22.62 28.74 34.84
CA ARG D 357 -23.15 27.39 34.77
C ARG D 357 -23.61 27.12 33.32
N ALA D 358 -23.08 26.05 32.70
CA ALA D 358 -23.40 25.73 31.30
C ALA D 358 -24.90 25.65 31.06
N LYS D 359 -25.36 26.23 29.95
CA LYS D 359 -26.77 26.19 29.58
C LYS D 359 -27.12 24.81 29.01
N PRO D 360 -28.37 24.33 29.19
CA PRO D 360 -28.72 23.00 28.70
C PRO D 360 -28.44 22.80 27.21
N GLY D 361 -27.71 21.73 26.89
CA GLY D 361 -27.37 21.38 25.52
C GLY D 361 -26.26 22.20 24.90
N GLY D 362 -25.67 23.10 25.66
CA GLY D 362 -24.61 23.97 25.17
C GLY D 362 -25.13 25.04 24.22
N TRP D 363 -26.45 25.30 24.25
CA TRP D 363 -27.07 26.30 23.38
C TRP D 363 -27.07 27.64 24.09
N TYR D 364 -26.51 28.67 23.44
CA TYR D 364 -26.45 30.01 24.02
C TYR D 364 -27.08 31.01 23.08
N LYS D 365 -27.86 31.95 23.62
CA LYS D 365 -28.50 32.98 22.83
C LYS D 365 -27.47 34.05 22.48
N PRO D 366 -27.58 34.72 21.33
CA PRO D 366 -26.59 35.79 21.02
C PRO D 366 -26.51 36.84 22.12
N GLU D 367 -27.64 37.17 22.76
CA GLU D 367 -27.70 38.13 23.86
C GLU D 367 -26.83 37.65 25.03
N GLU D 368 -26.87 36.35 25.33
CA GLU D 368 -26.10 35.76 26.43
C GLU D 368 -24.60 35.81 26.18
N ILE D 369 -24.16 35.45 24.96
CA ILE D 369 -22.73 35.48 24.62
C ILE D 369 -22.25 36.93 24.55
N LYS D 370 -23.09 37.85 24.07
CA LYS D 370 -22.72 39.26 23.97
C LYS D 370 -22.44 39.84 25.35
N GLU D 371 -23.21 39.46 26.37
CA GLU D 371 -23.00 39.97 27.73
C GLU D 371 -21.65 39.50 28.27
N ILE D 372 -21.29 38.23 28.03
CA ILE D 372 -20.00 37.68 28.47
C ILE D 372 -18.87 38.43 27.75
N LEU D 373 -19.07 38.75 26.45
CA LEU D 373 -18.10 39.49 25.65
C LEU D 373 -17.91 40.91 26.21
N ASP D 374 -19.01 41.58 26.55
CA ASP D 374 -18.96 42.95 27.08
C ASP D 374 -18.20 42.99 28.41
N ILE D 375 -18.48 42.02 29.30
CA ILE D 375 -17.80 41.92 30.59
C ILE D 375 -16.30 41.67 30.38
N ALA D 376 -15.94 40.74 29.48
CA ALA D 376 -14.55 40.42 29.20
C ALA D 376 -13.76 41.64 28.70
N GLU D 377 -14.35 42.42 27.80
CA GLU D 377 -13.68 43.60 27.24
C GLU D 377 -13.60 44.74 28.28
N GLU D 378 -14.64 44.89 29.10
CA GLU D 378 -14.69 45.96 30.13
C GLU D 378 -13.64 45.71 31.22
N TYR D 379 -13.48 44.45 31.64
CA TYR D 379 -12.53 44.10 32.70
C TYR D 379 -11.25 43.47 32.15
N ASN D 380 -11.06 43.44 30.82
CA ASN D 380 -9.87 42.86 30.20
C ASN D 380 -9.61 41.45 30.74
N ALA D 381 -10.67 40.63 30.74
CA ALA D 381 -10.61 39.25 31.21
C ALA D 381 -10.54 38.31 30.02
N LYS D 382 -9.90 37.15 30.18
CA LYS D 382 -9.82 36.17 29.09
C LYS D 382 -11.06 35.31 29.12
N ILE D 383 -11.54 34.88 27.95
CA ILE D 383 -12.72 34.05 27.84
C ILE D 383 -12.32 32.60 27.63
N LYS D 384 -12.79 31.70 28.51
CA LYS D 384 -12.50 30.28 28.43
C LYS D 384 -13.81 29.51 28.23
N VAL D 385 -13.77 28.49 27.38
CA VAL D 385 -14.93 27.61 27.17
C VAL D 385 -14.58 26.27 27.84
N THR D 386 -15.50 25.73 28.66
CA THR D 386 -15.23 24.50 29.40
C THR D 386 -15.69 23.27 28.62
N ASP D 387 -15.22 22.07 29.02
CA ASP D 387 -15.61 20.83 28.35
C ASP D 387 -17.00 20.34 28.78
N ARG D 388 -17.73 21.13 29.59
CA ARG D 388 -19.12 20.86 29.91
C ARG D 388 -19.96 21.94 29.20
N ALA D 389 -19.35 22.61 28.20
CA ALA D 389 -19.97 23.66 27.40
C ALA D 389 -20.37 24.90 28.23
N GLY D 390 -19.56 25.21 29.23
CA GLY D 390 -19.75 26.38 30.09
C GLY D 390 -18.77 27.46 29.72
N TYR D 391 -18.88 28.62 30.39
CA TYR D 391 -17.98 29.74 30.14
C TYR D 391 -17.26 30.14 31.42
N GLU D 392 -16.01 30.61 31.31
CA GLU D 392 -15.25 31.10 32.46
C GLU D 392 -14.57 32.42 32.12
N LEU D 393 -14.78 33.45 32.96
CA LEU D 393 -14.13 34.74 32.78
C LEU D 393 -12.91 34.78 33.67
N HIS D 394 -11.70 34.77 33.09
CA HIS D 394 -10.45 34.73 33.85
C HIS D 394 -9.75 36.09 33.97
N GLY D 395 -9.15 36.33 35.13
CA GLY D 395 -8.42 37.56 35.41
C GLY D 395 -9.26 38.61 36.11
N ILE D 396 -10.29 38.19 36.85
CA ILE D 396 -11.16 39.11 37.56
C ILE D 396 -10.54 39.48 38.90
N SER D 397 -10.60 40.75 39.25
CA SER D 397 -10.07 41.25 40.52
C SER D 397 -11.11 40.98 41.60
N GLY D 398 -10.66 40.73 42.81
CA GLY D 398 -11.56 40.50 43.94
C GLY D 398 -12.54 41.64 44.17
N PHE D 399 -12.17 42.86 43.76
CA PHE D 399 -13.04 44.03 43.91
C PHE D 399 -14.22 43.99 42.94
N ASP D 400 -14.08 43.30 41.80
CA ASP D 400 -15.12 43.27 40.77
C ASP D 400 -15.91 41.96 40.70
N VAL D 401 -15.53 40.92 41.46
CA VAL D 401 -16.20 39.63 41.41
C VAL D 401 -17.71 39.76 41.67
N GLU D 402 -18.10 40.37 42.78
CA GLU D 402 -19.50 40.52 43.16
C GLU D 402 -20.30 41.29 42.11
N ASP D 403 -19.75 42.39 41.57
CA ASP D 403 -20.43 43.20 40.56
C ASP D 403 -20.73 42.38 39.31
N ILE D 404 -19.76 41.58 38.86
CA ILE D 404 -19.89 40.75 37.66
C ILE D 404 -20.93 39.63 37.86
N VAL D 405 -20.93 38.98 39.03
CA VAL D 405 -21.89 37.89 39.32
C VAL D 405 -23.32 38.42 39.28
N LEU D 406 -23.57 39.57 39.91
CA LEU D 406 -24.90 40.17 39.96
C LEU D 406 -25.32 40.68 38.59
N ARG D 407 -24.36 41.17 37.80
CA ARG D 407 -24.63 41.64 36.44
C ARG D 407 -25.01 40.44 35.56
N LEU D 408 -24.27 39.32 35.70
CA LEU D 408 -24.55 38.11 34.94
C LEU D 408 -25.92 37.54 35.35
N ARG D 409 -26.22 37.57 36.66
CA ARG D 409 -27.48 37.06 37.21
C ARG D 409 -28.69 37.79 36.59
N GLU D 410 -28.58 39.10 36.34
CA GLU D 410 -29.67 39.87 35.77
C GLU D 410 -30.03 39.39 34.36
N LYS D 411 -29.03 38.92 33.60
CA LYS D 411 -29.25 38.45 32.23
C LYS D 411 -29.57 36.95 32.15
N GLY D 412 -29.79 36.32 33.30
CA GLY D 412 -30.12 34.91 33.36
C GLY D 412 -28.92 33.99 33.34
N LEU D 413 -27.69 34.55 33.34
CA LEU D 413 -26.48 33.74 33.33
C LEU D 413 -26.04 33.47 34.76
N LEU D 414 -26.56 32.40 35.34
CA LEU D 414 -26.21 31.99 36.69
C LEU D 414 -24.75 31.53 36.74
N THR D 415 -23.98 32.01 37.73
CA THR D 415 -22.60 31.56 37.91
C THR D 415 -22.70 30.34 38.81
N GLY D 416 -22.03 29.26 38.43
CA GLY D 416 -22.11 28.03 39.21
C GLY D 416 -21.30 26.90 38.62
N SER D 417 -21.78 25.65 38.83
CA SER D 417 -21.10 24.43 38.39
C SER D 417 -19.73 24.34 39.08
N GLU D 418 -19.68 24.69 40.37
CA GLU D 418 -18.46 24.64 41.16
C GLU D 418 -18.82 24.26 42.59
N GLY D 419 -17.96 23.45 43.22
CA GLY D 419 -18.16 23.02 44.59
C GLY D 419 -18.91 21.71 44.73
N PRO D 420 -19.12 21.27 45.97
CA PRO D 420 -19.81 19.99 46.20
C PRO D 420 -21.31 20.08 45.99
N LEU D 421 -21.73 20.06 44.71
CA LEU D 421 -23.14 20.16 44.35
C LEU D 421 -23.39 19.53 42.98
N VAL D 422 -24.64 19.56 42.49
CA VAL D 422 -24.95 19.00 41.17
C VAL D 422 -24.44 19.99 40.13
N ARG D 423 -23.45 19.55 39.34
CA ARG D 423 -22.81 20.39 38.33
C ARG D 423 -23.71 20.55 37.12
N ALA D 424 -23.30 21.40 36.16
CA ALA D 424 -24.09 21.64 34.95
C ALA D 424 -24.37 20.33 34.22
N THR D 425 -25.64 20.09 33.86
CA THR D 425 -26.04 18.87 33.15
C THR D 425 -25.51 18.96 31.73
N LEU D 426 -24.84 17.89 31.27
CA LEU D 426 -24.24 17.86 29.94
C LEU D 426 -25.14 17.09 28.97
N ALA D 427 -25.61 17.77 27.91
CA ALA D 427 -26.47 17.13 26.94
C ALA D 427 -25.96 17.41 25.52
N CYS D 428 -26.16 16.46 24.62
CA CYS D 428 -25.77 16.60 23.22
C CYS D 428 -26.96 17.19 22.44
N PRO D 429 -26.80 17.58 21.16
CA PRO D 429 -27.95 18.11 20.41
C PRO D 429 -29.16 17.16 20.40
N GLY D 430 -28.88 15.86 20.26
CA GLY D 430 -29.89 14.82 20.32
C GLY D 430 -31.00 14.90 19.28
N GLY D 431 -32.14 14.31 19.62
CA GLY D 431 -33.31 14.26 18.74
C GLY D 431 -33.76 15.63 18.29
N GLY D 432 -34.04 15.75 16.99
CA GLY D 432 -34.47 17.00 16.38
C GLY D 432 -33.32 17.81 15.82
N ASN D 433 -32.08 17.53 16.28
CA ASN D 433 -30.88 18.24 15.85
C ASN D 433 -29.92 17.28 15.16
N CYS D 434 -29.41 16.29 15.89
CA CYS D 434 -28.47 15.31 15.37
C CYS D 434 -29.23 14.24 14.57
N SER D 435 -28.68 13.83 13.41
CA SER D 435 -29.32 12.80 12.58
C SER D 435 -29.29 11.42 13.26
N SER D 436 -28.43 11.23 14.27
CA SER D 436 -28.35 9.97 15.02
C SER D 436 -29.24 9.99 16.28
N GLY D 437 -29.75 11.16 16.63
CA GLY D 437 -30.59 11.35 17.80
C GLY D 437 -31.87 10.54 17.79
N LEU D 438 -32.13 9.83 18.91
CA LEU D 438 -33.31 8.97 19.05
C LEU D 438 -34.31 9.52 20.04
N VAL D 439 -33.84 10.30 21.00
CA VAL D 439 -34.69 10.88 22.05
C VAL D 439 -34.39 12.37 22.15
N ASP D 440 -35.30 13.11 22.78
CA ASP D 440 -35.07 14.52 23.01
C ASP D 440 -34.10 14.65 24.19
N THR D 441 -33.06 15.48 24.04
CA THR D 441 -32.07 15.68 25.09
C THR D 441 -32.16 17.10 25.68
N THR D 442 -32.56 18.09 24.87
CA THR D 442 -32.65 19.48 25.31
C THR D 442 -33.71 19.70 26.39
N GLU D 443 -34.94 19.20 26.18
CA GLU D 443 -36.00 19.35 27.18
C GLU D 443 -35.70 18.53 28.42
N LEU D 444 -35.14 17.31 28.27
CA LEU D 444 -34.81 16.50 29.43
C LEU D 444 -33.73 17.20 30.25
N ALA D 445 -32.74 17.81 29.59
CA ALA D 445 -31.68 18.55 30.27
C ALA D 445 -32.27 19.75 31.01
N ARG D 446 -33.27 20.42 30.41
CA ARG D 446 -33.91 21.57 31.05
C ARG D 446 -34.69 21.12 32.29
N ILE D 447 -35.36 19.95 32.22
CA ILE D 447 -36.11 19.43 33.36
C ILE D 447 -35.15 19.08 34.49
N ILE D 448 -34.04 18.40 34.17
CA ILE D 448 -33.04 18.03 35.18
C ILE D 448 -32.41 19.29 35.78
N GLU D 449 -32.10 20.29 34.95
CA GLU D 449 -31.54 21.54 35.44
C GLU D 449 -32.53 22.24 36.37
N ASP D 450 -33.80 22.29 35.95
CA ASP D 450 -34.86 22.92 36.75
C ASP D 450 -35.01 22.26 38.13
N ASN D 451 -34.87 20.92 38.19
CA ASN D 451 -35.06 20.17 39.44
C ASN D 451 -33.82 20.05 40.33
N PHE D 452 -32.61 20.01 39.76
CA PHE D 452 -31.42 19.77 40.57
C PHE D 452 -30.27 20.76 40.40
N LYS D 453 -30.42 21.85 39.60
CA LYS D 453 -29.31 22.79 39.41
C LYS D 453 -28.77 23.32 40.75
N GLU D 454 -27.44 23.19 40.97
CA GLU D 454 -26.76 23.68 42.17
C GLU D 454 -27.22 23.01 43.48
N ARG D 455 -27.78 21.81 43.40
CA ARG D 455 -28.25 21.09 44.59
C ARG D 455 -27.05 20.57 45.38
N PRO D 456 -27.00 20.79 46.70
CA PRO D 456 -25.84 20.32 47.47
C PRO D 456 -25.71 18.81 47.53
N ALA D 457 -24.47 18.33 47.52
CA ALA D 457 -24.16 16.91 47.61
C ALA D 457 -22.83 16.74 48.36
N PRO D 458 -22.48 15.54 48.84
CA PRO D 458 -21.20 15.37 49.54
C PRO D 458 -19.98 15.78 48.71
N TYR D 459 -20.10 15.69 47.38
CA TYR D 459 -19.02 16.03 46.47
C TYR D 459 -19.69 16.38 45.13
N LYS D 460 -18.92 16.83 44.12
CA LYS D 460 -19.46 17.11 42.79
C LYS D 460 -20.30 15.94 42.27
N PHE D 461 -21.40 16.25 41.58
CA PHE D 461 -22.30 15.25 41.01
C PHE D 461 -22.60 15.68 39.57
N LYS D 462 -22.21 14.86 38.59
CA LYS D 462 -22.36 15.20 37.17
C LYS D 462 -23.33 14.28 36.44
N ILE D 463 -24.25 14.87 35.66
CA ILE D 463 -25.26 14.15 34.90
C ILE D 463 -25.02 14.42 33.41
N ALA D 464 -25.16 13.37 32.58
CA ALA D 464 -24.99 13.50 31.13
C ALA D 464 -26.16 12.86 30.40
N ILE D 465 -26.67 13.54 29.36
CA ILE D 465 -27.80 13.05 28.56
C ILE D 465 -27.38 12.92 27.11
N SER D 466 -27.32 11.69 26.60
CA SER D 466 -26.96 11.42 25.21
C SER D 466 -28.23 11.08 24.43
N GLY D 467 -28.31 11.57 23.21
CA GLY D 467 -29.46 11.33 22.35
C GLY D 467 -29.46 9.95 21.71
N CYS D 468 -28.31 9.28 21.69
CA CYS D 468 -28.19 7.95 21.11
C CYS D 468 -27.07 7.17 21.80
N PRO D 469 -26.82 5.90 21.44
CA PRO D 469 -25.77 5.14 22.15
C PRO D 469 -24.33 5.51 21.83
N ASN D 470 -24.09 6.52 20.98
CA ASN D 470 -22.72 6.92 20.67
C ASN D 470 -22.04 7.63 21.84
N GLY D 471 -22.82 8.00 22.85
CA GLY D 471 -22.32 8.60 24.09
C GLY D 471 -21.35 9.75 23.90
N CYS D 472 -21.76 10.76 23.15
CA CYS D 472 -20.88 11.93 22.90
C CYS D 472 -20.56 12.61 24.24
N VAL D 473 -21.53 12.61 25.17
CA VAL D 473 -21.37 13.32 26.44
C VAL D 473 -20.97 12.35 27.56
N ARG D 474 -20.56 11.13 27.20
CA ARG D 474 -20.06 10.09 28.10
C ARG D 474 -21.02 9.66 29.22
N PRO D 475 -22.16 9.06 28.88
CA PRO D 475 -23.09 8.60 29.94
C PRO D 475 -22.57 7.47 30.84
N GLN D 476 -21.64 6.65 30.35
CA GLN D 476 -21.14 5.51 31.12
C GLN D 476 -20.07 5.89 32.17
N VAL D 477 -19.58 7.14 32.18
CA VAL D 477 -18.61 7.58 33.18
C VAL D 477 -19.13 8.83 33.89
N HIS D 478 -20.44 8.91 34.10
CA HIS D 478 -21.07 10.02 34.81
C HIS D 478 -21.80 9.49 36.04
N ASP D 479 -21.99 10.32 37.06
CA ASP D 479 -22.67 9.88 38.29
C ASP D 479 -24.01 9.28 37.92
N ILE D 480 -24.70 9.95 36.99
CA ILE D 480 -25.93 9.44 36.39
C ILE D 480 -25.81 9.75 34.89
N GLY D 481 -25.89 8.72 34.07
CA GLY D 481 -25.80 8.87 32.64
C GLY D 481 -27.07 8.41 31.95
N ILE D 482 -27.57 9.19 31.00
CA ILE D 482 -28.76 8.82 30.25
C ILE D 482 -28.39 8.72 28.79
N ALA D 483 -28.86 7.69 28.11
CA ALA D 483 -28.58 7.48 26.69
C ALA D 483 -29.83 7.02 25.98
N GLY D 484 -30.15 7.66 24.87
CA GLY D 484 -31.28 7.26 24.05
C GLY D 484 -30.97 5.94 23.36
N VAL D 485 -31.92 5.01 23.37
CA VAL D 485 -31.73 3.70 22.71
C VAL D 485 -32.99 3.30 21.95
N LYS D 486 -32.80 2.58 20.84
CA LYS D 486 -33.89 2.07 20.01
C LYS D 486 -33.44 0.71 19.48
N TYR D 487 -33.95 -0.37 20.09
CA TYR D 487 -33.57 -1.73 19.71
C TYR D 487 -34.46 -2.27 18.58
N PRO D 488 -33.91 -3.03 17.62
CA PRO D 488 -34.72 -3.48 16.49
C PRO D 488 -35.26 -4.90 16.62
N LYS D 489 -36.29 -5.19 15.80
CA LYS D 489 -36.83 -6.54 15.63
C LYS D 489 -37.13 -6.66 14.14
N VAL D 490 -36.89 -7.84 13.56
CA VAL D 490 -37.07 -8.03 12.12
C VAL D 490 -38.44 -8.59 11.78
N ASN D 491 -39.08 -7.98 10.77
CA ASN D 491 -40.36 -8.44 10.23
C ASN D 491 -40.00 -9.32 9.03
N GLU D 492 -40.10 -10.65 9.18
CA GLU D 492 -39.71 -11.60 8.13
C GLU D 492 -40.52 -11.46 6.84
N GLU D 493 -41.77 -10.96 6.94
CA GLU D 493 -42.61 -10.79 5.74
C GLU D 493 -42.07 -9.68 4.84
N LYS D 494 -41.41 -8.68 5.43
CA LYS D 494 -40.88 -7.54 4.69
C LYS D 494 -39.39 -7.66 4.38
N CYS D 495 -38.62 -8.36 5.24
CA CYS D 495 -37.17 -8.50 5.01
C CYS D 495 -36.91 -9.42 3.82
N ASN D 496 -36.00 -9.00 2.93
CA ASN D 496 -35.65 -9.78 1.74
C ASN D 496 -34.16 -10.08 1.65
N GLY D 497 -33.42 -9.79 2.72
CA GLY D 497 -31.99 -10.03 2.76
C GLY D 497 -31.17 -9.14 1.84
N CYS D 498 -31.64 -7.90 1.62
CA CYS D 498 -30.94 -6.95 0.75
C CYS D 498 -29.53 -6.63 1.29
N GLY D 499 -29.36 -6.71 2.60
CA GLY D 499 -28.06 -6.54 3.25
C GLY D 499 -27.68 -5.12 3.63
N ARG D 500 -28.58 -4.15 3.45
CA ARG D 500 -28.28 -2.76 3.72
C ARG D 500 -28.07 -2.46 5.22
N CYS D 501 -28.85 -3.10 6.10
CA CYS D 501 -28.79 -2.84 7.56
C CYS D 501 -27.40 -3.17 8.15
N ALA D 502 -26.77 -4.22 7.67
CA ALA D 502 -25.47 -4.64 8.21
C ALA D 502 -24.39 -3.58 7.93
N GLU D 503 -24.57 -2.79 6.88
CA GLU D 503 -23.62 -1.75 6.51
C GLU D 503 -23.69 -0.51 7.41
N VAL D 504 -24.88 -0.20 7.94
CA VAL D 504 -25.05 0.97 8.81
C VAL D 504 -24.76 0.65 10.29
N CYS D 505 -24.49 -0.63 10.61
CA CYS D 505 -24.21 -1.05 11.98
C CYS D 505 -22.71 -0.97 12.28
N LYS D 506 -22.32 -0.02 13.14
CA LYS D 506 -20.90 0.16 13.49
C LYS D 506 -20.37 -0.98 14.35
N VAL D 507 -21.21 -1.56 15.21
CA VAL D 507 -20.82 -2.66 16.10
C VAL D 507 -20.87 -4.02 15.39
N GLU D 508 -21.39 -4.06 14.16
CA GLU D 508 -21.50 -5.29 13.37
C GLU D 508 -22.28 -6.36 14.12
N ALA D 509 -23.49 -6.00 14.58
CA ALA D 509 -24.38 -6.88 15.33
C ALA D 509 -25.33 -7.66 14.41
N ILE D 510 -25.40 -7.28 13.13
CA ILE D 510 -26.35 -7.87 12.18
C ILE D 510 -25.73 -8.98 11.33
N ASP D 511 -26.54 -9.99 11.03
CA ASP D 511 -26.18 -11.10 10.16
C ASP D 511 -27.19 -11.17 9.03
N ILE D 512 -26.71 -11.15 7.78
CA ILE D 512 -27.58 -11.25 6.60
C ILE D 512 -27.50 -12.69 6.13
N ARG D 513 -28.64 -13.40 6.13
CA ARG D 513 -28.66 -14.80 5.73
C ARG D 513 -29.80 -15.05 4.75
N GLY D 514 -29.47 -15.41 3.52
CA GLY D 514 -30.45 -15.69 2.48
C GLY D 514 -31.43 -14.56 2.27
N GLU D 515 -32.72 -14.80 2.51
CA GLU D 515 -33.76 -13.79 2.31
C GLU D 515 -34.20 -13.12 3.62
N THR D 516 -33.36 -13.18 4.67
CA THR D 516 -33.69 -12.55 5.95
C THR D 516 -32.46 -11.97 6.62
N SER D 517 -32.65 -11.36 7.80
CA SER D 517 -31.56 -10.78 8.57
C SER D 517 -31.79 -11.06 10.06
N TYR D 518 -30.73 -11.03 10.85
CA TYR D 518 -30.81 -11.27 12.29
C TYR D 518 -30.01 -10.22 13.04
N THR D 519 -30.22 -10.15 14.36
CA THR D 519 -29.50 -9.21 15.22
C THR D 519 -28.92 -9.96 16.40
N ASN D 520 -27.64 -9.71 16.73
CA ASN D 520 -27.01 -10.28 17.90
C ASN D 520 -27.25 -9.27 19.03
N TYR D 521 -28.19 -9.57 19.94
CA TYR D 521 -28.53 -8.64 21.01
C TYR D 521 -27.46 -8.51 22.10
N ASN D 522 -26.40 -9.32 22.05
CA ASN D 522 -25.29 -9.18 22.99
C ASN D 522 -24.32 -8.12 22.46
N VAL D 523 -24.44 -7.76 21.17
CA VAL D 523 -23.60 -6.76 20.53
C VAL D 523 -24.39 -5.47 20.26
N CYS D 524 -25.67 -5.60 19.86
CA CYS D 524 -26.52 -4.45 19.53
C CYS D 524 -26.54 -3.41 20.68
N VAL D 525 -26.28 -2.14 20.34
CA VAL D 525 -26.26 -1.05 21.31
C VAL D 525 -27.54 -0.19 21.23
N GLY D 526 -28.46 -0.56 20.34
CA GLY D 526 -29.71 0.16 20.17
C GLY D 526 -29.58 1.53 19.54
N CYS D 527 -28.79 1.64 18.48
CA CYS D 527 -28.62 2.93 17.79
C CYS D 527 -29.79 3.21 16.85
N GLY D 528 -30.54 2.16 16.49
CA GLY D 528 -31.71 2.27 15.63
C GLY D 528 -31.42 2.63 14.18
N LYS D 529 -30.14 2.60 13.77
CA LYS D 529 -29.78 2.96 12.39
C LYS D 529 -30.32 1.96 11.40
N CYS D 530 -30.39 0.69 11.82
CA CYS D 530 -30.89 -0.37 10.96
C CYS D 530 -32.41 -0.22 10.69
N ILE D 531 -33.17 0.37 11.65
CA ILE D 531 -34.61 0.60 11.50
C ILE D 531 -34.81 1.78 10.54
N LYS D 532 -34.08 2.87 10.79
CA LYS D 532 -34.15 4.09 10.00
C LYS D 532 -33.71 3.89 8.55
N ASN D 533 -32.62 3.14 8.32
CA ASN D 533 -32.05 2.98 6.99
C ASN D 533 -32.51 1.73 6.22
N CYS D 534 -33.47 0.95 6.76
CA CYS D 534 -33.96 -0.21 6.00
C CYS D 534 -34.84 0.32 4.86
N PRO D 535 -34.51 0.05 3.59
CA PRO D 535 -35.34 0.57 2.50
C PRO D 535 -36.70 -0.12 2.36
N ASN D 536 -36.86 -1.30 2.98
CA ASN D 536 -38.09 -2.07 2.89
C ASN D 536 -38.92 -2.03 4.17
N GLU D 537 -38.54 -1.17 5.14
CA GLU D 537 -39.26 -1.02 6.40
C GLU D 537 -39.48 -2.37 7.09
N ALA D 538 -38.50 -3.29 6.96
CA ALA D 538 -38.58 -4.62 7.55
C ALA D 538 -38.14 -4.64 9.01
N ARG D 539 -37.45 -3.59 9.48
CA ARG D 539 -37.01 -3.53 10.86
C ARG D 539 -37.93 -2.62 11.65
N GLU D 540 -38.41 -3.10 12.80
CA GLU D 540 -39.35 -2.35 13.63
C GLU D 540 -38.73 -2.11 15.00
N VAL D 541 -39.38 -1.26 15.80
CA VAL D 541 -38.88 -0.95 17.14
C VAL D 541 -39.30 -2.07 18.10
N LYS D 542 -38.30 -2.75 18.68
CA LYS D 542 -38.52 -3.81 19.65
C LYS D 542 -38.72 -3.15 21.01
N GLU D 543 -37.76 -2.30 21.39
CA GLU D 543 -37.81 -1.56 22.65
C GLU D 543 -37.20 -0.17 22.41
N GLU D 544 -37.68 0.84 23.13
CA GLU D 544 -37.28 2.23 22.92
C GLU D 544 -37.32 3.03 24.21
N GLY D 545 -36.48 4.05 24.32
CA GLY D 545 -36.49 4.93 25.47
C GLY D 545 -35.13 5.42 25.94
N TYR D 546 -35.09 5.86 27.21
CA TYR D 546 -33.89 6.38 27.85
C TYR D 546 -33.23 5.29 28.70
N LEU D 547 -32.02 4.84 28.31
CA LEU D 547 -31.27 3.87 29.08
C LEU D 547 -30.49 4.63 30.15
N VAL D 548 -30.53 4.16 31.40
CA VAL D 548 -29.88 4.87 32.50
C VAL D 548 -28.68 4.10 33.09
N TYR D 549 -27.63 4.86 33.47
CA TYR D 549 -26.39 4.35 34.08
C TYR D 549 -26.20 5.06 35.40
N VAL D 550 -25.57 4.42 36.38
CA VAL D 550 -25.34 5.05 37.69
C VAL D 550 -23.98 4.65 38.25
N GLY D 551 -23.35 5.57 38.99
CA GLY D 551 -22.07 5.33 39.63
C GLY D 551 -20.86 5.43 38.73
N GLY D 552 -20.97 6.20 37.67
CA GLY D 552 -19.85 6.43 36.75
C GLY D 552 -19.01 7.58 37.24
N LYS D 553 -17.72 7.58 36.89
CA LYS D 553 -16.88 8.72 37.30
C LYS D 553 -15.60 8.79 36.47
N THR D 554 -15.06 10.01 36.35
CA THR D 554 -13.76 10.24 35.73
C THR D 554 -12.99 11.14 36.69
N GLY D 555 -11.83 11.62 36.27
CA GLY D 555 -11.00 12.49 37.10
C GLY D 555 -9.71 11.81 37.48
N ARG D 556 -9.42 11.67 38.78
CA ARG D 556 -8.20 10.99 39.23
C ARG D 556 -8.21 9.52 38.80
N GLU D 557 -9.37 8.86 38.84
CA GLU D 557 -9.51 7.47 38.39
C GLU D 557 -10.83 7.28 37.64
N VAL D 558 -10.85 6.33 36.70
CA VAL D 558 -12.01 6.06 35.87
C VAL D 558 -12.85 4.95 36.51
N VAL D 559 -14.17 5.19 36.63
CA VAL D 559 -15.11 4.19 37.13
C VAL D 559 -16.27 4.14 36.15
N GLU D 560 -16.55 2.96 35.59
CA GLU D 560 -17.64 2.81 34.65
C GLU D 560 -18.94 2.67 35.42
N GLY D 561 -19.97 3.39 35.00
CA GLY D 561 -21.28 3.33 35.62
C GLY D 561 -21.97 2.02 35.32
N VAL D 562 -22.91 1.62 36.16
CA VAL D 562 -23.63 0.37 35.97
C VAL D 562 -24.91 0.62 35.17
N LYS D 563 -25.13 -0.20 34.13
CA LYS D 563 -26.32 -0.11 33.28
C LYS D 563 -27.55 -0.53 34.09
N MET D 564 -28.51 0.37 34.28
CA MET D 564 -29.69 0.08 35.08
C MET D 564 -30.81 -0.50 34.23
N LYS D 565 -31.58 0.35 33.56
CA LYS D 565 -32.69 -0.09 32.73
C LYS D 565 -33.26 1.12 31.98
N LEU D 566 -34.29 0.92 31.16
CA LEU D 566 -34.95 2.04 30.49
C LEU D 566 -35.81 2.71 31.54
N MET D 567 -35.89 4.05 31.50
CA MET D 567 -36.69 4.78 32.48
C MET D 567 -37.48 5.89 31.80
N SER D 568 -38.66 6.19 32.32
CA SER D 568 -39.47 7.30 31.82
C SER D 568 -38.90 8.59 32.42
N VAL D 569 -39.26 9.75 31.87
CA VAL D 569 -38.75 11.02 32.39
C VAL D 569 -39.08 11.17 33.89
N ASP D 570 -40.30 10.85 34.30
CA ASP D 570 -40.69 10.94 35.71
C ASP D 570 -39.84 9.99 36.57
N GLU D 571 -39.55 8.80 36.04
CA GLU D 571 -38.74 7.80 36.71
C GLU D 571 -37.31 8.31 36.86
N ILE D 572 -36.78 8.96 35.80
CA ILE D 572 -35.42 9.51 35.81
C ILE D 572 -35.28 10.57 36.90
N ILE D 573 -36.27 11.49 36.99
CA ILE D 573 -36.24 12.55 38.00
C ILE D 573 -36.31 11.93 39.39
N ASN D 574 -37.18 10.93 39.58
CA ASN D 574 -37.31 10.25 40.86
C ASN D 574 -36.00 9.52 41.20
N PHE D 575 -35.41 8.83 40.22
CA PHE D 575 -34.15 8.11 40.39
C PHE D 575 -32.99 9.04 40.77
N ILE D 576 -32.83 10.17 40.06
CA ILE D 576 -31.75 11.13 40.35
C ILE D 576 -31.89 11.63 41.80
N ASP D 577 -33.12 11.97 42.21
CA ASP D 577 -33.37 12.47 43.56
C ASP D 577 -33.02 11.43 44.63
N LYS D 578 -33.45 10.18 44.45
CA LYS D 578 -33.20 9.12 45.43
C LYS D 578 -31.74 8.69 45.48
N VAL D 579 -31.04 8.74 44.33
CA VAL D 579 -29.61 8.41 44.33
C VAL D 579 -28.87 9.47 45.16
N LEU D 580 -29.29 10.74 45.06
CA LEU D 580 -28.69 11.83 45.83
C LEU D 580 -28.99 11.69 47.32
N VAL D 581 -30.21 11.23 47.67
CA VAL D 581 -30.59 11.06 49.07
C VAL D 581 -29.76 9.94 49.71
N VAL D 582 -29.65 8.78 49.05
CA VAL D 582 -28.88 7.65 49.58
C VAL D 582 -27.37 7.97 49.57
N TYR D 583 -26.92 8.76 48.60
CA TYR D 583 -25.52 9.19 48.51
C TYR D 583 -25.19 10.08 49.72
N GLY D 584 -26.07 11.03 50.01
CA GLY D 584 -25.90 11.92 51.15
C GLY D 584 -25.99 11.20 52.49
N LYS D 585 -26.86 10.20 52.58
CA LYS D 585 -27.05 9.43 53.81
C LYS D 585 -25.81 8.60 54.15
N TYR D 586 -25.15 8.01 53.14
CA TYR D 586 -24.00 7.14 53.37
C TYR D 586 -22.63 7.78 53.21
N ALA D 587 -22.54 8.96 52.60
CA ALA D 587 -21.23 9.60 52.43
C ALA D 587 -20.62 9.94 53.81
N GLU D 588 -19.34 9.62 54.00
CA GLU D 588 -18.63 9.87 55.25
C GLU D 588 -17.59 10.98 55.11
N LYS D 589 -17.05 11.17 53.89
CA LYS D 589 -16.00 12.16 53.64
C LYS D 589 -16.38 13.13 52.53
N PRO D 590 -17.08 14.24 52.86
CA PRO D 590 -17.41 15.21 51.82
C PRO D 590 -16.15 15.77 51.15
N GLN D 591 -16.24 16.05 49.83
CA GLN D 591 -15.17 16.59 49.01
C GLN D 591 -14.06 15.57 48.72
N ARG D 592 -14.28 14.30 49.04
CA ARG D 592 -13.31 13.23 48.76
C ARG D 592 -14.04 12.03 48.15
N GLU D 593 -15.19 11.64 48.71
CA GLU D 593 -15.97 10.50 48.23
C GLU D 593 -16.96 10.88 47.13
N ARG D 594 -16.79 10.33 45.92
CA ARG D 594 -17.76 10.53 44.84
C ARG D 594 -18.84 9.47 45.01
N LEU D 595 -19.96 9.58 44.28
CA LEU D 595 -21.04 8.59 44.37
C LEU D 595 -20.49 7.17 44.23
N ALA D 596 -19.64 6.93 43.22
CA ALA D 596 -19.04 5.62 42.96
C ALA D 596 -18.34 5.04 44.19
N ALA D 597 -17.63 5.89 44.95
CA ALA D 597 -16.91 5.44 46.14
C ALA D 597 -17.89 5.05 47.26
N VAL D 598 -18.98 5.81 47.42
CA VAL D 598 -19.98 5.50 48.44
C VAL D 598 -20.74 4.23 48.06
N MET D 599 -21.08 4.08 46.77
CA MET D 599 -21.78 2.91 46.28
C MET D 599 -20.92 1.66 46.49
N LYS D 600 -19.62 1.75 46.19
CA LYS D 600 -18.69 0.64 46.36
C LYS D 600 -18.55 0.24 47.84
N ARG D 601 -18.46 1.22 48.73
CA ARG D 601 -18.27 0.95 50.16
C ARG D 601 -19.48 0.29 50.82
N VAL D 602 -20.69 0.75 50.52
CA VAL D 602 -21.88 0.17 51.14
C VAL D 602 -22.39 -1.03 50.35
N GLY D 603 -21.95 -1.16 49.10
CA GLY D 603 -22.37 -2.23 48.21
C GLY D 603 -23.39 -1.70 47.21
N TYR D 604 -23.27 -2.10 45.94
CA TYR D 604 -24.18 -1.62 44.89
C TYR D 604 -25.60 -2.13 45.12
N GLY D 605 -25.71 -3.38 45.55
CA GLY D 605 -26.99 -4.01 45.83
C GLY D 605 -27.72 -3.32 46.96
N LYS D 606 -27.04 -3.14 48.10
CA LYS D 606 -27.61 -2.46 49.26
C LYS D 606 -27.98 -1.01 48.91
N PHE D 607 -27.07 -0.29 48.23
CA PHE D 607 -27.30 1.10 47.84
C PHE D 607 -28.50 1.21 46.90
N LEU D 608 -28.52 0.43 45.83
CA LEU D 608 -29.60 0.50 44.84
C LEU D 608 -30.93 -0.02 45.37
N GLU D 609 -30.90 -0.97 46.31
CA GLU D 609 -32.11 -1.50 46.93
C GLU D 609 -32.82 -0.37 47.69
N GLU D 610 -32.05 0.48 48.38
CA GLU D 610 -32.59 1.60 49.14
C GLU D 610 -33.12 2.67 48.21
N VAL D 611 -32.42 2.92 47.09
CA VAL D 611 -32.85 3.91 46.10
C VAL D 611 -34.24 3.49 45.59
N LYS D 612 -34.43 2.21 45.29
CA LYS D 612 -35.70 1.64 44.83
C LYS D 612 -36.80 1.79 45.89
N GLU D 613 -36.50 1.51 47.17
CA GLU D 613 -37.47 1.64 48.26
C GLU D 613 -37.95 3.08 48.38
N LEU D 614 -37.03 4.05 48.30
CA LEU D 614 -37.39 5.47 48.37
C LEU D 614 -38.17 5.90 47.13
N MET D 615 -37.86 5.31 45.95
CA MET D 615 -38.57 5.64 44.72
C MET D 615 -40.03 5.18 44.80
N LYS D 616 -40.26 4.01 45.39
CA LYS D 616 -41.61 3.48 45.56
C LYS D 616 -42.42 4.36 46.51
N LYS D 617 -41.78 4.86 47.57
CA LYS D 617 -42.40 5.73 48.56
C LYS D 617 -42.92 7.04 47.93
N GLU D 618 -42.17 7.56 46.95
CA GLU D 618 -42.55 8.81 46.25
C GLU D 618 -43.80 8.52 45.42
N ILE D 619 -43.82 7.35 44.78
CA ILE D 619 -44.98 6.90 43.97
C ILE D 619 -46.18 6.70 44.89
N CYS D 620 -45.92 6.40 46.16
CA CYS D 620 -46.99 6.07 47.15
C CYS D 620 -47.49 7.37 47.80
#